data_6EWR
#
_entry.id   6EWR
#
_cell.length_a   78.899
_cell.length_b   99.562
_cell.length_c   108.095
_cell.angle_alpha   90.00
_cell.angle_beta   97.53
_cell.angle_gamma   90.00
#
_symmetry.space_group_name_H-M   'P 1 21 1'
#
loop_
_entity.id
_entity.type
_entity.pdbx_description
1 polymer 'Putative capsular polysaccharide biosynthesis protein'
2 non-polymer "4'-DEOXY-4'-AMINOPYRIDOXAL-5'-PHOSPHATE"
3 water water
#
_entity_poly.entity_id   1
_entity_poly.type   'polypeptide(L)'
_entity_poly.pdbx_seq_one_letter_code
;MASMTGMPNYNIPFSPPDITEAEITEVVDTLRSGWITTGPKTKELERRLSLYTQTPKTVCLNSATAALELILRVLEVGPG
DEVIVPAMTYTASCSVITHVGATPVMVDIQADTFEMDYDLLEQAITEKTKVIIPVELAGIVCDYDRLFQVVEKKRDFFTA
SSKWQKAFNRIVIVSDSAHALGSTYKGQPSGSIADFTSFSFHAVKNFTTAEGGSATWKANPVIDDEEMYKEFQILSLHGQ
TKDALAKMQLGSWEYDIVTPAYKCNMTDIMASLGLVQLDRYPSLLQRRKDIVDRYDSGFAGSRIHPLAHKTETVESSRHL
YITRVEGASLEERNLIIQELAKAGIASNVHYKPLPLLTAYKNLGFDMTNYPKAYAFFENEITLPLHTKLSDEEVDYIIET
FKTVSEKVLTLSKKKLAAALEHHHHHH
;
_entity_poly.pdbx_strand_id   A,B,C,D
#
loop_
_chem_comp.id
_chem_comp.type
_chem_comp.name
_chem_comp.formula
PMP non-polymer 4'-DEOXY-4'-AMINOPYRIDOXAL-5'-PHOSPHATE 'C8 H13 N2 O5 P'
#
# COMPACT_ATOMS: atom_id res chain seq x y z
N ASN A 11 -2.39 31.16 10.22
CA ASN A 11 -3.82 30.83 9.99
C ASN A 11 -4.20 29.52 10.73
N ILE A 12 -4.72 29.67 11.93
CA ILE A 12 -4.84 28.57 12.86
C ILE A 12 -6.22 27.94 12.72
N PRO A 13 -6.26 26.65 12.38
CA PRO A 13 -7.55 26.01 12.24
C PRO A 13 -8.08 25.57 13.60
N PHE A 14 -9.40 25.38 13.68
CA PHE A 14 -10.08 25.01 14.92
C PHE A 14 -9.90 23.58 15.38
N SER A 15 -9.94 22.61 14.44
CA SER A 15 -9.87 21.19 14.82
C SER A 15 -9.39 20.25 13.68
N PRO A 16 -8.13 20.39 13.24
CA PRO A 16 -7.60 19.45 12.25
C PRO A 16 -7.31 18.09 12.91
N PRO A 17 -7.42 17.01 12.13
CA PRO A 17 -7.14 15.69 12.66
C PRO A 17 -5.65 15.46 12.88
N ASP A 18 -5.30 14.81 13.99
CA ASP A 18 -3.94 14.38 14.27
C ASP A 18 -3.77 12.92 13.87
N ILE A 19 -3.25 12.69 12.66
CA ILE A 19 -3.10 11.32 12.16
C ILE A 19 -1.66 11.07 11.74
N THR A 20 -1.08 9.97 12.22
CA THR A 20 0.30 9.61 11.88
C THR A 20 0.35 8.38 10.99
N GLU A 21 1.56 7.99 10.62
CA GLU A 21 1.81 6.76 9.84
C GLU A 21 1.38 5.48 10.51
N ALA A 22 1.40 5.43 11.83
CA ALA A 22 0.95 4.23 12.54
C ALA A 22 -0.51 3.90 12.19
N GLU A 23 -1.37 4.93 12.22
CA GLU A 23 -2.80 4.77 11.87
C GLU A 23 -2.99 4.28 10.45
N ILE A 24 -2.19 4.83 9.54
CA ILE A 24 -2.25 4.48 8.13
C ILE A 24 -1.81 3.04 7.93
N THR A 25 -0.74 2.63 8.61
CA THR A 25 -0.26 1.24 8.53
C THR A 25 -1.31 0.25 9.03
N GLU A 26 -1.99 0.60 10.13
CA GLU A 26 -3.04 -0.28 10.67
C GLU A 26 -4.26 -0.40 9.70
N VAL A 27 -4.64 0.70 9.05
CA VAL A 27 -5.76 0.67 8.12
C VAL A 27 -5.38 -0.14 6.91
N VAL A 28 -4.19 0.11 6.38
CA VAL A 28 -3.65 -0.70 5.29
C VAL A 28 -3.68 -2.19 5.59
N ASP A 29 -3.29 -2.59 6.80
CA ASP A 29 -3.34 -4.00 7.21
C ASP A 29 -4.76 -4.56 7.15
N THR A 30 -5.75 -3.77 7.58
CA THR A 30 -7.16 -4.16 7.45
C THR A 30 -7.55 -4.31 5.97
N LEU A 31 -7.07 -3.38 5.14
CA LEU A 31 -7.37 -3.41 3.71
C LEU A 31 -6.70 -4.54 2.91
N ARG A 32 -5.72 -5.23 3.50
CA ARG A 32 -5.12 -6.45 2.93
C ARG A 32 -5.72 -7.72 3.52
N SER A 33 -6.52 -7.60 4.57
CA SER A 33 -7.19 -8.74 5.16
C SER A 33 -8.49 -9.05 4.42
N GLY A 34 -9.15 -10.12 4.84
CA GLY A 34 -10.50 -10.43 4.37
C GLY A 34 -11.61 -9.68 5.08
N TRP A 35 -11.27 -8.91 6.11
CA TRP A 35 -12.27 -8.23 6.94
C TRP A 35 -12.13 -6.71 6.82
N ILE A 36 -12.84 -6.14 5.86
CA ILE A 36 -12.86 -4.68 5.69
C ILE A 36 -14.04 -3.98 6.42
N THR A 37 -15.13 -4.69 6.71
CA THR A 37 -16.21 -4.18 7.60
C THR A 37 -16.03 -4.80 8.97
N THR A 38 -17.07 -4.85 9.80
CA THR A 38 -16.98 -5.36 11.17
C THR A 38 -16.27 -6.73 11.21
N GLY A 39 -15.17 -6.79 11.98
CA GLY A 39 -14.30 -7.98 12.03
C GLY A 39 -13.50 -8.05 13.33
N PRO A 40 -12.36 -8.76 13.34
CA PRO A 40 -11.60 -8.93 14.59
C PRO A 40 -11.07 -7.66 15.27
N LYS A 41 -10.80 -6.59 14.50
CA LYS A 41 -10.26 -5.35 15.06
C LYS A 41 -11.31 -4.49 15.78
N THR A 42 -12.54 -4.48 15.29
CA THR A 42 -13.64 -3.87 16.02
C THR A 42 -13.81 -4.57 17.36
N LYS A 43 -13.87 -5.90 17.33
CA LYS A 43 -13.94 -6.73 18.57
C LYS A 43 -12.80 -6.41 19.57
N GLU A 44 -11.58 -6.30 19.04
CA GLU A 44 -10.40 -5.97 19.84
C GLU A 44 -10.51 -4.52 20.38
N LEU A 45 -10.98 -3.59 19.56
CA LEU A 45 -11.20 -2.22 20.01
C LEU A 45 -12.22 -2.13 21.14
N GLU A 46 -13.30 -2.90 21.02
CA GLU A 46 -14.32 -2.97 22.08
C GLU A 46 -13.71 -3.42 23.40
N ARG A 47 -12.94 -4.50 23.32
CA ARG A 47 -12.22 -5.07 24.47
C ARG A 47 -11.36 -4.00 25.15
N ARG A 48 -10.45 -3.40 24.38
CA ARG A 48 -9.49 -2.41 24.87
C ARG A 48 -10.14 -1.13 25.38
N LEU A 49 -11.23 -0.70 24.75
CA LEU A 49 -11.99 0.47 25.22
C LEU A 49 -12.66 0.20 26.55
N SER A 50 -13.19 -1.02 26.70
CA SER A 50 -13.79 -1.47 27.99
C SER A 50 -12.76 -1.42 29.12
N LEU A 51 -11.55 -1.88 28.85
CA LEU A 51 -10.46 -1.76 29.84
C LEU A 51 -10.18 -0.28 30.18
N TYR A 52 -10.17 0.57 29.17
CA TYR A 52 -9.86 1.98 29.35
C TYR A 52 -10.96 2.76 30.10
N THR A 53 -12.21 2.45 29.81
CA THR A 53 -13.37 3.08 30.46
C THR A 53 -13.78 2.36 31.74
N GLN A 54 -13.11 1.27 32.10
CA GLN A 54 -13.46 0.47 33.26
C GLN A 54 -14.95 0.05 33.26
N THR A 55 -15.38 -0.50 32.11
CA THR A 55 -16.69 -1.07 31.94
C THR A 55 -16.50 -2.48 31.38
N PRO A 56 -17.48 -3.38 31.57
CA PRO A 56 -17.32 -4.78 31.12
C PRO A 56 -17.35 -5.01 29.62
N LYS A 57 -18.19 -4.28 28.92
CA LYS A 57 -18.38 -4.46 27.48
C LYS A 57 -18.62 -3.12 26.81
N THR A 58 -18.20 -3.06 25.56
CA THR A 58 -18.34 -1.86 24.74
C THR A 58 -18.84 -2.28 23.37
N VAL A 59 -19.74 -1.48 22.81
CA VAL A 59 -20.29 -1.69 21.46
C VAL A 59 -19.81 -0.55 20.52
N CYS A 60 -18.94 -0.89 19.59
CA CYS A 60 -18.44 0.11 18.65
C CYS A 60 -19.44 0.23 17.49
N LEU A 61 -19.78 1.47 17.14
CA LEU A 61 -20.78 1.80 16.15
C LEU A 61 -20.23 2.92 15.24
N ASN A 62 -21.07 3.38 14.27
CA ASN A 62 -20.68 4.40 13.29
C ASN A 62 -20.87 5.86 13.72
N SER A 63 -21.53 6.09 14.85
CA SER A 63 -21.59 7.44 15.46
C SER A 63 -21.99 7.36 16.94
N ALA A 64 -21.77 8.46 17.67
CA ALA A 64 -22.33 8.59 19.04
C ALA A 64 -23.84 8.73 18.99
N THR A 65 -24.33 9.37 17.92
CA THR A 65 -25.76 9.52 17.68
C THR A 65 -26.41 8.15 17.52
N ALA A 66 -25.76 7.24 16.78
CA ALA A 66 -26.20 5.85 16.72
C ALA A 66 -26.19 5.16 18.12
N ALA A 67 -25.09 5.33 18.85
CA ALA A 67 -24.94 4.77 20.19
C ALA A 67 -25.98 5.27 21.17
N LEU A 68 -26.23 6.58 21.15
CA LEU A 68 -27.16 7.22 22.06
C LEU A 68 -28.58 6.74 21.74
N GLU A 69 -28.94 6.75 20.46
CA GLU A 69 -30.24 6.28 20.02
C GLU A 69 -30.53 4.82 20.31
N LEU A 70 -29.52 3.95 20.19
CA LEU A 70 -29.73 2.53 20.46
C LEU A 70 -29.85 2.25 21.95
N ILE A 71 -29.17 3.04 22.77
CA ILE A 71 -29.37 2.96 24.21
C ILE A 71 -30.86 3.16 24.52
N LEU A 72 -31.42 4.22 23.97
CA LEU A 72 -32.82 4.51 24.17
C LEU A 72 -33.69 3.37 23.63
N ARG A 73 -33.36 2.85 22.45
CA ARG A 73 -34.16 1.74 21.88
C ARG A 73 -34.03 0.45 22.65
N VAL A 74 -32.87 0.21 23.28
CA VAL A 74 -32.68 -0.98 24.13
C VAL A 74 -33.58 -0.84 25.36
N LEU A 75 -33.53 0.34 26.00
CA LEU A 75 -34.42 0.65 27.12
C LEU A 75 -35.92 0.75 26.73
N GLU A 76 -36.20 0.70 25.41
CA GLU A 76 -37.55 0.75 24.84
C GLU A 76 -38.29 2.03 25.22
N VAL A 77 -37.53 3.11 25.33
CA VAL A 77 -38.05 4.47 25.52
C VAL A 77 -38.80 4.80 24.22
N GLY A 78 -40.03 5.29 24.34
CA GLY A 78 -40.88 5.51 23.18
C GLY A 78 -41.98 6.54 23.40
N PRO A 79 -43.02 6.50 22.54
CA PRO A 79 -44.10 7.48 22.67
C PRO A 79 -44.73 7.43 24.09
N GLY A 80 -45.09 8.60 24.63
CA GLY A 80 -45.59 8.70 25.98
C GLY A 80 -44.52 8.95 27.03
N ASP A 81 -43.31 8.43 26.81
CA ASP A 81 -42.21 8.57 27.78
C ASP A 81 -41.56 9.96 27.64
N GLU A 82 -40.89 10.41 28.70
CA GLU A 82 -40.17 11.69 28.71
C GLU A 82 -38.68 11.48 28.94
N VAL A 83 -37.86 12.28 28.27
CA VAL A 83 -36.41 12.23 28.45
C VAL A 83 -35.87 13.64 28.70
N ILE A 84 -35.31 13.85 29.90
CA ILE A 84 -34.73 15.12 30.28
C ILE A 84 -33.35 15.31 29.64
N VAL A 85 -33.15 16.48 29.05
CA VAL A 85 -31.90 16.88 28.42
C VAL A 85 -31.64 18.32 28.79
N PRO A 86 -30.35 18.75 28.87
CA PRO A 86 -30.07 20.16 29.08
C PRO A 86 -30.46 21.00 27.90
N ALA A 87 -30.87 22.24 28.19
CA ALA A 87 -31.12 23.23 27.14
C ALA A 87 -29.83 23.66 26.43
N MET A 88 -28.68 23.50 27.12
CA MET A 88 -27.36 23.84 26.58
C MET A 88 -26.64 22.57 26.13
N THR A 89 -26.73 22.27 24.84
CA THR A 89 -26.02 21.14 24.30
C THR A 89 -26.15 21.14 22.80
N TYR A 90 -25.42 20.22 22.17
CA TYR A 90 -25.54 19.96 20.75
C TYR A 90 -26.85 19.21 20.45
N THR A 91 -27.41 19.49 19.28
CA THR A 91 -28.68 18.90 18.84
C THR A 91 -28.74 17.35 18.90
N ALA A 92 -27.62 16.68 18.60
CA ALA A 92 -27.55 15.22 18.66
C ALA A 92 -27.95 14.62 20.02
N SER A 93 -27.72 15.34 21.11
CA SER A 93 -28.16 14.90 22.44
C SER A 93 -29.67 14.75 22.50
N CYS A 94 -30.39 15.64 21.82
CA CYS A 94 -31.84 15.72 21.85
C CYS A 94 -32.53 15.04 20.68
N SER A 95 -31.94 15.09 19.49
CA SER A 95 -32.56 14.48 18.28
C SER A 95 -32.97 13.03 18.45
N VAL A 96 -32.07 12.22 19.03
CA VAL A 96 -32.37 10.82 19.32
C VAL A 96 -33.66 10.57 20.15
N ILE A 97 -34.05 11.54 20.98
CA ILE A 97 -35.27 11.44 21.76
C ILE A 97 -36.48 11.51 20.86
N THR A 98 -36.45 12.44 19.91
CA THR A 98 -37.55 12.56 18.93
C THR A 98 -37.60 11.35 17.97
N HIS A 99 -36.43 10.74 17.68
CA HIS A 99 -36.34 9.57 16.78
C HIS A 99 -37.05 8.34 17.28
N VAL A 100 -36.96 8.10 18.57
CA VAL A 100 -37.67 6.96 19.18
C VAL A 100 -39.12 7.27 19.50
N GLY A 101 -39.56 8.50 19.28
CA GLY A 101 -40.96 8.92 19.52
C GLY A 101 -41.20 9.48 20.91
N ALA A 102 -40.20 9.45 21.80
CA ALA A 102 -40.32 10.05 23.13
C ALA A 102 -40.40 11.58 23.09
N THR A 103 -40.76 12.18 24.23
CA THR A 103 -40.95 13.63 24.35
C THR A 103 -39.74 14.24 25.08
N PRO A 104 -39.02 15.17 24.43
CA PRO A 104 -37.89 15.75 25.13
C PRO A 104 -38.37 16.75 26.17
N VAL A 105 -37.72 16.79 27.31
CA VAL A 105 -37.98 17.76 28.36
C VAL A 105 -36.64 18.46 28.61
N MET A 106 -36.61 19.74 28.26
CA MET A 106 -35.42 20.54 28.44
C MET A 106 -35.39 21.17 29.83
N VAL A 107 -34.21 21.25 30.40
CA VAL A 107 -34.05 21.82 31.71
C VAL A 107 -32.95 22.86 31.59
N ASP A 108 -33.19 24.02 32.22
CA ASP A 108 -32.23 25.12 32.18
C ASP A 108 -30.99 24.80 33.02
N ILE A 109 -29.93 25.56 32.81
CA ILE A 109 -28.63 25.26 33.37
C ILE A 109 -28.32 26.21 34.54
N GLN A 110 -27.18 26.01 35.22
CA GLN A 110 -26.74 26.89 36.32
C GLN A 110 -26.12 28.21 35.80
N ALA A 111 -25.80 29.12 36.72
CA ALA A 111 -25.22 30.44 36.36
C ALA A 111 -23.70 30.41 36.10
N ASP A 112 -23.00 29.48 36.75
CA ASP A 112 -21.53 29.33 36.70
C ASP A 112 -21.02 28.33 35.68
N THR A 113 -21.91 27.45 35.24
CA THR A 113 -21.49 26.24 34.53
C THR A 113 -22.57 25.79 33.54
N PHE A 114 -22.15 24.95 32.60
CA PHE A 114 -23.04 24.31 31.63
C PHE A 114 -24.02 23.32 32.26
N GLU A 115 -23.73 22.82 33.45
CA GLU A 115 -24.56 21.74 34.00
C GLU A 115 -25.99 22.18 34.23
N MET A 116 -26.94 21.27 34.06
CA MET A 116 -28.33 21.52 34.47
C MET A 116 -28.40 22.04 35.91
N ASP A 117 -29.34 22.95 36.17
CA ASP A 117 -29.69 23.30 37.55
C ASP A 117 -30.46 22.07 38.06
N TYR A 118 -29.89 21.41 39.05
CA TYR A 118 -30.43 20.15 39.55
C TYR A 118 -31.71 20.33 40.37
N ASP A 119 -31.94 21.53 40.92
CA ASP A 119 -33.27 21.83 41.47
C ASP A 119 -34.31 21.78 40.36
N LEU A 120 -34.04 22.45 39.25
CA LEU A 120 -34.99 22.47 38.10
C LEU A 120 -35.17 21.09 37.48
N LEU A 121 -34.10 20.31 37.48
CA LEU A 121 -34.14 18.92 37.07
C LEU A 121 -35.13 18.13 37.93
N GLU A 122 -35.04 18.27 39.27
CA GLU A 122 -36.00 17.62 40.17
C GLU A 122 -37.44 17.97 39.80
N GLN A 123 -37.72 19.26 39.69
CA GLN A 123 -39.08 19.75 39.39
C GLN A 123 -39.61 19.27 38.04
N ALA A 124 -38.72 19.07 37.09
CA ALA A 124 -39.05 18.61 35.74
C ALA A 124 -39.44 17.13 35.67
N ILE A 125 -39.00 16.32 36.65
CA ILE A 125 -39.30 14.88 36.66
C ILE A 125 -40.79 14.65 36.87
N THR A 126 -41.35 13.72 36.09
CA THR A 126 -42.74 13.29 36.19
C THR A 126 -42.85 11.76 36.19
N GLU A 127 -44.08 11.28 36.29
CA GLU A 127 -44.44 9.87 36.12
C GLU A 127 -43.96 9.26 34.76
N LYS A 128 -43.86 10.10 33.73
CA LYS A 128 -43.41 9.69 32.40
C LYS A 128 -41.89 9.67 32.18
N THR A 129 -41.13 10.20 33.13
CA THR A 129 -39.71 10.38 32.93
C THR A 129 -39.00 9.03 32.95
N LYS A 130 -38.24 8.74 31.90
CA LYS A 130 -37.53 7.46 31.78
C LYS A 130 -36.01 7.56 31.83
N VAL A 131 -35.46 8.66 31.29
CA VAL A 131 -34.01 8.86 31.15
C VAL A 131 -33.65 10.34 31.38
N ILE A 132 -32.53 10.57 32.07
CA ILE A 132 -31.84 11.87 32.05
C ILE A 132 -30.59 11.66 31.20
N ILE A 133 -30.34 12.60 30.28
CA ILE A 133 -29.12 12.61 29.47
C ILE A 133 -28.31 13.86 29.83
N PRO A 134 -27.40 13.75 30.81
CA PRO A 134 -26.46 14.84 30.99
C PRO A 134 -25.40 14.82 29.90
N VAL A 135 -24.80 15.97 29.62
CA VAL A 135 -23.75 16.05 28.60
C VAL A 135 -22.48 16.53 29.27
N GLU A 136 -21.42 15.77 29.05
CA GLU A 136 -20.12 16.09 29.62
C GLU A 136 -19.42 17.07 28.64
N LEU A 137 -19.90 18.31 28.67
CA LEU A 137 -19.48 19.36 27.76
C LEU A 137 -18.01 19.71 27.93
N ALA A 138 -17.32 19.73 26.80
CA ALA A 138 -15.90 20.02 26.72
C ALA A 138 -15.00 18.98 27.36
N GLY A 139 -15.58 17.87 27.82
CA GLY A 139 -14.86 16.87 28.60
C GLY A 139 -15.06 16.94 30.11
N ILE A 140 -15.81 17.94 30.57
CA ILE A 140 -16.02 18.16 31.99
C ILE A 140 -17.22 17.29 32.36
N VAL A 141 -17.04 16.39 33.31
CA VAL A 141 -18.07 15.44 33.71
C VAL A 141 -18.97 16.10 34.75
N CYS A 142 -20.25 15.77 34.65
CA CYS A 142 -21.29 16.33 35.48
C CYS A 142 -21.22 15.85 36.92
N ASP A 143 -22.04 16.48 37.75
CA ASP A 143 -22.13 16.23 39.18
C ASP A 143 -23.00 14.99 39.39
N TYR A 144 -22.41 13.81 39.20
CA TYR A 144 -23.15 12.55 39.26
C TYR A 144 -23.63 12.11 40.67
N ASP A 145 -22.91 12.49 41.72
CA ASP A 145 -23.43 12.29 43.08
C ASP A 145 -24.78 12.95 43.21
N ARG A 146 -24.85 14.18 42.76
CA ARG A 146 -26.10 14.91 42.76
C ARG A 146 -27.14 14.22 41.88
N LEU A 147 -26.78 13.84 40.64
CA LEU A 147 -27.74 13.20 39.72
C LEU A 147 -28.36 11.88 40.24
N PHE A 148 -27.53 11.01 40.82
CA PHE A 148 -28.02 9.77 41.42
C PHE A 148 -28.87 10.04 42.67
N GLN A 149 -28.49 11.05 43.46
CA GLN A 149 -29.33 11.53 44.57
C GLN A 149 -30.74 11.88 44.04
N VAL A 150 -30.81 12.66 42.96
CA VAL A 150 -32.11 13.10 42.39
C VAL A 150 -33.02 11.95 41.94
N VAL A 151 -32.48 10.94 41.24
CA VAL A 151 -33.33 9.85 40.70
C VAL A 151 -33.80 8.90 41.79
N GLU A 152 -32.92 8.63 42.77
CA GLU A 152 -33.25 7.85 43.96
C GLU A 152 -34.35 8.53 44.76
N LYS A 153 -34.21 9.84 44.93
CA LYS A 153 -35.17 10.64 45.65
C LYS A 153 -36.54 10.61 44.94
N LYS A 154 -36.52 10.65 43.61
CA LYS A 154 -37.76 10.65 42.81
C LYS A 154 -38.22 9.27 42.34
N ARG A 155 -37.59 8.20 42.84
CA ARG A 155 -38.03 6.82 42.61
C ARG A 155 -39.50 6.79 43.02
N ASP A 156 -40.33 5.82 42.61
CA ASP A 156 -41.80 5.88 42.89
C ASP A 156 -42.59 6.97 42.16
N PHE A 157 -41.96 7.90 41.44
CA PHE A 157 -42.60 8.51 40.24
C PHE A 157 -42.45 7.55 39.08
N PHE A 158 -41.36 6.78 39.12
CA PHE A 158 -41.01 5.84 38.06
C PHE A 158 -41.84 4.56 38.07
N THR A 159 -42.27 4.17 36.87
CA THR A 159 -42.98 2.92 36.68
C THR A 159 -42.38 2.26 35.42
N ALA A 160 -41.82 1.07 35.59
CA ALA A 160 -41.17 0.33 34.50
C ALA A 160 -42.19 -0.11 33.46
N SER A 161 -42.03 0.36 32.23
CA SER A 161 -42.90 -0.06 31.12
C SER A 161 -42.09 -0.83 30.07
N SER A 162 -41.04 -1.53 30.50
CA SER A 162 -40.21 -2.33 29.60
C SER A 162 -39.30 -3.27 30.38
N LYS A 163 -38.69 -4.20 29.67
CA LYS A 163 -37.87 -5.26 30.25
C LYS A 163 -36.70 -4.68 31.04
N TRP A 164 -35.89 -3.85 30.38
CA TRP A 164 -34.71 -3.28 31.02
C TRP A 164 -35.04 -2.16 31.98
N GLN A 165 -36.12 -1.45 31.76
CA GLN A 165 -36.61 -0.51 32.76
C GLN A 165 -36.88 -1.21 34.09
N LYS A 166 -37.37 -2.46 34.05
CA LYS A 166 -37.64 -3.27 35.25
C LYS A 166 -36.40 -3.65 36.06
N ALA A 167 -35.28 -3.83 35.35
CA ALA A 167 -34.00 -4.17 35.98
C ALA A 167 -33.48 -3.03 36.85
N PHE A 168 -33.60 -1.79 36.35
CA PHE A 168 -33.42 -0.59 37.14
C PHE A 168 -34.82 -0.43 37.68
N ASN A 169 -35.05 0.39 38.70
CA ASN A 169 -36.43 0.68 39.01
C ASN A 169 -36.54 2.14 39.29
N ARG A 170 -35.98 2.88 38.35
CA ARG A 170 -35.71 4.28 38.54
C ARG A 170 -35.42 4.90 37.19
N ILE A 171 -35.26 6.22 37.19
CA ILE A 171 -34.85 6.92 35.99
C ILE A 171 -33.44 6.43 35.70
N VAL A 172 -33.16 6.16 34.42
CA VAL A 172 -31.84 5.73 33.98
C VAL A 172 -31.01 6.95 33.57
N ILE A 173 -29.79 7.04 34.07
CA ILE A 173 -28.91 8.15 33.64
C ILE A 173 -28.00 7.67 32.52
N VAL A 174 -28.11 8.32 31.35
CA VAL A 174 -27.32 8.02 30.14
C VAL A 174 -26.43 9.18 29.77
N SER A 175 -25.13 8.98 29.87
CA SER A 175 -24.17 10.07 29.66
C SER A 175 -23.95 10.35 28.20
N ASP A 176 -24.25 11.56 27.74
CA ASP A 176 -23.70 11.99 26.45
C ASP A 176 -22.21 12.35 26.63
N SER A 177 -21.34 11.36 26.53
CA SER A 177 -19.90 11.56 26.68
C SER A 177 -19.18 11.73 25.32
N ALA A 178 -19.84 12.39 24.38
CA ALA A 178 -19.26 12.57 23.07
C ALA A 178 -17.85 13.18 23.16
N HIS A 179 -17.66 14.09 24.13
CA HIS A 179 -16.42 14.85 24.28
C HIS A 179 -15.46 14.25 25.34
N ALA A 180 -15.92 13.22 26.06
CA ALA A 180 -15.39 12.86 27.37
C ALA A 180 -14.62 11.52 27.48
N LEU A 181 -14.29 10.88 26.37
CA LEU A 181 -13.39 9.73 26.42
C LEU A 181 -12.08 10.13 27.15
N GLY A 182 -11.72 9.41 28.21
CA GLY A 182 -10.58 9.76 29.05
C GLY A 182 -10.79 10.74 30.19
N SER A 183 -11.92 11.42 30.24
CA SER A 183 -12.31 12.22 31.40
C SER A 183 -12.56 11.30 32.58
N THR A 184 -12.41 11.85 33.79
CA THR A 184 -12.72 11.17 35.03
C THR A 184 -13.54 12.03 35.99
N TYR A 185 -14.35 11.35 36.80
CA TYR A 185 -15.12 11.95 37.89
C TYR A 185 -14.74 11.17 39.15
N LYS A 186 -14.08 11.87 40.08
CA LYS A 186 -13.53 11.31 41.31
C LYS A 186 -12.64 10.10 41.03
N GLY A 187 -11.75 10.21 40.04
CA GLY A 187 -10.88 9.12 39.66
C GLY A 187 -11.47 8.00 38.80
N GLN A 188 -12.79 7.95 38.70
CA GLN A 188 -13.49 6.95 37.89
C GLN A 188 -13.52 7.42 36.43
N PRO A 189 -13.24 6.53 35.45
CA PRO A 189 -13.35 6.95 34.06
C PRO A 189 -14.77 7.20 33.62
N SER A 190 -14.94 8.15 32.71
CA SER A 190 -16.22 8.30 32.07
C SER A 190 -16.49 7.03 31.30
N GLY A 191 -17.77 6.65 31.29
CA GLY A 191 -18.20 5.35 30.88
C GLY A 191 -18.64 4.53 32.07
N SER A 192 -17.92 4.64 33.18
CA SER A 192 -18.19 3.83 34.39
C SER A 192 -19.03 4.52 35.49
N ILE A 193 -19.54 5.73 35.19
CA ILE A 193 -20.25 6.55 36.17
C ILE A 193 -21.76 6.46 35.92
N ALA A 194 -22.20 6.89 34.75
CA ALA A 194 -23.62 6.84 34.41
C ALA A 194 -24.02 5.41 34.07
N ASP A 195 -25.34 5.17 34.02
CA ASP A 195 -25.85 3.81 33.78
C ASP A 195 -25.47 3.32 32.39
N PHE A 196 -25.68 4.18 31.39
CA PHE A 196 -25.12 3.97 30.04
C PHE A 196 -24.36 5.21 29.62
N THR A 197 -23.40 5.04 28.72
CA THR A 197 -22.64 6.18 28.23
C THR A 197 -22.40 6.02 26.74
N SER A 198 -22.51 7.10 25.98
CA SER A 198 -22.18 7.09 24.54
C SER A 198 -20.95 7.95 24.24
N PHE A 199 -20.07 7.46 23.37
CA PHE A 199 -18.84 8.19 22.97
C PHE A 199 -18.85 8.50 21.44
N SER A 200 -18.18 9.58 21.05
CA SER A 200 -18.00 9.97 19.63
C SER A 200 -16.52 9.90 19.30
N PHE A 201 -16.24 9.33 18.14
CA PHE A 201 -14.90 9.29 17.57
C PHE A 201 -14.90 10.06 16.22
N HIS A 202 -15.73 11.09 16.15
CA HIS A 202 -15.80 11.96 14.96
C HIS A 202 -14.47 12.68 14.72
N ALA A 203 -14.20 13.02 13.46
CA ALA A 203 -12.95 13.69 13.05
C ALA A 203 -12.44 14.76 13.99
N VAL A 204 -13.33 15.63 14.46
CA VAL A 204 -12.96 16.77 15.33
C VAL A 204 -12.83 16.42 16.84
N LYS A 205 -13.14 15.19 17.25
CA LYS A 205 -12.96 14.78 18.67
C LYS A 205 -11.50 14.42 19.02
N ASN A 206 -11.23 14.29 20.32
CA ASN A 206 -9.87 14.00 20.86
C ASN A 206 -9.31 12.68 20.35
N PHE A 207 -10.19 11.71 20.29
CA PHE A 207 -9.93 10.36 19.88
C PHE A 207 -10.83 10.19 18.68
N THR A 208 -10.30 9.80 17.53
CA THR A 208 -11.11 9.79 16.32
C THR A 208 -10.91 8.59 15.41
N THR A 209 -12.02 8.18 14.79
CA THR A 209 -12.03 7.25 13.68
C THR A 209 -12.69 7.89 12.46
N ALA A 210 -12.58 9.22 12.37
CA ALA A 210 -13.18 10.03 11.29
C ALA A 210 -14.69 10.10 11.42
N GLU A 211 -15.36 8.95 11.38
CA GLU A 211 -16.72 8.80 11.92
C GLU A 211 -16.76 7.51 12.73
N GLY A 212 -17.36 7.58 13.91
CA GLY A 212 -17.50 6.41 14.75
C GLY A 212 -17.94 6.77 16.15
N GLY A 213 -18.36 5.76 16.89
CA GLY A 213 -18.69 5.97 18.27
C GLY A 213 -18.86 4.65 18.99
N SER A 214 -19.23 4.76 20.27
CA SER A 214 -19.46 3.58 21.09
C SER A 214 -20.57 3.79 22.12
N ALA A 215 -21.19 2.68 22.50
CA ALA A 215 -22.05 2.58 23.67
C ALA A 215 -21.38 1.62 24.69
N THR A 216 -21.39 2.02 25.97
CA THR A 216 -21.00 1.16 27.08
C THR A 216 -21.97 1.35 28.27
N TRP A 217 -21.73 0.62 29.34
CA TRP A 217 -22.58 0.68 30.52
C TRP A 217 -21.77 0.24 31.70
N LYS A 218 -21.96 0.85 32.85
CA LYS A 218 -21.20 0.43 34.02
C LYS A 218 -21.72 -0.91 34.56
N ALA A 219 -20.83 -1.58 35.29
CA ALA A 219 -21.10 -2.86 35.92
C ALA A 219 -22.28 -2.74 36.86
N ASN A 220 -23.28 -3.56 36.65
CA ASN A 220 -24.50 -3.55 37.46
C ASN A 220 -24.96 -5.00 37.59
N PRO A 221 -25.20 -5.47 38.83
CA PRO A 221 -25.63 -6.86 39.07
C PRO A 221 -26.83 -7.33 38.25
N VAL A 222 -27.76 -6.43 37.96
CA VAL A 222 -29.00 -6.77 37.23
C VAL A 222 -28.89 -6.72 35.70
N ILE A 223 -27.67 -6.57 35.16
CA ILE A 223 -27.43 -6.60 33.73
C ILE A 223 -26.45 -7.74 33.43
N ASP A 224 -26.93 -8.73 32.69
CA ASP A 224 -26.08 -9.72 32.03
C ASP A 224 -25.43 -8.96 30.88
N ASP A 225 -24.10 -8.93 30.88
CA ASP A 225 -23.35 -8.06 29.97
C ASP A 225 -23.34 -8.63 28.55
N GLU A 226 -23.26 -9.96 28.44
CA GLU A 226 -23.28 -10.65 27.15
C GLU A 226 -24.63 -10.50 26.47
N GLU A 227 -25.69 -10.63 27.26
CA GLU A 227 -27.07 -10.50 26.78
C GLU A 227 -27.37 -9.08 26.30
N MET A 228 -26.90 -8.08 27.06
CA MET A 228 -26.97 -6.66 26.68
C MET A 228 -26.20 -6.34 25.41
N TYR A 229 -24.98 -6.84 25.30
CA TYR A 229 -24.17 -6.69 24.09
C TYR A 229 -24.87 -7.31 22.88
N LYS A 230 -25.42 -8.50 23.02
CA LYS A 230 -26.12 -9.19 21.92
C LYS A 230 -27.28 -8.32 21.37
N GLU A 231 -28.00 -7.68 22.28
CA GLU A 231 -29.12 -6.79 21.89
C GLU A 231 -28.67 -5.60 21.04
N PHE A 232 -27.57 -4.96 21.43
CA PHE A 232 -26.99 -3.84 20.65
C PHE A 232 -26.57 -4.32 19.26
N GLN A 233 -25.91 -5.47 19.22
CA GLN A 233 -25.42 -6.03 17.97
C GLN A 233 -26.55 -6.29 16.97
N ILE A 234 -27.61 -6.91 17.50
CA ILE A 234 -28.82 -7.18 16.75
C ILE A 234 -29.45 -5.90 16.19
N LEU A 235 -29.57 -4.87 17.03
CA LEU A 235 -30.15 -3.59 16.58
C LEU A 235 -29.26 -2.87 15.58
N SER A 236 -27.95 -3.10 15.63
CA SER A 236 -26.98 -2.41 14.76
C SER A 236 -26.83 -3.05 13.37
N LEU A 237 -27.21 -4.32 13.23
CA LEU A 237 -26.98 -5.10 12.01
C LEU A 237 -28.31 -5.69 11.49
N HIS A 238 -29.29 -4.82 11.25
CA HIS A 238 -30.59 -5.17 10.68
C HIS A 238 -31.48 -6.15 11.46
N GLY A 239 -31.20 -6.37 12.73
CA GLY A 239 -31.98 -7.32 13.51
C GLY A 239 -31.60 -8.76 13.27
N GLN A 240 -30.47 -8.98 12.62
CA GLN A 240 -30.07 -10.34 12.23
C GLN A 240 -29.60 -11.16 13.44
N THR A 241 -30.12 -12.39 13.57
CA THR A 241 -29.60 -13.36 14.53
C THR A 241 -29.41 -14.68 13.85
N LYS A 242 -28.58 -15.53 14.47
CA LYS A 242 -28.40 -16.92 14.04
C LYS A 242 -28.53 -17.80 15.26
N ASP A 243 -29.16 -18.96 15.12
CA ASP A 243 -29.21 -19.95 16.23
C ASP A 243 -27.91 -20.74 16.31
N ALA A 244 -27.68 -21.45 17.41
CA ALA A 244 -26.41 -22.18 17.65
C ALA A 244 -26.17 -23.29 16.63
N LEU A 245 -27.25 -23.92 16.18
CA LEU A 245 -27.19 -24.94 15.12
C LEU A 245 -26.64 -24.38 13.79
N ALA A 246 -27.22 -23.27 13.36
CA ALA A 246 -26.80 -22.62 12.13
C ALA A 246 -25.33 -22.19 12.21
N LYS A 247 -24.88 -21.67 13.37
CA LYS A 247 -23.45 -21.26 13.46
C LYS A 247 -22.48 -22.43 13.51
N MET A 248 -22.91 -23.58 14.00
CA MET A 248 -22.03 -24.77 14.03
C MET A 248 -21.81 -25.38 12.65
N GLN A 249 -22.91 -25.48 11.91
CA GLN A 249 -22.86 -25.94 10.51
C GLN A 249 -21.82 -25.26 9.67
N LEU A 250 -21.29 -26.03 8.72
CA LEU A 250 -20.16 -25.62 7.89
C LEU A 250 -20.56 -24.49 6.93
N GLY A 251 -21.73 -24.67 6.29
CA GLY A 251 -22.44 -23.61 5.58
C GLY A 251 -23.42 -22.94 6.52
N SER A 252 -23.03 -21.79 7.06
CA SER A 252 -23.78 -21.09 8.11
C SER A 252 -24.64 -19.96 7.55
N TRP A 253 -25.38 -20.22 6.49
CA TRP A 253 -26.18 -19.17 5.83
C TRP A 253 -27.41 -18.71 6.64
N GLU A 254 -28.08 -19.63 7.34
CA GLU A 254 -29.47 -19.41 7.84
C GLU A 254 -29.54 -18.41 9.00
N TYR A 255 -30.50 -17.48 8.96
CA TYR A 255 -30.63 -16.42 9.98
C TYR A 255 -32.07 -15.99 10.04
N ASP A 256 -32.40 -15.27 11.10
CA ASP A 256 -33.71 -14.70 11.30
C ASP A 256 -33.50 -13.20 11.50
N ILE A 257 -34.55 -12.43 11.27
CA ILE A 257 -34.52 -11.01 11.58
C ILE A 257 -35.61 -10.86 12.65
N VAL A 258 -35.22 -10.51 13.87
CA VAL A 258 -36.17 -10.47 14.99
C VAL A 258 -36.96 -9.17 15.07
N THR A 259 -36.41 -8.12 14.50
CA THR A 259 -37.01 -6.79 14.56
C THR A 259 -36.48 -6.07 13.32
N PRO A 260 -37.25 -5.14 12.74
CA PRO A 260 -36.76 -4.54 11.50
C PRO A 260 -35.87 -3.38 11.89
N ALA A 261 -34.61 -3.68 12.22
CA ALA A 261 -33.71 -2.74 12.88
C ALA A 261 -32.77 -1.97 11.93
N TYR A 262 -31.57 -1.59 12.41
CA TYR A 262 -30.83 -0.42 11.90
C TYR A 262 -29.51 -0.87 11.33
N LYS A 263 -28.69 0.08 10.85
CA LYS A 263 -27.43 -0.22 10.18
C LYS A 263 -26.38 0.79 10.65
N CYS A 264 -25.72 0.45 11.76
CA CYS A 264 -24.75 1.36 12.34
C CYS A 264 -23.54 0.70 12.92
N ASN A 265 -23.15 -0.47 12.42
CA ASN A 265 -21.91 -1.19 12.84
C ASN A 265 -20.65 -0.43 12.45
N MET A 266 -19.56 -0.69 13.18
CA MET A 266 -18.28 -0.07 12.84
C MET A 266 -17.44 -1.04 12.00
N THR A 267 -16.77 -0.48 10.99
CA THR A 267 -15.86 -1.23 10.13
C THR A 267 -14.50 -1.37 10.78
N ASP A 268 -13.79 -2.44 10.40
CA ASP A 268 -12.39 -2.63 10.82
C ASP A 268 -11.45 -1.57 10.25
N ILE A 269 -11.89 -0.84 9.22
CA ILE A 269 -11.17 0.35 8.76
C ILE A 269 -11.16 1.38 9.91
N MET A 270 -12.34 1.66 10.48
CA MET A 270 -12.47 2.64 11.57
C MET A 270 -11.82 2.15 12.86
N ALA A 271 -12.06 0.89 13.19
CA ALA A 271 -11.43 0.25 14.35
C ALA A 271 -9.92 0.32 14.29
N SER A 272 -9.34 0.07 13.11
CA SER A 272 -7.88 0.22 12.90
C SER A 272 -7.39 1.57 13.39
N LEU A 273 -8.06 2.63 12.95
CA LEU A 273 -7.73 3.98 13.39
C LEU A 273 -7.85 4.05 14.88
N GLY A 274 -8.93 3.47 15.42
CA GLY A 274 -9.18 3.45 16.85
C GLY A 274 -8.10 2.76 17.68
N LEU A 275 -7.67 1.58 17.26
CA LEU A 275 -6.65 0.86 18.00
C LEU A 275 -5.36 1.67 18.19
N VAL A 276 -4.91 2.36 17.14
CA VAL A 276 -3.70 3.17 17.17
C VAL A 276 -3.91 4.47 17.95
N GLN A 277 -5.07 5.12 17.77
CA GLN A 277 -5.44 6.32 18.54
C GLN A 277 -5.43 6.04 20.04
N LEU A 278 -6.00 4.89 20.43
CA LEU A 278 -6.01 4.45 21.81
C LEU A 278 -4.61 4.19 22.38
N ASP A 279 -3.67 3.67 21.58
CA ASP A 279 -2.26 3.55 22.03
C ASP A 279 -1.67 4.92 22.29
N ARG A 280 -1.95 5.84 21.38
CA ARG A 280 -1.39 7.19 21.45
C ARG A 280 -2.14 8.13 22.37
N TYR A 281 -3.25 7.69 22.95
CA TYR A 281 -4.21 8.60 23.58
C TYR A 281 -3.70 9.28 24.84
N PRO A 282 -3.00 8.53 25.73
CA PRO A 282 -2.50 9.20 26.95
C PRO A 282 -1.50 10.36 26.67
N SER A 283 -0.67 10.26 25.63
CA SER A 283 0.22 11.39 25.26
C SER A 283 -0.53 12.56 24.58
N LEU A 284 -1.62 12.28 23.86
CA LEU A 284 -2.47 13.32 23.27
C LEU A 284 -3.23 14.06 24.36
N LEU A 285 -3.73 13.33 25.36
CA LEU A 285 -4.31 13.97 26.55
C LEU A 285 -3.32 14.89 27.29
N GLN A 286 -2.09 14.42 27.44
CA GLN A 286 -1.01 15.20 28.09
C GLN A 286 -0.74 16.46 27.31
N ARG A 287 -0.60 16.36 25.98
CA ARG A 287 -0.41 17.57 25.20
C ARG A 287 -1.59 18.54 25.37
N ARG A 288 -2.82 18.01 25.37
CA ARG A 288 -4.00 18.83 25.56
C ARG A 288 -4.01 19.48 26.93
N LYS A 289 -3.60 18.73 27.96
CA LYS A 289 -3.38 19.28 29.31
C LYS A 289 -2.40 20.47 29.29
N ASP A 290 -1.26 20.32 28.62
CA ASP A 290 -0.25 21.40 28.56
C ASP A 290 -0.78 22.63 27.86
N ILE A 291 -1.57 22.45 26.80
CA ILE A 291 -2.15 23.59 26.06
C ILE A 291 -3.15 24.35 26.91
N VAL A 292 -4.02 23.61 27.61
CA VAL A 292 -5.03 24.21 28.47
C VAL A 292 -4.39 25.02 29.60
N ASP A 293 -3.37 24.46 30.22
CA ASP A 293 -2.67 25.12 31.34
C ASP A 293 -1.99 26.42 30.90
N ARG A 294 -1.41 26.42 29.70
CA ARG A 294 -0.81 27.62 29.15
C ARG A 294 -1.89 28.66 28.86
N TYR A 295 -3.04 28.25 28.35
CA TYR A 295 -4.18 29.18 28.18
C TYR A 295 -4.63 29.74 29.54
N ASP A 296 -4.71 28.87 30.55
CA ASP A 296 -5.20 29.28 31.88
C ASP A 296 -4.29 30.34 32.51
N SER A 297 -2.98 30.14 32.46
CA SER A 297 -2.03 31.20 32.84
C SER A 297 -2.33 32.46 32.05
N GLY A 298 -2.32 32.37 30.73
CA GLY A 298 -2.51 33.54 29.88
C GLY A 298 -3.71 34.41 30.20
N PHE A 299 -4.83 33.77 30.52
CA PHE A 299 -6.10 34.45 30.71
C PHE A 299 -6.40 34.80 32.16
N ALA A 300 -5.57 34.37 33.10
CA ALA A 300 -5.80 34.70 34.50
C ALA A 300 -5.75 36.19 34.73
N GLY A 301 -6.69 36.69 35.53
CA GLY A 301 -6.81 38.13 35.75
C GLY A 301 -7.39 38.94 34.61
N SER A 302 -7.80 38.29 33.53
CA SER A 302 -8.47 38.93 32.40
C SER A 302 -10.00 38.78 32.49
N ARG A 303 -10.69 39.44 31.56
CA ARG A 303 -12.14 39.28 31.44
C ARG A 303 -12.55 37.99 30.71
N ILE A 304 -11.58 37.26 30.13
CA ILE A 304 -11.82 35.97 29.52
C ILE A 304 -11.82 34.89 30.60
N HIS A 305 -12.95 34.23 30.80
CA HIS A 305 -13.19 33.26 31.89
C HIS A 305 -13.40 31.85 31.32
N PRO A 306 -12.37 30.98 31.37
CA PRO A 306 -12.54 29.65 30.82
C PRO A 306 -13.28 28.72 31.77
N LEU A 307 -14.04 27.79 31.23
CA LEU A 307 -14.52 26.68 32.06
C LEU A 307 -13.30 25.91 32.53
N ALA A 308 -13.38 25.47 33.79
CA ALA A 308 -12.27 24.77 34.41
C ALA A 308 -12.28 23.29 34.00
N HIS A 309 -11.15 22.86 33.41
CA HIS A 309 -10.94 21.44 33.08
C HIS A 309 -10.29 20.62 34.18
N LYS A 310 -9.77 21.28 35.22
CA LYS A 310 -9.32 20.61 36.44
C LYS A 310 -10.10 21.15 37.62
N THR A 311 -10.88 20.27 38.27
CA THR A 311 -11.64 20.61 39.49
C THR A 311 -11.33 19.59 40.62
N GLU A 312 -11.93 19.83 41.78
CA GLU A 312 -11.91 18.93 42.94
C GLU A 312 -12.42 17.54 42.56
N THR A 313 -13.47 17.51 41.73
CA THR A 313 -14.12 16.27 41.28
C THR A 313 -13.65 15.78 39.87
N VAL A 314 -13.24 16.68 38.98
CA VAL A 314 -13.09 16.32 37.59
C VAL A 314 -11.68 16.53 37.08
N GLU A 315 -11.23 15.58 36.25
CA GLU A 315 -10.08 15.76 35.39
C GLU A 315 -10.62 15.59 33.97
N SER A 316 -10.75 16.70 33.24
CA SER A 316 -11.37 16.68 31.94
C SER A 316 -10.50 16.04 30.86
N SER A 317 -11.14 15.46 29.85
CA SER A 317 -10.46 15.07 28.60
C SER A 317 -9.87 16.29 27.86
N ARG A 318 -10.42 17.48 28.14
CA ARG A 318 -9.96 18.73 27.55
C ARG A 318 -10.22 18.69 26.07
N HIS A 319 -11.49 18.53 25.73
CA HIS A 319 -11.90 18.55 24.34
C HIS A 319 -12.03 19.97 23.75
N LEU A 320 -12.73 20.86 24.45
CA LEU A 320 -13.03 22.22 23.95
C LEU A 320 -12.56 23.26 24.98
N TYR A 321 -11.90 24.31 24.53
CA TYR A 321 -11.58 25.44 25.40
C TYR A 321 -12.72 26.47 25.35
N ILE A 322 -13.79 26.14 26.04
CA ILE A 322 -14.91 27.03 26.23
C ILE A 322 -14.50 28.17 27.15
N THR A 323 -14.77 29.41 26.72
CA THR A 323 -14.55 30.61 27.54
C THR A 323 -15.76 31.49 27.43
N ARG A 324 -16.00 32.30 28.45
CA ARG A 324 -16.99 33.37 28.37
C ARG A 324 -16.34 34.69 28.69
N VAL A 325 -16.66 35.72 27.92
CA VAL A 325 -16.05 37.06 28.09
C VAL A 325 -16.99 37.92 28.92
N GLU A 326 -16.51 38.37 30.07
CA GLU A 326 -17.34 39.09 31.04
C GLU A 326 -17.83 40.41 30.45
N GLY A 327 -19.12 40.70 30.67
CA GLY A 327 -19.72 41.95 30.24
C GLY A 327 -19.80 42.18 28.73
N ALA A 328 -19.87 41.10 27.94
CA ALA A 328 -19.96 41.19 26.47
C ALA A 328 -21.38 40.82 26.07
N SER A 329 -21.99 41.65 25.23
CA SER A 329 -23.31 41.37 24.69
C SER A 329 -23.21 40.42 23.50
N LEU A 330 -24.37 40.00 22.99
CA LEU A 330 -24.45 39.11 21.81
C LEU A 330 -23.73 39.66 20.59
N GLU A 331 -23.96 40.95 20.34
CA GLU A 331 -23.42 41.66 19.19
C GLU A 331 -21.90 41.78 19.32
N GLU A 332 -21.48 42.18 20.51
CA GLU A 332 -20.06 42.29 20.85
C GLU A 332 -19.31 40.96 20.75
N ARG A 333 -19.96 39.86 21.16
CA ARG A 333 -19.39 38.51 21.01
C ARG A 333 -19.16 38.18 19.56
N ASN A 334 -20.17 38.42 18.73
CA ASN A 334 -20.10 38.08 17.31
C ASN A 334 -18.95 38.86 16.70
N LEU A 335 -18.83 40.13 17.07
CA LEU A 335 -17.76 41.01 16.58
C LEU A 335 -16.36 40.51 17.00
N ILE A 336 -16.23 39.99 18.23
CA ILE A 336 -14.95 39.49 18.70
C ILE A 336 -14.51 38.30 17.85
N ILE A 337 -15.42 37.36 17.65
CA ILE A 337 -15.16 36.20 16.81
C ILE A 337 -14.65 36.62 15.41
N GLN A 338 -15.25 37.64 14.82
CA GLN A 338 -14.85 38.06 13.46
C GLN A 338 -13.46 38.69 13.51
N GLU A 339 -13.21 39.48 14.56
CA GLU A 339 -11.90 40.05 14.77
C GLU A 339 -10.85 38.97 15.00
N LEU A 340 -11.21 37.92 15.74
CA LEU A 340 -10.31 36.77 15.90
C LEU A 340 -9.93 36.16 14.54
N ALA A 341 -10.91 36.08 13.64
CA ALA A 341 -10.70 35.49 12.32
C ALA A 341 -9.84 36.41 11.44
N LYS A 342 -10.03 37.73 11.53
CA LYS A 342 -9.17 38.66 10.82
C LYS A 342 -7.71 38.53 11.20
N ALA A 343 -7.45 38.15 12.46
CA ALA A 343 -6.10 37.83 12.94
C ALA A 343 -5.65 36.39 12.66
N GLY A 344 -6.44 35.62 11.89
CA GLY A 344 -6.09 34.26 11.55
C GLY A 344 -6.30 33.22 12.66
N ILE A 345 -7.28 33.48 13.53
CA ILE A 345 -7.63 32.56 14.63
C ILE A 345 -9.09 32.13 14.46
N ALA A 346 -9.26 30.85 14.12
CA ALA A 346 -10.57 30.27 14.01
C ALA A 346 -11.12 30.12 15.43
N SER A 347 -12.43 30.22 15.55
CA SER A 347 -13.11 30.04 16.82
C SER A 347 -14.53 29.60 16.55
N ASN A 348 -15.22 29.23 17.62
CA ASN A 348 -16.55 28.70 17.53
C ASN A 348 -17.38 29.04 18.73
N VAL A 349 -18.63 28.60 18.70
CA VAL A 349 -19.56 28.81 19.77
C VAL A 349 -20.21 27.50 20.09
N HIS A 350 -20.05 27.07 21.35
CA HIS A 350 -20.76 25.92 21.89
C HIS A 350 -21.56 26.41 23.07
N TYR A 351 -22.88 26.48 22.99
CA TYR A 351 -23.70 26.30 21.77
C TYR A 351 -24.80 27.33 21.75
N LYS A 352 -25.43 27.50 20.61
CA LYS A 352 -26.77 28.03 20.62
C LYS A 352 -27.60 27.14 21.52
N PRO A 353 -28.37 27.71 22.48
CA PRO A 353 -29.24 26.81 23.25
C PRO A 353 -30.26 26.19 22.34
N LEU A 354 -30.68 24.96 22.64
CA LEU A 354 -31.59 24.23 21.74
C LEU A 354 -32.83 25.07 21.33
N PRO A 355 -33.44 25.82 22.25
CA PRO A 355 -34.63 26.58 21.83
C PRO A 355 -34.41 27.69 20.79
N LEU A 356 -33.17 28.14 20.58
CA LEU A 356 -32.88 29.04 19.44
C LEU A 356 -32.93 28.38 18.08
N LEU A 357 -32.85 27.05 18.05
CA LEU A 357 -32.79 26.27 16.81
C LEU A 357 -34.19 26.04 16.24
N THR A 358 -34.31 26.22 14.93
CA THR A 358 -35.62 26.11 14.24
C THR A 358 -36.35 24.79 14.53
N ALA A 359 -35.59 23.70 14.60
CA ALA A 359 -36.13 22.36 14.86
C ALA A 359 -36.92 22.31 16.18
N TYR A 360 -36.31 22.84 17.25
CA TYR A 360 -36.88 22.77 18.60
C TYR A 360 -37.89 23.89 18.88
N LYS A 361 -37.69 25.08 18.28
CA LYS A 361 -38.77 26.10 18.20
C LYS A 361 -40.04 25.46 17.67
N ASN A 362 -39.93 24.81 16.52
CA ASN A 362 -41.10 24.22 15.86
C ASN A 362 -41.84 23.16 16.69
N LEU A 363 -41.16 22.55 17.65
CA LEU A 363 -41.77 21.59 18.56
C LEU A 363 -42.19 22.25 19.89
N GLY A 364 -42.28 23.58 19.91
CA GLY A 364 -42.81 24.32 21.06
C GLY A 364 -41.84 24.71 22.18
N PHE A 365 -40.54 24.52 21.99
CA PHE A 365 -39.55 24.98 22.98
C PHE A 365 -39.30 26.46 22.79
N ASP A 366 -39.30 27.20 23.90
CA ASP A 366 -39.20 28.67 23.85
C ASP A 366 -38.03 29.16 24.73
N MET A 367 -37.17 29.97 24.10
CA MET A 367 -35.90 30.39 24.70
C MET A 367 -36.06 31.13 26.02
N THR A 368 -37.18 31.83 26.19
CA THR A 368 -37.43 32.56 27.43
C THR A 368 -37.58 31.67 28.66
N ASN A 369 -37.91 30.38 28.52
CA ASN A 369 -37.95 29.46 29.69
C ASN A 369 -36.55 29.01 30.18
N TYR A 370 -35.50 29.34 29.44
CA TYR A 370 -34.16 28.90 29.76
C TYR A 370 -33.17 30.08 29.65
N PRO A 371 -33.33 31.08 30.53
CA PRO A 371 -32.48 32.29 30.46
C PRO A 371 -31.00 32.07 30.83
N LYS A 372 -30.72 31.12 31.73
CA LYS A 372 -29.33 30.82 32.09
C LYS A 372 -28.55 30.19 30.93
N ALA A 373 -29.24 29.33 30.18
CA ALA A 373 -28.72 28.77 28.96
C ALA A 373 -28.39 29.84 27.94
N TYR A 374 -29.29 30.84 27.79
CA TYR A 374 -29.06 31.94 26.86
C TYR A 374 -27.89 32.80 27.32
N ALA A 375 -27.82 33.09 28.63
CA ALA A 375 -26.75 33.86 29.20
C ALA A 375 -25.36 33.21 29.00
N PHE A 376 -25.30 31.88 29.14
CA PHE A 376 -24.10 31.10 28.80
C PHE A 376 -23.69 31.31 27.32
N PHE A 377 -24.67 31.15 26.42
CA PHE A 377 -24.45 31.30 24.99
C PHE A 377 -23.99 32.68 24.60
N GLU A 378 -24.68 33.69 25.12
CA GLU A 378 -24.48 35.10 24.76
C GLU A 378 -23.04 35.53 24.66
N ASN A 379 -22.23 35.18 25.66
CA ASN A 379 -20.83 35.62 25.72
C ASN A 379 -19.79 34.49 25.60
N GLU A 380 -20.21 33.34 25.10
CA GLU A 380 -19.33 32.20 25.00
C GLU A 380 -18.47 32.31 23.74
N ILE A 381 -17.19 31.95 23.86
CA ILE A 381 -16.30 31.80 22.70
C ILE A 381 -15.37 30.62 22.95
N THR A 382 -15.30 29.70 21.99
CA THR A 382 -14.49 28.52 22.08
C THR A 382 -13.24 28.73 21.24
N LEU A 383 -12.08 28.54 21.87
CA LEU A 383 -10.79 28.68 21.20
C LEU A 383 -10.32 27.32 20.73
N PRO A 384 -9.39 27.31 19.78
CA PRO A 384 -8.82 26.06 19.32
C PRO A 384 -8.14 25.29 20.43
N LEU A 385 -8.40 23.98 20.46
CA LEU A 385 -7.74 23.09 21.40
C LEU A 385 -7.59 21.76 20.68
N HIS A 386 -6.42 21.54 20.10
CA HIS A 386 -6.11 20.31 19.40
C HIS A 386 -4.61 20.10 19.49
N THR A 387 -4.14 18.92 19.08
CA THR A 387 -2.73 18.53 19.27
C THR A 387 -1.80 18.80 18.08
N LYS A 388 -2.25 19.63 17.13
CA LYS A 388 -1.37 20.25 16.13
C LYS A 388 -1.03 21.72 16.43
N LEU A 389 -1.62 22.30 17.49
CA LEU A 389 -1.26 23.66 17.95
C LEU A 389 0.13 23.68 18.55
N SER A 390 0.90 24.71 18.23
CA SER A 390 2.22 24.92 18.85
C SER A 390 2.08 25.89 20.03
N ASP A 391 3.07 25.87 20.90
CA ASP A 391 3.07 26.80 22.04
C ASP A 391 3.07 28.26 21.57
N GLU A 392 3.72 28.54 20.43
CA GLU A 392 3.72 29.88 19.81
C GLU A 392 2.31 30.27 19.33
N GLU A 393 1.61 29.35 18.70
CA GLU A 393 0.21 29.61 18.28
C GLU A 393 -0.70 29.87 19.48
N VAL A 394 -0.54 29.06 20.53
CA VAL A 394 -1.28 29.28 21.78
C VAL A 394 -0.94 30.68 22.35
N ASP A 395 0.34 31.04 22.40
CA ASP A 395 0.74 32.38 22.92
C ASP A 395 0.07 33.51 22.15
N TYR A 396 0.07 33.37 20.82
CA TYR A 396 -0.54 34.35 19.90
C TYR A 396 -2.06 34.48 20.09
N ILE A 397 -2.75 33.33 20.24
CA ILE A 397 -4.20 33.33 20.52
C ILE A 397 -4.51 34.02 21.85
N ILE A 398 -3.75 33.69 22.88
CA ILE A 398 -3.89 34.35 24.18
C ILE A 398 -3.78 35.86 24.02
N GLU A 399 -2.67 36.32 23.44
CA GLU A 399 -2.40 37.74 23.34
C GLU A 399 -3.42 38.47 22.47
N THR A 400 -3.79 37.86 21.33
CA THR A 400 -4.73 38.47 20.41
C THR A 400 -6.10 38.57 21.04
N PHE A 401 -6.56 37.45 21.61
CA PHE A 401 -7.91 37.40 22.21
C PHE A 401 -8.07 38.48 23.30
N LYS A 402 -7.05 38.64 24.15
CA LYS A 402 -7.04 39.73 25.16
C LYS A 402 -7.12 41.12 24.55
N THR A 403 -6.32 41.37 23.51
CA THR A 403 -6.32 42.67 22.80
C THR A 403 -7.62 42.96 22.02
N VAL A 404 -8.12 41.95 21.29
CA VAL A 404 -9.36 42.11 20.51
C VAL A 404 -10.59 42.33 21.40
N SER A 405 -10.63 41.66 22.55
CA SER A 405 -11.70 41.85 23.53
C SER A 405 -11.64 43.25 24.17
N GLU A 406 -10.43 43.69 24.56
CA GLU A 406 -10.23 45.04 25.09
C GLU A 406 -10.74 46.11 24.11
N LYS A 407 -10.33 46.02 22.85
CA LYS A 407 -10.70 47.00 21.82
C LYS A 407 -12.22 47.04 21.54
N VAL A 408 -12.86 45.88 21.45
CA VAL A 408 -14.31 45.80 21.20
C VAL A 408 -15.11 46.43 22.34
N LEU A 409 -14.67 46.21 23.57
CA LEU A 409 -15.33 46.83 24.73
C LEU A 409 -15.09 48.35 24.79
N TYR B 10 -9.17 -26.89 -2.51
CA TYR B 10 -10.20 -25.83 -2.71
C TYR B 10 -10.94 -25.46 -1.43
N ASN B 11 -10.81 -24.20 -0.97
CA ASN B 11 -11.80 -23.60 -0.07
C ASN B 11 -12.26 -22.24 -0.58
N ILE B 12 -13.37 -22.23 -1.29
CA ILE B 12 -13.81 -21.07 -2.05
C ILE B 12 -14.75 -20.24 -1.19
N PRO B 13 -14.39 -18.97 -0.93
CA PRO B 13 -15.26 -18.13 -0.16
C PRO B 13 -16.35 -17.53 -1.04
N PHE B 14 -17.45 -17.11 -0.41
CA PHE B 14 -18.63 -16.59 -1.10
C PHE B 14 -18.48 -15.19 -1.68
N SER B 15 -17.86 -14.28 -0.92
CA SER B 15 -17.77 -12.88 -1.31
C SER B 15 -16.62 -12.13 -0.60
N PRO B 16 -15.35 -12.50 -0.88
CA PRO B 16 -14.25 -11.71 -0.35
C PRO B 16 -14.14 -10.37 -1.08
N PRO B 17 -13.68 -9.33 -0.38
CA PRO B 17 -13.51 -8.04 -1.00
C PRO B 17 -12.32 -8.03 -1.97
N ASP B 18 -12.49 -7.38 -3.12
CA ASP B 18 -11.43 -7.22 -4.12
C ASP B 18 -10.77 -5.84 -3.92
N ILE B 19 -9.69 -5.81 -3.16
CA ILE B 19 -9.02 -4.58 -2.79
C ILE B 19 -7.55 -4.68 -3.17
N THR B 20 -7.07 -3.68 -3.92
CA THR B 20 -5.68 -3.63 -4.37
C THR B 20 -4.95 -2.50 -3.69
N GLU B 21 -3.67 -2.36 -4.03
CA GLU B 21 -2.81 -1.28 -3.52
C GLU B 21 -3.27 0.10 -3.92
N ALA B 22 -3.91 0.24 -5.07
CA ALA B 22 -4.41 1.54 -5.50
C ALA B 22 -5.40 2.12 -4.46
N GLU B 23 -6.34 1.27 -4.00
CA GLU B 23 -7.33 1.68 -2.99
C GLU B 23 -6.67 2.09 -1.69
N ILE B 24 -5.65 1.34 -1.28
CA ILE B 24 -4.91 1.61 -0.05
C ILE B 24 -4.15 2.93 -0.18
N THR B 25 -3.52 3.18 -1.33
CA THR B 25 -2.80 4.44 -1.55
C THR B 25 -3.75 5.63 -1.49
N GLU B 26 -4.94 5.49 -2.06
CA GLU B 26 -5.94 6.58 -2.02
C GLU B 26 -6.44 6.87 -0.59
N VAL B 27 -6.64 5.83 0.21
CA VAL B 27 -7.10 6.01 1.58
C VAL B 27 -5.99 6.66 2.39
N VAL B 28 -4.78 6.16 2.24
CA VAL B 28 -3.61 6.78 2.85
C VAL B 28 -3.50 8.28 2.55
N ASP B 29 -3.73 8.66 1.30
CA ASP B 29 -3.70 10.08 0.90
C ASP B 29 -4.76 10.89 1.64
N THR B 30 -5.95 10.32 1.83
CA THR B 30 -7.01 10.96 2.64
C THR B 30 -6.55 11.09 4.09
N LEU B 31 -5.89 10.05 4.61
CA LEU B 31 -5.40 10.06 5.99
C LEU B 31 -4.24 11.01 6.28
N ARG B 32 -3.59 11.53 5.24
CA ARG B 32 -2.57 12.58 5.38
C ARG B 32 -3.13 13.97 5.12
N SER B 33 -4.37 14.06 4.62
CA SER B 33 -5.01 15.35 4.41
C SER B 33 -5.67 15.81 5.71
N GLY B 34 -6.24 17.01 5.65
CA GLY B 34 -7.06 17.52 6.74
C GLY B 34 -8.50 17.01 6.74
N TRP B 35 -8.89 16.26 5.70
CA TRP B 35 -10.26 15.82 5.52
C TRP B 35 -10.37 14.31 5.62
N ILE B 36 -10.60 13.82 6.83
CA ILE B 36 -10.81 12.39 7.06
C ILE B 36 -12.29 11.98 7.08
N THR B 37 -13.22 12.90 7.35
CA THR B 37 -14.69 12.63 7.16
C THR B 37 -15.11 13.29 5.85
N THR B 38 -16.40 13.58 5.68
CA THR B 38 -16.94 14.16 4.45
C THR B 38 -16.10 15.38 3.99
N GLY B 39 -15.56 15.30 2.78
CA GLY B 39 -14.64 16.30 2.24
C GLY B 39 -14.63 16.31 0.72
N PRO B 40 -13.54 16.82 0.10
CA PRO B 40 -13.51 16.93 -1.38
C PRO B 40 -13.64 15.63 -2.18
N LYS B 41 -13.23 14.49 -1.63
CA LYS B 41 -13.31 13.20 -2.34
C LYS B 41 -14.71 12.59 -2.38
N THR B 42 -15.48 12.76 -1.32
CA THR B 42 -16.89 12.40 -1.35
C THR B 42 -17.60 13.22 -2.43
N LYS B 43 -17.39 14.53 -2.42
CA LYS B 43 -17.93 15.43 -3.47
C LYS B 43 -17.55 14.98 -4.91
N GLU B 44 -16.27 14.62 -5.09
CA GLU B 44 -15.77 14.12 -6.36
C GLU B 44 -16.41 12.77 -6.72
N LEU B 45 -16.55 11.87 -5.73
CA LEU B 45 -17.22 10.60 -5.95
C LEU B 45 -18.68 10.77 -6.38
N GLU B 46 -19.38 11.71 -5.75
CA GLU B 46 -20.76 12.01 -6.12
C GLU B 46 -20.87 12.44 -7.58
N ARG B 47 -19.97 13.36 -7.97
CA ARG B 47 -19.88 13.87 -9.33
C ARG B 47 -19.69 12.72 -10.32
N ARG B 48 -18.64 11.93 -10.12
CA ARG B 48 -18.28 10.81 -11.01
C ARG B 48 -19.33 9.69 -11.06
N LEU B 49 -19.99 9.42 -9.93
CA LEU B 49 -21.08 8.44 -9.90
C LEU B 49 -22.29 8.93 -10.68
N SER B 50 -22.58 10.22 -10.59
CA SER B 50 -23.66 10.86 -11.38
C SER B 50 -23.41 10.72 -12.88
N LEU B 51 -22.17 10.93 -13.31
CA LEU B 51 -21.80 10.68 -14.71
C LEU B 51 -22.00 9.21 -15.10
N TYR B 52 -21.63 8.30 -14.21
CA TYR B 52 -21.72 6.87 -14.48
C TYR B 52 -23.18 6.35 -14.52
N THR B 53 -24.02 6.86 -13.62
CA THR B 53 -25.43 6.49 -13.56
C THR B 53 -26.32 7.35 -14.46
N GLN B 54 -25.73 8.33 -15.15
CA GLN B 54 -26.49 9.27 -15.97
C GLN B 54 -27.66 9.93 -15.21
N THR B 55 -27.30 10.46 -14.03
CA THR B 55 -28.21 11.23 -13.19
C THR B 55 -27.50 12.55 -12.88
N PRO B 56 -28.26 13.61 -12.57
CA PRO B 56 -27.64 14.94 -12.35
C PRO B 56 -26.83 15.09 -11.05
N LYS B 57 -27.32 14.46 -9.98
CA LYS B 57 -26.68 14.57 -8.67
C LYS B 57 -26.78 13.26 -7.93
N THR B 58 -25.79 13.02 -7.08
CA THR B 58 -25.71 11.82 -6.26
C THR B 58 -25.32 12.23 -4.85
N VAL B 59 -25.94 11.56 -3.87
CA VAL B 59 -25.65 11.76 -2.47
C VAL B 59 -24.97 10.50 -1.87
N CYS B 60 -23.70 10.63 -1.53
CA CYS B 60 -23.00 9.49 -0.94
C CYS B 60 -23.26 9.48 0.57
N LEU B 61 -23.59 8.29 1.08
CA LEU B 61 -23.99 8.09 2.48
C LEU B 61 -23.27 6.83 3.03
N ASN B 62 -23.57 6.49 4.30
CA ASN B 62 -22.92 5.35 5.00
C ASN B 62 -23.54 3.98 4.77
N SER B 63 -24.73 3.93 4.17
CA SER B 63 -25.33 2.65 3.74
C SER B 63 -26.42 2.87 2.68
N ALA B 64 -26.81 1.81 1.98
CA ALA B 64 -28.01 1.85 1.10
C ALA B 64 -29.28 1.95 1.94
N THR B 65 -29.24 1.37 3.14
CA THR B 65 -30.33 1.45 4.10
C THR B 65 -30.55 2.91 4.51
N ALA B 66 -29.46 3.65 4.75
CA ALA B 66 -29.54 5.10 4.98
C ALA B 66 -30.11 5.85 3.76
N ALA B 67 -29.62 5.52 2.57
CA ALA B 67 -30.08 6.13 1.30
C ALA B 67 -31.54 5.90 1.05
N LEU B 68 -31.97 4.65 1.25
CA LEU B 68 -33.35 4.27 0.99
C LEU B 68 -34.28 4.97 1.99
N GLU B 69 -33.90 4.93 3.26
CA GLU B 69 -34.66 5.61 4.32
C GLU B 69 -34.77 7.12 4.15
N LEU B 70 -33.71 7.76 3.67
CA LEU B 70 -33.75 9.23 3.49
C LEU B 70 -34.57 9.61 2.29
N ILE B 71 -34.58 8.77 1.27
CA ILE B 71 -35.50 8.97 0.15
C ILE B 71 -36.93 9.06 0.69
N LEU B 72 -37.31 8.09 1.50
CA LEU B 72 -38.61 8.10 2.10
C LEU B 72 -38.85 9.34 2.95
N ARG B 73 -37.86 9.72 3.75
CA ARG B 73 -38.00 10.93 4.59
C ARG B 73 -38.04 12.22 3.81
N VAL B 74 -37.37 12.26 2.65
CA VAL B 74 -37.44 13.43 1.75
C VAL B 74 -38.86 13.53 1.18
N LEU B 75 -39.38 12.41 0.71
CA LEU B 75 -40.77 12.31 0.25
C LEU B 75 -41.80 12.47 1.39
N GLU B 76 -41.34 12.52 2.63
CA GLU B 76 -42.16 12.68 3.85
C GLU B 76 -43.24 11.57 3.97
N VAL B 77 -42.86 10.38 3.54
CA VAL B 77 -43.65 9.17 3.70
C VAL B 77 -43.68 8.88 5.20
N GLY B 78 -44.87 8.64 5.75
CA GLY B 78 -45.01 8.47 7.20
C GLY B 78 -46.24 7.70 7.62
N PRO B 79 -46.67 7.86 8.89
CA PRO B 79 -47.83 7.09 9.37
C PRO B 79 -49.06 7.34 8.49
N GLY B 80 -49.85 6.29 8.26
CA GLY B 80 -51.01 6.40 7.35
C GLY B 80 -50.70 6.06 5.89
N ASP B 81 -49.47 6.33 5.44
CA ASP B 81 -49.07 6.03 4.07
C ASP B 81 -48.71 4.56 3.92
N GLU B 82 -48.76 4.06 2.69
CA GLU B 82 -48.41 2.67 2.35
C GLU B 82 -47.23 2.64 1.38
N VAL B 83 -46.34 1.65 1.55
CA VAL B 83 -45.23 1.44 0.62
C VAL B 83 -45.18 -0.03 0.19
N ILE B 84 -45.38 -0.27 -1.12
CA ILE B 84 -45.33 -1.60 -1.69
C ILE B 84 -43.89 -2.08 -1.87
N VAL B 85 -43.63 -3.30 -1.42
CA VAL B 85 -42.34 -3.96 -1.54
C VAL B 85 -42.59 -5.40 -1.94
N PRO B 86 -41.65 -6.04 -2.66
CA PRO B 86 -41.78 -7.47 -2.92
C PRO B 86 -41.65 -8.29 -1.66
N ALA B 87 -42.35 -9.42 -1.64
CA ALA B 87 -42.17 -10.43 -0.58
C ALA B 87 -40.81 -11.09 -0.64
N MET B 88 -40.20 -11.10 -1.82
CA MET B 88 -38.87 -11.69 -2.06
C MET B 88 -37.80 -10.62 -2.13
N THR B 89 -37.16 -10.36 -1.02
CA THR B 89 -36.09 -9.39 -0.97
C THR B 89 -35.41 -9.47 0.37
N TYR B 90 -34.31 -8.73 0.49
CA TYR B 90 -33.62 -8.52 1.76
C TYR B 90 -34.42 -7.60 2.67
N THR B 91 -34.31 -7.85 3.97
CA THR B 91 -35.05 -7.09 5.00
C THR B 91 -34.86 -5.55 4.91
N ALA B 92 -33.66 -5.10 4.55
CA ALA B 92 -33.36 -3.67 4.43
C ALA B 92 -34.29 -2.92 3.45
N SER B 93 -34.80 -3.60 2.43
CA SER B 93 -35.79 -3.01 1.52
C SER B 93 -37.04 -2.58 2.27
N CYS B 94 -37.45 -3.40 3.25
CA CYS B 94 -38.69 -3.21 3.98
C CYS B 94 -38.53 -2.51 5.33
N SER B 95 -37.42 -2.75 6.04
CA SER B 95 -37.18 -2.13 7.37
C SER B 95 -37.36 -0.62 7.38
N VAL B 96 -36.76 0.06 6.40
CA VAL B 96 -36.90 1.51 6.26
C VAL B 96 -38.37 2.01 6.22
N ILE B 97 -39.30 1.19 5.74
CA ILE B 97 -40.71 1.56 5.71
C ILE B 97 -41.27 1.63 7.11
N THR B 98 -40.93 0.65 7.94
CA THR B 98 -41.36 0.68 9.34
C THR B 98 -40.67 1.79 10.14
N HIS B 99 -39.43 2.16 9.77
CA HIS B 99 -38.68 3.24 10.46
C HIS B 99 -39.30 4.61 10.35
N VAL B 100 -39.85 4.92 9.20
CA VAL B 100 -40.54 6.19 9.00
C VAL B 100 -41.98 6.17 9.50
N GLY B 101 -42.47 5.02 9.96
CA GLY B 101 -43.83 4.89 10.49
C GLY B 101 -44.88 4.49 9.45
N ALA B 102 -44.49 4.41 8.17
CA ALA B 102 -45.39 3.94 7.12
C ALA B 102 -45.73 2.45 7.25
N THR B 103 -46.71 1.99 6.49
CA THR B 103 -47.20 0.61 6.53
C THR B 103 -46.68 -0.16 5.31
N PRO B 104 -45.91 -1.24 5.53
CA PRO B 104 -45.44 -1.97 4.37
C PRO B 104 -46.57 -2.81 3.77
N VAL B 105 -46.61 -2.88 2.44
CA VAL B 105 -47.54 -3.75 1.72
C VAL B 105 -46.69 -4.65 0.86
N MET B 106 -46.70 -5.93 1.18
CA MET B 106 -45.94 -6.93 0.44
C MET B 106 -46.76 -7.48 -0.72
N VAL B 107 -46.09 -7.74 -1.83
CA VAL B 107 -46.74 -8.27 -3.00
C VAL B 107 -45.96 -9.50 -3.43
N ASP B 108 -46.69 -10.57 -3.77
CA ASP B 108 -46.07 -11.83 -4.21
C ASP B 108 -45.44 -11.68 -5.58
N ILE B 109 -44.57 -12.63 -5.92
CA ILE B 109 -43.74 -12.55 -7.11
C ILE B 109 -44.28 -13.47 -8.22
N GLN B 110 -43.65 -13.43 -9.40
CA GLN B 110 -44.01 -14.34 -10.53
C GLN B 110 -43.45 -15.76 -10.35
N ALA B 111 -43.83 -16.66 -11.25
CA ALA B 111 -43.38 -18.08 -11.19
C ALA B 111 -41.96 -18.33 -11.75
N ASP B 112 -41.57 -17.50 -12.74
CA ASP B 112 -40.31 -17.60 -13.50
C ASP B 112 -39.18 -16.76 -12.96
N THR B 113 -39.52 -15.76 -12.17
CA THR B 113 -38.59 -14.69 -11.82
C THR B 113 -38.88 -14.12 -10.43
N PHE B 114 -37.88 -13.44 -9.89
CA PHE B 114 -37.99 -12.71 -8.62
C PHE B 114 -38.97 -11.52 -8.67
N GLU B 115 -39.25 -11.00 -9.86
CA GLU B 115 -40.03 -9.76 -9.95
C GLU B 115 -41.44 -9.94 -9.37
N MET B 116 -41.97 -8.89 -8.78
CA MET B 116 -43.38 -8.87 -8.35
C MET B 116 -44.30 -9.28 -9.53
N ASP B 117 -45.38 -9.98 -9.21
CA ASP B 117 -46.48 -10.17 -10.16
C ASP B 117 -47.16 -8.79 -10.26
N TYR B 118 -47.09 -8.20 -11.42
CA TYR B 118 -47.56 -6.84 -11.61
C TYR B 118 -49.09 -6.71 -11.61
N ASP B 119 -49.80 -7.80 -11.89
CA ASP B 119 -51.24 -7.82 -11.67
C ASP B 119 -51.51 -7.65 -10.17
N LEU B 120 -50.82 -8.42 -9.32
CA LEU B 120 -51.01 -8.33 -7.87
C LEU B 120 -50.56 -6.98 -7.31
N LEU B 121 -49.52 -6.41 -7.91
CA LEU B 121 -49.07 -5.06 -7.60
C LEU B 121 -50.21 -4.06 -7.85
N GLU B 122 -50.85 -4.13 -9.01
CA GLU B 122 -52.00 -3.25 -9.30
C GLU B 122 -53.06 -3.35 -8.21
N GLN B 123 -53.49 -4.56 -7.90
CA GLN B 123 -54.54 -4.82 -6.91
C GLN B 123 -54.19 -4.32 -5.51
N ALA B 124 -52.89 -4.36 -5.18
CA ALA B 124 -52.38 -3.91 -3.89
C ALA B 124 -52.40 -2.39 -3.70
N ILE B 125 -52.40 -1.62 -4.80
CA ILE B 125 -52.38 -0.15 -4.72
C ILE B 125 -53.69 0.36 -4.14
N THR B 126 -53.57 1.33 -3.23
CA THR B 126 -54.71 2.03 -2.60
C THR B 126 -54.49 3.55 -2.64
N GLU B 127 -55.47 4.27 -2.11
CA GLU B 127 -55.42 5.72 -1.86
C GLU B 127 -54.21 6.14 -0.96
N LYS B 128 -53.76 5.22 -0.09
CA LYS B 128 -52.63 5.46 0.81
C LYS B 128 -51.24 5.20 0.19
N THR B 129 -51.19 4.60 -0.99
CA THR B 129 -49.93 4.14 -1.54
C THR B 129 -49.11 5.34 -1.99
N LYS B 130 -47.88 5.42 -1.50
CA LYS B 130 -46.97 6.52 -1.84
C LYS B 130 -45.76 6.14 -2.69
N VAL B 131 -45.23 4.92 -2.45
CA VAL B 131 -44.00 4.44 -3.09
C VAL B 131 -44.10 2.95 -3.41
N ILE B 132 -43.58 2.55 -4.57
CA ILE B 132 -43.24 1.16 -4.86
C ILE B 132 -41.70 1.08 -4.82
N ILE B 133 -41.19 0.06 -4.12
CA ILE B 133 -39.77 -0.23 -4.07
C ILE B 133 -39.51 -1.57 -4.75
N PRO B 134 -39.23 -1.56 -6.06
CA PRO B 134 -38.77 -2.80 -6.66
C PRO B 134 -37.30 -3.03 -6.29
N VAL B 135 -36.88 -4.28 -6.33
CA VAL B 135 -35.50 -4.63 -6.04
C VAL B 135 -34.89 -5.27 -7.25
N GLU B 136 -33.74 -4.73 -7.66
CA GLU B 136 -33.02 -5.23 -8.81
C GLU B 136 -32.11 -6.38 -8.29
N LEU B 137 -32.75 -7.50 -8.03
CA LEU B 137 -32.11 -8.67 -7.45
C LEU B 137 -31.03 -9.26 -8.33
N ALA B 138 -29.87 -9.46 -7.74
CA ALA B 138 -28.69 -9.99 -8.39
C ALA B 138 -28.08 -9.08 -9.45
N GLY B 139 -28.61 -7.87 -9.58
CA GLY B 139 -28.25 -6.97 -10.67
C GLY B 139 -29.21 -6.91 -11.85
N ILE B 140 -30.25 -7.74 -11.80
CA ILE B 140 -31.21 -7.83 -12.89
C ILE B 140 -32.24 -6.76 -12.61
N VAL B 141 -32.42 -5.83 -13.55
CA VAL B 141 -33.32 -4.70 -13.38
C VAL B 141 -34.72 -5.13 -13.77
N CYS B 142 -35.68 -4.59 -13.03
CA CYS B 142 -37.10 -4.98 -13.18
C CYS B 142 -37.71 -4.42 -14.45
N ASP B 143 -38.94 -4.84 -14.71
CA ASP B 143 -39.71 -4.49 -15.88
C ASP B 143 -40.30 -3.09 -15.66
N TYR B 144 -39.49 -2.05 -15.86
CA TYR B 144 -39.91 -0.67 -15.57
C TYR B 144 -40.96 -0.08 -16.53
N ASP B 145 -40.99 -0.51 -17.78
CA ASP B 145 -42.09 -0.13 -18.68
C ASP B 145 -43.42 -0.52 -18.05
N ARG B 146 -43.47 -1.75 -17.56
CA ARG B 146 -44.64 -2.24 -16.86
C ARG B 146 -44.91 -1.42 -15.59
N LEU B 147 -43.89 -1.20 -14.76
CA LEU B 147 -44.07 -0.44 -13.50
C LEU B 147 -44.60 0.99 -13.66
N PHE B 148 -44.05 1.72 -14.63
CA PHE B 148 -44.56 3.06 -14.92
C PHE B 148 -45.97 3.04 -15.52
N GLN B 149 -46.26 2.03 -16.34
CA GLN B 149 -47.63 1.78 -16.81
C GLN B 149 -48.59 1.65 -15.61
N VAL B 150 -48.18 0.92 -14.60
CA VAL B 150 -48.98 0.69 -13.42
C VAL B 150 -49.24 1.92 -12.57
N VAL B 151 -48.26 2.76 -12.32
CA VAL B 151 -48.49 3.89 -11.49
C VAL B 151 -49.29 4.93 -12.18
N GLU B 152 -49.15 5.02 -13.49
CA GLU B 152 -49.87 5.93 -14.32
C GLU B 152 -51.30 5.57 -14.45
N LYS B 153 -51.55 4.29 -14.41
CA LYS B 153 -52.88 3.75 -14.50
C LYS B 153 -53.64 4.01 -13.23
N LYS B 154 -52.98 3.90 -12.13
CA LYS B 154 -53.60 4.10 -10.85
C LYS B 154 -53.45 5.52 -10.32
N ARG B 155 -52.96 6.42 -11.15
CA ARG B 155 -52.74 7.80 -10.85
C ARG B 155 -53.82 8.59 -10.10
N ASP B 156 -55.09 8.32 -10.28
CA ASP B 156 -56.16 9.01 -9.55
C ASP B 156 -56.28 8.61 -8.12
N PHE B 157 -55.70 7.49 -7.72
CA PHE B 157 -55.72 7.05 -6.37
C PHE B 157 -54.83 7.88 -5.48
N PHE B 158 -53.79 8.46 -6.09
CA PHE B 158 -52.80 9.23 -5.46
C PHE B 158 -53.10 10.68 -5.22
N THR B 159 -52.77 11.13 -4.03
CA THR B 159 -52.92 12.50 -3.64
C THR B 159 -51.67 12.92 -2.95
N ALA B 160 -51.06 13.98 -3.38
CA ALA B 160 -49.85 14.42 -2.73
C ALA B 160 -50.06 15.07 -1.37
N SER B 161 -49.50 14.48 -0.35
CA SER B 161 -49.62 14.97 1.01
C SER B 161 -48.27 15.49 1.52
N SER B 162 -47.43 15.99 0.59
CA SER B 162 -46.12 16.54 0.93
C SER B 162 -45.57 17.31 -0.26
N LYS B 163 -44.52 18.07 0.01
CA LYS B 163 -43.93 18.97 -0.96
C LYS B 163 -43.42 18.22 -2.17
N TRP B 164 -42.56 17.23 -1.92
CA TRP B 164 -41.96 16.47 -3.01
C TRP B 164 -42.91 15.47 -3.65
N GLN B 165 -43.87 14.96 -2.91
CA GLN B 165 -44.94 14.17 -3.51
C GLN B 165 -45.68 14.97 -4.59
N LYS B 166 -45.81 16.29 -4.39
CA LYS B 166 -46.47 17.21 -5.35
C LYS B 166 -45.72 17.34 -6.69
N ALA B 167 -44.39 17.21 -6.66
CA ALA B 167 -43.58 17.25 -7.87
C ALA B 167 -43.87 16.09 -8.83
N PHE B 168 -44.01 14.91 -8.26
CA PHE B 168 -44.61 13.75 -8.97
C PHE B 168 -46.05 13.97 -8.68
N ASN B 169 -46.95 13.32 -9.39
CA ASN B 169 -48.35 13.40 -8.90
C ASN B 169 -48.94 12.03 -9.05
N ARG B 170 -48.18 11.09 -8.52
CA ARG B 170 -48.36 9.68 -8.76
C ARG B 170 -47.54 8.93 -7.72
N ILE B 171 -47.67 7.61 -7.73
CA ILE B 171 -46.84 6.77 -6.90
C ILE B 171 -45.42 6.97 -7.40
N VAL B 172 -44.49 7.10 -6.47
CA VAL B 172 -43.08 7.29 -6.79
C VAL B 172 -42.40 5.91 -6.82
N ILE B 173 -41.67 5.62 -7.88
CA ILE B 173 -40.94 4.35 -7.93
C ILE B 173 -39.50 4.59 -7.47
N VAL B 174 -39.11 3.91 -6.38
CA VAL B 174 -37.78 4.01 -5.76
C VAL B 174 -37.05 2.69 -5.86
N SER B 175 -35.98 2.65 -6.66
CA SER B 175 -35.30 1.39 -6.96
C SER B 175 -34.39 0.99 -5.82
N ASP B 176 -34.62 -0.17 -5.21
CA ASP B 176 -33.58 -0.79 -4.41
C ASP B 176 -32.51 -1.40 -5.33
N SER B 177 -31.55 -0.57 -5.73
CA SER B 177 -30.46 -1.02 -6.58
C SER B 177 -29.20 -1.38 -5.79
N ALA B 178 -29.38 -1.98 -4.62
CA ALA B 178 -28.24 -2.32 -3.79
C ALA B 178 -27.23 -3.18 -4.58
N HIS B 179 -27.72 -4.03 -5.47
CA HIS B 179 -26.93 -4.98 -6.24
C HIS B 179 -26.56 -4.50 -7.65
N ALA B 180 -27.13 -3.35 -8.06
CA ALA B 180 -27.31 -3.01 -9.47
C ALA B 180 -26.49 -1.83 -10.03
N LEU B 181 -25.53 -1.32 -9.28
CA LEU B 181 -24.61 -0.34 -9.85
C LEU B 181 -23.94 -0.93 -11.13
N GLY B 182 -24.07 -0.20 -12.24
CA GLY B 182 -23.59 -0.70 -13.55
C GLY B 182 -24.54 -1.55 -14.38
N SER B 183 -25.64 -2.02 -13.80
CA SER B 183 -26.70 -2.67 -14.56
C SER B 183 -27.36 -1.64 -15.47
N THR B 184 -27.97 -2.14 -16.55
CA THR B 184 -28.75 -1.33 -17.48
C THR B 184 -30.08 -1.97 -17.85
N TYR B 185 -31.06 -1.11 -18.13
CA TYR B 185 -32.39 -1.51 -18.62
C TYR B 185 -32.58 -0.73 -19.91
N LYS B 186 -32.66 -1.47 -21.03
CA LYS B 186 -32.77 -0.90 -22.37
C LYS B 186 -31.67 0.12 -22.66
N GLY B 187 -30.43 -0.23 -22.30
CA GLY B 187 -29.30 0.67 -22.47
C GLY B 187 -29.13 1.81 -21.46
N GLN B 188 -30.17 2.10 -20.68
CA GLN B 188 -30.13 3.14 -19.66
C GLN B 188 -29.45 2.59 -18.39
N PRO B 189 -28.55 3.35 -17.76
CA PRO B 189 -27.99 2.88 -16.48
C PRO B 189 -28.96 2.86 -15.35
N SER B 190 -28.81 1.90 -14.45
CA SER B 190 -29.57 1.93 -13.22
C SER B 190 -29.18 3.19 -12.47
N GLY B 191 -30.17 3.77 -11.83
CA GLY B 191 -30.09 5.11 -11.29
C GLY B 191 -30.92 6.07 -12.09
N SER B 192 -30.93 5.90 -13.42
CA SER B 192 -31.62 6.80 -14.33
C SER B 192 -33.02 6.32 -14.79
N ILE B 193 -33.51 5.22 -14.24
CA ILE B 193 -34.77 4.59 -14.68
C ILE B 193 -35.88 4.92 -13.68
N ALA B 194 -35.72 4.49 -12.44
CA ALA B 194 -36.70 4.76 -11.41
C ALA B 194 -36.58 6.22 -10.96
N ASP B 195 -37.60 6.69 -10.23
CA ASP B 195 -37.67 8.10 -9.83
C ASP B 195 -36.56 8.44 -8.84
N PHE B 196 -36.36 7.56 -7.84
CA PHE B 196 -35.17 7.58 -7.00
C PHE B 196 -34.54 6.20 -7.01
N THR B 197 -33.24 6.15 -6.76
CA THR B 197 -32.54 4.85 -6.69
C THR B 197 -31.56 4.88 -5.55
N SER B 198 -31.46 3.79 -4.80
CA SER B 198 -30.46 3.65 -3.73
C SER B 198 -29.44 2.56 -4.09
N PHE B 199 -28.17 2.84 -3.83
CA PHE B 199 -27.06 1.89 -4.10
C PHE B 199 -26.33 1.50 -2.78
N SER B 200 -25.76 0.30 -2.75
CA SER B 200 -24.96 -0.21 -1.61
C SER B 200 -23.54 -0.42 -2.10
N PHE B 201 -22.60 0.04 -1.26
CA PHE B 201 -21.18 -0.20 -1.47
C PHE B 201 -20.63 -1.03 -0.29
N HIS B 202 -21.47 -1.91 0.26
CA HIS B 202 -21.09 -2.80 1.35
C HIS B 202 -19.98 -3.76 0.89
N ALA B 203 -19.17 -4.23 1.84
CA ALA B 203 -18.04 -5.14 1.57
C ALA B 203 -18.30 -6.22 0.53
N VAL B 204 -19.45 -6.89 0.63
CA VAL B 204 -19.78 -8.00 -0.28
C VAL B 204 -20.36 -7.61 -1.66
N LYS B 205 -20.59 -6.30 -1.92
CA LYS B 205 -21.11 -5.85 -3.23
C LYS B 205 -20.01 -5.73 -4.30
N ASN B 206 -20.43 -5.56 -5.57
CA ASN B 206 -19.51 -5.49 -6.73
C ASN B 206 -18.54 -4.32 -6.63
N PHE B 207 -19.08 -3.21 -6.15
CA PHE B 207 -18.41 -1.96 -5.98
C PHE B 207 -18.52 -1.71 -4.50
N THR B 208 -17.42 -1.49 -3.80
CA THR B 208 -17.46 -1.43 -2.34
C THR B 208 -16.61 -0.35 -1.71
N THR B 209 -17.13 0.21 -0.62
CA THR B 209 -16.39 1.07 0.30
C THR B 209 -16.44 0.49 1.71
N ALA B 210 -16.54 -0.84 1.80
CA ALA B 210 -16.65 -1.59 3.05
C ALA B 210 -17.98 -1.39 3.74
N GLU B 211 -18.31 -0.14 4.06
CA GLU B 211 -19.70 0.27 4.29
C GLU B 211 -19.93 1.59 3.55
N GLY B 212 -21.05 1.69 2.85
CA GLY B 212 -21.39 2.90 2.15
C GLY B 212 -22.54 2.73 1.21
N GLY B 213 -23.08 3.83 0.76
CA GLY B 213 -24.12 3.77 -0.25
C GLY B 213 -24.38 5.12 -0.83
N SER B 214 -25.36 5.17 -1.73
CA SER B 214 -25.77 6.42 -2.35
C SER B 214 -27.25 6.47 -2.64
N ALA B 215 -27.78 7.71 -2.68
CA ALA B 215 -29.09 8.02 -3.26
C ALA B 215 -28.85 8.91 -4.49
N THR B 216 -29.59 8.61 -5.56
CA THR B 216 -29.69 9.46 -6.76
C THR B 216 -31.15 9.49 -7.24
N TRP B 217 -31.38 10.24 -8.30
CA TRP B 217 -32.72 10.41 -8.86
C TRP B 217 -32.58 10.79 -10.30
N LYS B 218 -33.46 10.31 -11.15
CA LYS B 218 -33.34 10.64 -12.56
C LYS B 218 -33.80 12.09 -12.82
N ALA B 219 -33.31 12.63 -13.94
CA ALA B 219 -33.59 13.95 -14.42
C ALA B 219 -35.07 14.16 -14.57
N ASN B 220 -35.59 15.18 -13.89
CA ASN B 220 -37.00 15.50 -13.97
C ASN B 220 -37.12 17.02 -13.94
N PRO B 221 -37.82 17.60 -14.94
CA PRO B 221 -37.95 19.07 -15.03
C PRO B 221 -38.49 19.76 -13.76
N VAL B 222 -39.37 19.09 -13.02
CA VAL B 222 -39.98 19.66 -11.83
C VAL B 222 -39.20 19.45 -10.52
N ILE B 223 -37.95 18.98 -10.60
CA ILE B 223 -37.07 18.86 -9.45
C ILE B 223 -35.83 19.71 -9.69
N ASP B 224 -35.67 20.73 -8.83
CA ASP B 224 -34.42 21.47 -8.72
C ASP B 224 -33.44 20.50 -8.06
N ASP B 225 -32.35 20.22 -8.74
CA ASP B 225 -31.42 19.18 -8.32
C ASP B 225 -30.55 19.62 -7.14
N GLU B 226 -30.17 20.90 -7.14
CA GLU B 226 -29.38 21.48 -6.06
C GLU B 226 -30.17 21.53 -4.76
N GLU B 227 -31.44 21.90 -4.88
CA GLU B 227 -32.36 21.97 -3.75
C GLU B 227 -32.64 20.59 -3.15
N MET B 228 -32.83 19.59 -4.02
CA MET B 228 -32.98 18.17 -3.61
C MET B 228 -31.72 17.63 -2.92
N TYR B 229 -30.55 17.91 -3.48
CA TYR B 229 -29.29 17.53 -2.87
C TYR B 229 -29.13 18.18 -1.47
N LYS B 230 -29.44 19.46 -1.35
CA LYS B 230 -29.33 20.17 -0.06
C LYS B 230 -30.20 19.47 1.01
N GLU B 231 -31.40 19.01 0.64
CA GLU B 231 -32.28 18.32 1.58
C GLU B 231 -31.71 17.01 2.09
N PHE B 232 -31.08 16.22 1.23
CA PHE B 232 -30.40 14.98 1.64
C PHE B 232 -29.25 15.30 2.61
N GLN B 233 -28.47 16.31 2.27
CA GLN B 233 -27.32 16.72 3.08
C GLN B 233 -27.73 17.09 4.49
N ILE B 234 -28.78 17.91 4.57
CA ILE B 234 -29.39 18.34 5.82
C ILE B 234 -29.85 17.15 6.65
N LEU B 235 -30.56 16.19 6.04
CA LEU B 235 -31.02 15.00 6.77
C LEU B 235 -29.90 14.10 7.21
N SER B 236 -28.78 14.11 6.48
CA SER B 236 -27.63 13.24 6.76
C SER B 236 -26.67 13.78 7.85
N LEU B 237 -26.71 15.08 8.10
CA LEU B 237 -25.74 15.75 9.00
C LEU B 237 -26.49 16.56 10.07
N HIS B 238 -27.36 15.86 10.83
CA HIS B 238 -28.09 16.41 11.98
C HIS B 238 -29.05 17.57 11.71
N GLY B 239 -29.44 17.79 10.47
CA GLY B 239 -30.31 18.90 10.15
C GLY B 239 -29.63 20.23 10.05
N GLN B 240 -28.30 20.22 10.00
CA GLN B 240 -27.54 21.47 10.03
C GLN B 240 -27.65 22.23 8.69
N THR B 241 -27.91 23.53 8.76
CA THR B 241 -27.71 24.44 7.62
C THR B 241 -26.92 25.65 8.06
N LYS B 242 -26.33 26.42 7.16
CA LYS B 242 -25.52 27.58 7.63
C LYS B 242 -25.99 28.97 7.17
N SER B 252 -17.88 33.10 10.53
CA SER B 252 -19.03 32.32 10.08
C SER B 252 -19.27 31.08 10.94
N TRP B 253 -19.35 31.28 12.23
CA TRP B 253 -19.71 30.22 13.20
C TRP B 253 -21.17 29.72 13.11
N GLU B 254 -22.09 30.63 12.83
CA GLU B 254 -23.55 30.43 13.04
C GLU B 254 -24.18 29.37 12.11
N TYR B 255 -25.03 28.51 12.67
CA TYR B 255 -25.80 27.52 11.89
C TYR B 255 -27.15 27.32 12.56
N ASP B 256 -28.07 26.69 11.85
CA ASP B 256 -29.38 26.40 12.36
C ASP B 256 -29.56 24.89 12.19
N ILE B 257 -30.45 24.30 12.97
CA ILE B 257 -30.84 22.93 12.82
C ILE B 257 -32.32 23.00 12.48
N VAL B 258 -32.69 22.62 11.25
CA VAL B 258 -34.05 22.81 10.78
C VAL B 258 -35.00 21.70 11.23
N THR B 259 -34.43 20.53 11.50
CA THR B 259 -35.20 19.33 11.79
C THR B 259 -34.23 18.49 12.64
N PRO B 260 -34.75 17.67 13.59
CA PRO B 260 -33.83 16.93 14.43
C PRO B 260 -33.50 15.66 13.68
N ALA B 261 -32.53 15.76 12.77
CA ALA B 261 -32.25 14.69 11.79
C ALA B 261 -31.13 13.71 12.19
N TYR B 262 -30.44 13.14 11.18
CA TYR B 262 -29.76 11.83 11.31
C TYR B 262 -28.27 12.01 11.07
N LYS B 263 -27.53 10.89 11.08
CA LYS B 263 -26.08 10.92 10.99
C LYS B 263 -25.60 9.81 10.08
N CYS B 264 -25.61 10.05 8.78
CA CYS B 264 -25.26 9.02 7.82
C CYS B 264 -24.43 9.48 6.63
N ASN B 265 -23.62 10.52 6.82
CA ASN B 265 -22.69 11.03 5.78
C ASN B 265 -21.58 10.05 5.47
N MET B 266 -21.00 10.14 4.28
CA MET B 266 -19.85 9.32 3.93
C MET B 266 -18.54 10.05 4.14
N THR B 267 -17.56 9.33 4.70
CA THR B 267 -16.23 9.83 4.93
C THR B 267 -15.40 9.77 3.67
N ASP B 268 -14.41 10.66 3.59
CA ASP B 268 -13.42 10.63 2.50
C ASP B 268 -12.53 9.38 2.55
N ILE B 269 -12.51 8.69 3.70
CA ILE B 269 -11.89 7.35 3.80
C ILE B 269 -12.67 6.40 2.85
N MET B 270 -14.00 6.38 2.99
CA MET B 270 -14.84 5.50 2.16
C MET B 270 -14.86 5.95 0.68
N ALA B 271 -15.00 7.24 0.47
CA ALA B 271 -14.95 7.84 -0.87
C ALA B 271 -13.66 7.49 -1.60
N SER B 272 -12.52 7.55 -0.90
CA SER B 272 -11.24 7.13 -1.46
C SER B 272 -11.33 5.75 -2.08
N LEU B 273 -11.86 4.81 -1.32
CA LEU B 273 -12.06 3.45 -1.81
C LEU B 273 -12.94 3.50 -3.04
N GLY B 274 -14.01 4.29 -2.96
CA GLY B 274 -14.95 4.46 -4.06
C GLY B 274 -14.36 5.00 -5.35
N LEU B 275 -13.56 6.05 -5.25
CA LEU B 275 -12.93 6.63 -6.44
C LEU B 275 -12.10 5.61 -7.24
N VAL B 276 -11.31 4.81 -6.54
CA VAL B 276 -10.47 3.78 -7.17
C VAL B 276 -11.30 2.59 -7.69
N GLN B 277 -12.31 2.15 -6.92
CA GLN B 277 -13.24 1.10 -7.35
C GLN B 277 -13.96 1.47 -8.64
N LEU B 278 -14.41 2.73 -8.71
CA LEU B 278 -15.04 3.26 -9.92
C LEU B 278 -14.11 3.30 -11.14
N ASP B 279 -12.81 3.59 -10.94
CA ASP B 279 -11.81 3.49 -12.05
C ASP B 279 -11.71 2.05 -12.53
N ARG B 280 -11.68 1.13 -11.58
CA ARG B 280 -11.49 -0.29 -11.88
C ARG B 280 -12.78 -1.01 -12.27
N TYR B 281 -13.92 -0.33 -12.21
CA TYR B 281 -15.21 -1.02 -12.23
C TYR B 281 -15.57 -1.67 -13.56
N PRO B 282 -15.29 -0.99 -14.69
CA PRO B 282 -15.62 -1.66 -15.98
C PRO B 282 -14.88 -3.00 -16.21
N SER B 283 -13.63 -3.14 -15.75
CA SER B 283 -12.91 -4.43 -15.85
C SER B 283 -13.41 -5.49 -14.85
N LEU B 284 -13.91 -5.06 -13.69
CA LEU B 284 -14.51 -5.97 -12.71
C LEU B 284 -15.84 -6.49 -13.23
N LEU B 285 -16.64 -5.61 -13.85
CA LEU B 285 -17.86 -6.05 -14.53
C LEU B 285 -17.59 -7.08 -15.65
N GLN B 286 -16.55 -6.82 -16.45
CA GLN B 286 -16.15 -7.73 -17.54
C GLN B 286 -15.74 -9.07 -16.98
N ARG B 287 -14.91 -9.09 -15.93
CA ARG B 287 -14.57 -10.36 -15.31
C ARG B 287 -15.82 -11.10 -14.82
N ARG B 288 -16.74 -10.36 -14.19
CA ARG B 288 -17.99 -10.95 -13.69
C ARG B 288 -18.81 -11.50 -14.84
N LYS B 289 -18.88 -10.77 -15.96
CA LYS B 289 -19.48 -11.27 -17.19
C LYS B 289 -18.87 -12.61 -17.65
N ASP B 290 -17.54 -12.70 -17.67
CA ASP B 290 -16.86 -13.93 -18.11
C ASP B 290 -17.15 -15.10 -17.18
N ILE B 291 -17.24 -14.85 -15.88
CA ILE B 291 -17.54 -15.91 -14.90
C ILE B 291 -18.96 -16.43 -15.08
N VAL B 292 -19.91 -15.52 -15.24
CA VAL B 292 -21.32 -15.88 -15.43
C VAL B 292 -21.52 -16.71 -16.69
N ASP B 293 -20.88 -16.31 -17.78
CA ASP B 293 -21.00 -17.03 -19.05
C ASP B 293 -20.46 -18.45 -18.98
N ARG B 294 -19.33 -18.62 -18.27
CA ARG B 294 -18.76 -19.92 -18.05
C ARG B 294 -19.72 -20.77 -17.20
N TYR B 295 -20.34 -20.19 -16.18
CA TYR B 295 -21.36 -20.91 -15.40
C TYR B 295 -22.55 -21.32 -16.28
N ASP B 296 -23.00 -20.40 -17.15
CA ASP B 296 -24.16 -20.63 -18.00
C ASP B 296 -23.94 -21.80 -18.94
N SER B 297 -22.77 -21.85 -19.60
CA SER B 297 -22.39 -23.03 -20.39
C SER B 297 -22.43 -24.26 -19.50
N GLY B 298 -21.71 -24.24 -18.39
CA GLY B 298 -21.61 -25.41 -17.52
C GLY B 298 -22.95 -26.05 -17.12
N PHE B 299 -23.93 -25.20 -16.82
CA PHE B 299 -25.20 -25.65 -16.29
C PHE B 299 -26.27 -25.88 -17.35
N ALA B 300 -25.99 -25.55 -18.60
CA ALA B 300 -26.99 -25.74 -19.67
C ALA B 300 -27.37 -27.20 -19.81
N GLY B 301 -28.67 -27.44 -19.97
CA GLY B 301 -29.19 -28.82 -20.02
C GLY B 301 -29.20 -29.59 -18.70
N SER B 302 -28.82 -28.94 -17.60
CA SER B 302 -28.91 -29.52 -16.27
C SER B 302 -30.20 -29.07 -15.54
N ARG B 303 -30.40 -29.63 -14.37
CA ARG B 303 -31.51 -29.21 -13.51
C ARG B 303 -31.20 -27.93 -12.72
N ILE B 304 -29.96 -27.45 -12.77
CA ILE B 304 -29.59 -26.17 -12.17
C ILE B 304 -29.96 -25.04 -13.13
N HIS B 305 -30.90 -24.18 -12.71
CA HIS B 305 -31.49 -23.13 -13.54
C HIS B 305 -31.12 -21.74 -13.02
N PRO B 306 -30.16 -21.06 -13.66
CA PRO B 306 -29.77 -19.75 -13.16
C PRO B 306 -30.74 -18.67 -13.62
N LEU B 307 -30.93 -17.64 -12.79
CA LEU B 307 -31.56 -16.42 -13.29
C LEU B 307 -30.64 -15.85 -14.36
N ALA B 308 -31.28 -15.33 -15.41
CA ALA B 308 -30.54 -14.84 -16.57
C ALA B 308 -30.05 -13.42 -16.31
N HIS B 309 -28.73 -13.23 -16.43
CA HIS B 309 -28.11 -11.90 -16.32
C HIS B 309 -28.01 -11.13 -17.62
N LYS B 310 -28.25 -11.79 -18.75
CA LYS B 310 -28.36 -11.13 -20.07
C LYS B 310 -29.72 -11.46 -20.63
N THR B 311 -30.56 -10.43 -20.81
CA THR B 311 -31.88 -10.56 -21.44
C THR B 311 -32.04 -9.54 -22.61
N GLU B 312 -33.18 -9.60 -23.27
CA GLU B 312 -33.61 -8.65 -24.31
C GLU B 312 -33.58 -7.21 -23.79
N THR B 313 -34.01 -7.04 -22.53
CA THR B 313 -34.09 -5.74 -21.87
C THR B 313 -32.89 -5.40 -20.95
N VAL B 314 -32.25 -6.41 -20.37
CA VAL B 314 -31.34 -6.16 -19.26
C VAL B 314 -29.94 -6.65 -19.56
N GLU B 315 -28.96 -5.86 -19.11
CA GLU B 315 -27.58 -6.30 -18.97
C GLU B 315 -27.26 -6.13 -17.49
N SER B 316 -27.19 -7.24 -16.77
CA SER B 316 -27.03 -7.20 -15.33
C SER B 316 -25.63 -6.77 -14.89
N SER B 317 -25.53 -6.15 -13.71
CA SER B 317 -24.24 -5.96 -13.03
C SER B 317 -23.59 -7.30 -12.65
N ARG B 318 -24.39 -8.36 -12.56
CA ARG B 318 -23.93 -9.70 -12.25
C ARG B 318 -23.38 -9.70 -10.85
N HIS B 319 -24.24 -9.34 -9.90
CA HIS B 319 -23.85 -9.37 -8.50
C HIS B 319 -23.89 -10.78 -7.88
N LEU B 320 -25.01 -11.49 -8.07
CA LEU B 320 -25.24 -12.81 -7.45
C LEU B 320 -25.58 -13.84 -8.50
N TYR B 321 -24.97 -15.02 -8.44
CA TYR B 321 -25.37 -16.12 -9.31
C TYR B 321 -26.47 -16.95 -8.61
N ILE B 322 -27.66 -16.39 -8.62
CA ILE B 322 -28.86 -17.05 -8.15
C ILE B 322 -29.21 -18.20 -9.09
N THR B 323 -29.43 -19.38 -8.52
CA THR B 323 -29.87 -20.57 -9.24
C THR B 323 -31.00 -21.20 -8.47
N ARG B 324 -31.88 -21.89 -9.18
CA ARG B 324 -32.84 -22.79 -8.55
C ARG B 324 -32.67 -24.19 -9.10
N VAL B 325 -32.71 -25.19 -8.23
CA VAL B 325 -32.53 -26.59 -8.64
C VAL B 325 -33.90 -27.24 -8.83
N GLU B 326 -34.19 -27.69 -10.03
CA GLU B 326 -35.50 -28.23 -10.37
C GLU B 326 -35.77 -29.49 -9.57
N GLY B 327 -36.99 -29.61 -9.04
CA GLY B 327 -37.41 -30.78 -8.29
C GLY B 327 -36.68 -31.04 -6.98
N ALA B 328 -36.19 -29.99 -6.32
CA ALA B 328 -35.55 -30.08 -5.00
C ALA B 328 -36.49 -29.49 -3.97
N SER B 329 -36.70 -30.21 -2.88
CA SER B 329 -37.50 -29.72 -1.75
C SER B 329 -36.62 -28.84 -0.83
N LEU B 330 -37.26 -28.24 0.18
CA LEU B 330 -36.59 -27.41 1.20
C LEU B 330 -35.44 -28.13 1.88
N GLU B 331 -35.72 -29.36 2.29
CA GLU B 331 -34.80 -30.20 3.05
C GLU B 331 -33.63 -30.60 2.16
N GLU B 332 -33.95 -31.01 0.94
CA GLU B 332 -32.95 -31.37 -0.07
C GLU B 332 -32.04 -30.18 -0.43
N ARG B 333 -32.60 -28.99 -0.51
CA ARG B 333 -31.81 -27.76 -0.75
C ARG B 333 -30.81 -27.52 0.36
N ASN B 334 -31.28 -27.62 1.61
CA ASN B 334 -30.42 -27.36 2.77
C ASN B 334 -29.29 -28.35 2.76
N LEU B 335 -29.60 -29.61 2.45
CA LEU B 335 -28.61 -30.68 2.35
C LEU B 335 -27.57 -30.43 1.25
N ILE B 336 -28.01 -29.90 0.10
CA ILE B 336 -27.09 -29.62 -1.01
C ILE B 336 -26.09 -28.57 -0.58
N ILE B 337 -26.57 -27.48 0.02
CA ILE B 337 -25.70 -26.43 0.52
C ILE B 337 -24.60 -26.97 1.45
N GLN B 338 -24.96 -27.90 2.34
CA GLN B 338 -23.97 -28.45 3.29
C GLN B 338 -22.98 -29.34 2.56
N GLU B 339 -23.49 -30.10 1.59
CA GLU B 339 -22.63 -30.92 0.72
C GLU B 339 -21.70 -30.05 -0.10
N LEU B 340 -22.20 -28.91 -0.59
CA LEU B 340 -21.33 -27.95 -1.29
C LEU B 340 -20.19 -27.50 -0.39
N ALA B 341 -20.48 -27.27 0.89
CA ALA B 341 -19.48 -26.82 1.85
C ALA B 341 -18.48 -27.93 2.18
N LYS B 342 -18.94 -29.17 2.29
CA LYS B 342 -18.02 -30.31 2.47
C LYS B 342 -17.00 -30.43 1.34
N ALA B 343 -17.41 -30.04 0.12
CA ALA B 343 -16.50 -29.94 -1.01
C ALA B 343 -15.72 -28.62 -1.11
N GLY B 344 -15.80 -27.77 -0.08
CA GLY B 344 -15.09 -26.49 -0.05
C GLY B 344 -15.68 -25.40 -0.93
N ILE B 345 -16.99 -25.41 -1.12
CA ILE B 345 -17.70 -24.38 -1.91
C ILE B 345 -18.74 -23.71 -1.02
N ALA B 346 -18.47 -22.46 -0.68
CA ALA B 346 -19.41 -21.66 0.09
C ALA B 346 -20.57 -21.30 -0.85
N SER B 347 -21.74 -21.16 -0.26
CA SER B 347 -22.97 -20.82 -0.98
C SER B 347 -23.92 -20.13 -0.03
N ASN B 348 -24.99 -19.60 -0.58
CA ASN B 348 -25.93 -18.81 0.17
C ASN B 348 -27.32 -18.96 -0.37
N VAL B 349 -28.26 -18.28 0.29
CA VAL B 349 -29.65 -18.29 -0.11
C VAL B 349 -30.14 -16.87 -0.14
N HIS B 350 -30.59 -16.42 -1.30
CA HIS B 350 -31.28 -15.14 -1.46
C HIS B 350 -32.65 -15.43 -2.02
N TYR B 351 -33.73 -15.30 -1.24
CA TYR B 351 -33.75 -15.01 0.19
C TYR B 351 -34.86 -15.81 0.83
N LYS B 352 -34.82 -15.90 2.15
CA LYS B 352 -36.03 -16.20 2.89
C LYS B 352 -37.04 -15.13 2.49
N PRO B 353 -38.28 -15.53 2.13
CA PRO B 353 -39.26 -14.47 1.89
C PRO B 353 -39.51 -13.73 3.18
N LEU B 354 -39.82 -12.44 3.09
CA LEU B 354 -39.98 -11.61 4.31
C LEU B 354 -40.94 -12.22 5.35
N PRO B 355 -42.07 -12.81 4.90
CA PRO B 355 -43.00 -13.37 5.88
C PRO B 355 -42.49 -14.57 6.69
N LEU B 356 -41.41 -15.24 6.26
CA LEU B 356 -40.76 -16.25 7.12
C LEU B 356 -39.99 -15.67 8.31
N LEU B 357 -39.67 -14.38 8.24
CA LEU B 357 -38.84 -13.73 9.24
C LEU B 357 -39.67 -13.28 10.43
N THR B 358 -39.13 -13.51 11.63
CA THR B 358 -39.83 -13.22 12.88
C THR B 358 -40.34 -11.78 12.96
N ALA B 359 -39.52 -10.84 12.45
CA ALA B 359 -39.87 -9.41 12.46
C ALA B 359 -41.21 -9.14 11.77
N TYR B 360 -41.35 -9.69 10.55
CA TYR B 360 -42.50 -9.42 9.70
C TYR B 360 -43.70 -10.32 10.02
N LYS B 361 -43.45 -11.56 10.48
CA LYS B 361 -44.52 -12.39 11.15
C LYS B 361 -45.17 -11.57 12.23
N ASN B 362 -44.37 -11.03 13.14
CA ASN B 362 -44.91 -10.28 14.28
C ASN B 362 -45.74 -9.06 13.91
N LEU B 363 -45.56 -8.51 12.71
CA LEU B 363 -46.35 -7.40 12.21
C LEU B 363 -47.50 -7.88 11.32
N GLY B 364 -47.85 -9.17 11.40
CA GLY B 364 -49.02 -9.71 10.72
C GLY B 364 -48.86 -10.22 9.28
N PHE B 365 -47.64 -10.29 8.76
CA PHE B 365 -47.41 -10.85 7.43
C PHE B 365 -47.36 -12.36 7.51
N ASP B 366 -48.07 -13.04 6.60
CA ASP B 366 -48.20 -14.50 6.66
C ASP B 366 -47.78 -15.15 5.35
N MET B 367 -46.88 -16.12 5.46
CA MET B 367 -46.20 -16.75 4.32
C MET B 367 -47.16 -17.38 3.33
N THR B 368 -48.31 -17.86 3.81
CA THR B 368 -49.30 -18.46 2.92
C THR B 368 -49.91 -17.50 1.90
N ASN B 369 -49.88 -16.19 2.13
CA ASN B 369 -50.34 -15.22 1.09
C ASN B 369 -49.34 -14.99 -0.07
N TYR B 370 -48.13 -15.55 0.03
CA TYR B 370 -47.10 -15.33 -0.97
C TYR B 370 -46.43 -16.67 -1.32
N PRO B 371 -47.19 -17.60 -1.94
CA PRO B 371 -46.65 -18.93 -2.24
C PRO B 371 -45.58 -18.95 -3.35
N LYS B 372 -45.64 -18.04 -4.31
CA LYS B 372 -44.61 -17.97 -5.37
C LYS B 372 -43.26 -17.53 -4.82
N ALA B 373 -43.29 -16.59 -3.86
CA ALA B 373 -42.12 -16.19 -3.13
C ALA B 373 -41.49 -17.36 -2.37
N TYR B 374 -42.34 -18.17 -1.74
CA TYR B 374 -41.86 -19.34 -1.00
C TYR B 374 -41.28 -20.39 -1.93
N ALA B 375 -41.96 -20.62 -3.04
CA ALA B 375 -41.50 -21.57 -4.06
C ALA B 375 -40.13 -21.18 -4.66
N PHE B 376 -39.93 -19.88 -4.88
CA PHE B 376 -38.60 -19.33 -5.28
C PHE B 376 -37.54 -19.68 -4.22
N PHE B 377 -37.85 -19.39 -2.97
CA PHE B 377 -36.94 -19.63 -1.85
C PHE B 377 -36.57 -21.10 -1.69
N GLU B 378 -37.60 -21.93 -1.70
CA GLU B 378 -37.49 -23.38 -1.43
C GLU B 378 -36.30 -24.06 -2.10
N ASN B 379 -36.10 -23.80 -3.39
CA ASN B 379 -35.05 -24.48 -4.15
C ASN B 379 -33.92 -23.55 -4.66
N GLU B 380 -33.80 -22.37 -4.07
CA GLU B 380 -32.82 -21.42 -4.50
C GLU B 380 -31.45 -21.74 -3.89
N ILE B 381 -30.38 -21.61 -4.67
CA ILE B 381 -29.01 -21.66 -4.16
C ILE B 381 -28.16 -20.67 -4.94
N THR B 382 -27.44 -19.84 -4.19
CA THR B 382 -26.61 -18.81 -4.76
C THR B 382 -25.16 -19.28 -4.70
N LEU B 383 -24.50 -19.28 -5.87
CA LEU B 383 -23.09 -19.68 -5.98
C LEU B 383 -22.21 -18.47 -5.91
N PRO B 384 -20.94 -18.66 -5.58
CA PRO B 384 -20.00 -17.57 -5.55
C PRO B 384 -19.86 -16.87 -6.88
N LEU B 385 -19.89 -15.54 -6.86
CA LEU B 385 -19.65 -14.74 -8.01
C LEU B 385 -18.94 -13.48 -7.54
N HIS B 386 -17.62 -13.50 -7.65
CA HIS B 386 -16.77 -12.39 -7.26
C HIS B 386 -15.52 -12.46 -8.12
N THR B 387 -14.72 -11.41 -8.07
CA THR B 387 -13.56 -11.25 -8.96
C THR B 387 -12.21 -11.72 -8.39
N LYS B 388 -12.25 -12.53 -7.33
CA LYS B 388 -11.10 -13.34 -6.89
C LYS B 388 -11.23 -14.83 -7.29
N LEU B 389 -12.38 -15.24 -7.87
CA LEU B 389 -12.56 -16.60 -8.39
C LEU B 389 -11.71 -16.82 -9.63
N SER B 390 -11.09 -17.99 -9.73
CA SER B 390 -10.36 -18.40 -10.94
C SER B 390 -11.26 -19.24 -11.84
N ASP B 391 -10.87 -19.36 -13.12
CA ASP B 391 -11.63 -20.22 -14.01
C ASP B 391 -11.66 -21.67 -13.56
N GLU B 392 -10.57 -22.11 -12.93
CA GLU B 392 -10.48 -23.46 -12.35
C GLU B 392 -11.49 -23.63 -11.18
N GLU B 393 -11.58 -22.63 -10.30
CA GLU B 393 -12.57 -22.67 -9.23
C GLU B 393 -14.01 -22.71 -9.76
N VAL B 394 -14.29 -21.87 -10.76
CA VAL B 394 -15.59 -21.90 -11.45
C VAL B 394 -15.85 -23.30 -12.04
N ASP B 395 -14.87 -23.87 -12.73
CA ASP B 395 -15.04 -25.22 -13.34
C ASP B 395 -15.40 -26.26 -12.29
N TYR B 396 -14.69 -26.20 -11.15
CA TYR B 396 -14.90 -27.10 -10.01
C TYR B 396 -16.29 -26.94 -9.37
N ILE B 397 -16.74 -25.69 -9.20
CA ILE B 397 -18.10 -25.42 -8.68
C ILE B 397 -19.17 -25.97 -9.62
N ILE B 398 -19.01 -25.72 -10.91
CA ILE B 398 -19.93 -26.28 -11.91
C ILE B 398 -20.04 -27.79 -11.75
N GLU B 399 -18.89 -28.45 -11.81
CA GLU B 399 -18.86 -29.90 -11.80
C GLU B 399 -19.39 -30.48 -10.49
N THR B 400 -18.97 -29.89 -9.37
CA THR B 400 -19.37 -30.36 -8.06
C THR B 400 -20.85 -30.17 -7.86
N PHE B 401 -21.34 -28.97 -8.15
CA PHE B 401 -22.77 -28.66 -7.95
C PHE B 401 -23.68 -29.64 -8.72
N LYS B 402 -23.31 -29.95 -9.95
CA LYS B 402 -24.04 -30.99 -10.74
C LYS B 402 -24.00 -32.39 -10.06
N THR B 403 -22.83 -32.80 -9.61
CA THR B 403 -22.65 -34.10 -8.88
C THR B 403 -23.34 -34.14 -7.49
N VAL B 404 -23.22 -33.08 -6.70
CA VAL B 404 -23.84 -33.00 -5.37
C VAL B 404 -25.37 -33.00 -5.45
N SER B 405 -25.90 -32.31 -6.44
CA SER B 405 -27.35 -32.33 -6.71
C SER B 405 -27.85 -33.71 -7.14
N GLU B 406 -27.14 -34.34 -8.07
CA GLU B 406 -27.43 -35.73 -8.50
C GLU B 406 -27.49 -36.69 -7.31
N LYS B 407 -26.45 -36.66 -6.46
CA LYS B 407 -26.35 -37.57 -5.30
C LYS B 407 -27.46 -37.36 -4.27
N VAL B 408 -27.79 -36.11 -3.96
CA VAL B 408 -28.85 -35.78 -2.98
C VAL B 408 -30.21 -36.26 -3.46
N LEU B 409 -30.47 -36.11 -4.76
CA LEU B 409 -31.72 -36.60 -5.34
C LEU B 409 -31.78 -38.16 -5.35
N THR B 410 -30.67 -38.80 -5.69
CA THR B 410 -30.54 -40.27 -5.63
C THR B 410 -30.72 -40.86 -4.22
N LEU B 411 -30.16 -40.20 -3.22
CA LEU B 411 -30.33 -40.63 -1.83
C LEU B 411 -31.78 -40.49 -1.39
N SER B 412 -32.44 -39.41 -1.82
CA SER B 412 -33.84 -39.17 -1.47
C SER B 412 -34.79 -40.17 -2.12
N LYS B 413 -34.54 -40.51 -3.40
CA LYS B 413 -35.41 -41.49 -4.09
C LYS B 413 -35.35 -42.89 -3.43
N LYS B 414 -34.27 -43.16 -2.71
CA LYS B 414 -33.93 -44.46 -2.11
C LYS B 414 -34.55 -44.62 -0.71
N ASN C 11 13.13 -7.91 22.66
CA ASN C 11 14.14 -8.43 21.69
C ASN C 11 14.47 -7.38 20.63
N ILE C 12 15.54 -6.63 20.86
CA ILE C 12 15.81 -5.43 20.09
C ILE C 12 16.72 -5.77 18.92
N PRO C 13 16.26 -5.53 17.70
CA PRO C 13 17.10 -5.81 16.55
C PRO C 13 18.07 -4.65 16.32
N PHE C 14 19.16 -4.95 15.60
CA PHE C 14 20.21 -3.98 15.31
C PHE C 14 19.87 -2.93 14.26
N SER C 15 19.21 -3.34 13.17
CA SER C 15 18.95 -2.41 12.06
C SER C 15 17.76 -2.82 11.15
N PRO C 16 16.54 -2.82 11.69
CA PRO C 16 15.38 -3.11 10.85
C PRO C 16 15.08 -1.90 9.94
N PRO C 17 14.50 -2.15 8.77
CA PRO C 17 14.16 -1.10 7.87
C PRO C 17 12.97 -0.28 8.34
N ASP C 18 13.04 1.05 8.21
CA ASP C 18 11.93 1.94 8.50
C ASP C 18 11.19 2.27 7.20
N ILE C 19 10.15 1.51 6.90
CA ILE C 19 9.40 1.68 5.64
C ILE C 19 7.92 1.85 5.98
N THR C 20 7.32 2.88 5.40
CA THR C 20 5.90 3.18 5.60
C THR C 20 5.10 2.94 4.33
N GLU C 21 3.80 3.20 4.40
CA GLU C 21 2.88 3.12 3.25
C GLU C 21 3.20 4.07 2.13
N ALA C 22 3.78 5.22 2.43
CA ALA C 22 4.14 6.18 1.39
C ALA C 22 5.13 5.54 0.40
N GLU C 23 6.16 4.85 0.92
CA GLU C 23 7.15 4.15 0.08
C GLU C 23 6.52 3.08 -0.76
N ILE C 24 5.58 2.33 -0.19
CA ILE C 24 4.88 1.26 -0.88
C ILE C 24 4.02 1.85 -2.02
N THR C 25 3.32 2.96 -1.75
CA THR C 25 2.49 3.59 -2.75
C THR C 25 3.34 4.09 -3.93
N GLU C 26 4.51 4.65 -3.62
CA GLU C 26 5.41 5.11 -4.69
C GLU C 26 5.96 3.97 -5.57
N VAL C 27 6.28 2.83 -4.97
CA VAL C 27 6.80 1.70 -5.71
C VAL C 27 5.68 1.12 -6.58
N VAL C 28 4.50 0.97 -5.99
CA VAL C 28 3.31 0.56 -6.73
C VAL C 28 3.07 1.43 -7.97
N ASP C 29 3.20 2.75 -7.83
CA ASP C 29 3.03 3.68 -8.96
C ASP C 29 4.05 3.40 -10.07
N THR C 30 5.30 3.10 -9.69
CA THR C 30 6.34 2.71 -10.66
C THR C 30 5.94 1.40 -11.36
N LEU C 31 5.41 0.46 -10.58
CA LEU C 31 5.00 -0.84 -11.12
C LEU C 31 3.77 -0.81 -12.04
N ARG C 32 3.02 0.30 -12.06
CA ARG C 32 1.93 0.51 -13.01
C ARG C 32 2.36 1.35 -14.21
N SER C 33 3.55 1.93 -14.15
CA SER C 33 4.08 2.69 -15.28
C SER C 33 4.76 1.74 -16.28
N GLY C 34 5.21 2.31 -17.38
CA GLY C 34 6.04 1.58 -18.33
C GLY C 34 7.52 1.52 -17.96
N TRP C 35 7.92 2.21 -16.88
CA TRP C 35 9.31 2.30 -16.48
C TRP C 35 9.53 1.61 -15.13
N ILE C 36 9.85 0.33 -15.16
CA ILE C 36 10.19 -0.42 -13.95
C ILE C 36 11.70 -0.47 -13.64
N THR C 37 12.57 -0.29 -14.64
CA THR C 37 14.03 -0.08 -14.43
C THR C 37 14.31 1.40 -14.55
N THR C 38 15.57 1.78 -14.83
CA THR C 38 15.97 3.19 -14.87
C THR C 38 15.01 4.03 -15.74
N GLY C 39 14.43 5.07 -15.14
CA GLY C 39 13.41 5.88 -15.79
C GLY C 39 13.30 7.28 -15.18
N PRO C 40 12.14 7.95 -15.32
CA PRO C 40 12.00 9.33 -14.82
C PRO C 40 12.20 9.56 -13.30
N LYS C 41 11.93 8.56 -12.47
CA LYS C 41 12.07 8.68 -11.02
C LYS C 41 13.52 8.61 -10.52
N THR C 42 14.34 7.80 -11.16
CA THR C 42 15.78 7.82 -10.91
C THR C 42 16.33 9.19 -11.26
N LYS C 43 16.00 9.69 -12.45
CA LYS C 43 16.36 11.08 -12.87
C LYS C 43 15.95 12.16 -11.85
N GLU C 44 14.71 12.05 -11.36
CA GLU C 44 14.17 12.96 -10.36
C GLU C 44 14.91 12.80 -9.03
N LEU C 45 15.20 11.56 -8.63
CA LEU C 45 15.97 11.31 -7.42
C LEU C 45 17.39 11.90 -7.49
N GLU C 46 18.03 11.78 -8.63
CA GLU C 46 19.34 12.39 -8.86
C GLU C 46 19.30 13.89 -8.66
N ARG C 47 18.31 14.52 -9.29
CA ARG C 47 18.06 15.97 -9.17
C ARG C 47 17.94 16.39 -7.71
N ARG C 48 16.99 15.77 -7.01
CA ARG C 48 16.69 16.09 -5.60
C ARG C 48 17.83 15.79 -4.63
N LEU C 49 18.59 14.72 -4.89
CA LEU C 49 19.76 14.39 -4.08
C LEU C 49 20.86 15.42 -4.26
N SER C 50 21.03 15.88 -5.51
CA SER C 50 22.01 16.95 -5.80
C SER C 50 21.67 18.24 -5.04
N LEU C 51 20.39 18.59 -4.98
CA LEU C 51 19.98 19.74 -4.17
C LEU C 51 20.30 19.51 -2.68
N TYR C 52 20.05 18.29 -2.19
CA TYR C 52 20.27 17.95 -0.79
C TYR C 52 21.76 17.93 -0.38
N THR C 53 22.61 17.39 -1.27
CA THR C 53 24.05 17.31 -1.03
C THR C 53 24.79 18.54 -1.50
N GLN C 54 24.08 19.52 -2.07
CA GLN C 54 24.70 20.73 -2.62
C GLN C 54 25.84 20.42 -3.62
N THR C 55 25.50 19.55 -4.57
CA THR C 55 26.38 19.18 -5.67
C THR C 55 25.56 19.36 -6.96
N PRO C 56 26.22 19.60 -8.10
CA PRO C 56 25.48 19.86 -9.35
C PRO C 56 24.76 18.67 -9.97
N LYS C 57 25.37 17.49 -9.90
CA LYS C 57 24.80 16.28 -10.49
C LYS C 57 25.08 15.09 -9.61
N THR C 58 24.18 14.13 -9.68
CA THR C 58 24.27 12.88 -8.93
C THR C 58 23.93 11.73 -9.86
N VAL C 59 24.67 10.63 -9.69
CA VAL C 59 24.45 9.39 -10.43
C VAL C 59 23.95 8.28 -9.49
N CYS C 60 22.70 7.91 -9.64
CA CYS C 60 22.12 6.85 -8.80
C CYS C 60 22.47 5.49 -9.43
N LEU C 61 22.94 4.57 -8.59
CA LEU C 61 23.44 3.26 -8.99
C LEU C 61 22.86 2.20 -8.03
N ASN C 62 23.24 0.92 -8.25
CA ASN C 62 22.75 -0.23 -7.45
C ASN C 62 23.50 -0.51 -6.16
N SER C 63 24.66 0.14 -5.94
CA SER C 63 25.36 0.07 -4.65
C SER C 63 26.35 1.21 -4.49
N ALA C 64 26.80 1.48 -3.26
CA ALA C 64 27.93 2.40 -3.02
C ALA C 64 29.23 1.81 -3.55
N THR C 65 29.32 0.48 -3.49
CA THR C 65 30.46 -0.25 -4.04
C THR C 65 30.56 -0.03 -5.54
N ALA C 66 29.42 -0.08 -6.25
CA ALA C 66 29.37 0.33 -7.66
C ALA C 66 29.79 1.79 -7.90
N ALA C 67 29.25 2.70 -7.08
CA ALA C 67 29.58 4.13 -7.15
C ALA C 67 31.04 4.41 -6.91
N LEU C 68 31.61 3.77 -5.89
CA LEU C 68 32.99 3.99 -5.49
C LEU C 68 33.91 3.46 -6.60
N GLU C 69 33.63 2.25 -7.09
CA GLU C 69 34.40 1.64 -8.16
C GLU C 69 34.35 2.41 -9.47
N LEU C 70 33.20 2.99 -9.81
CA LEU C 70 33.11 3.75 -11.07
C LEU C 70 33.81 5.08 -10.99
N ILE C 71 33.84 5.68 -9.80
CA ILE C 71 34.64 6.86 -9.59
C ILE C 71 36.09 6.56 -9.97
N LEU C 72 36.62 5.48 -9.42
CA LEU C 72 37.97 5.08 -9.72
C LEU C 72 38.14 4.82 -11.22
N ARG C 73 37.19 4.13 -11.84
CA ARG C 73 37.29 3.84 -13.28
C ARG C 73 37.17 5.10 -14.16
N VAL C 74 36.40 6.11 -13.70
CA VAL C 74 36.30 7.38 -14.40
C VAL C 74 37.66 8.09 -14.34
N LEU C 75 38.24 8.14 -13.14
CA LEU C 75 39.60 8.67 -12.94
C LEU C 75 40.71 7.81 -13.61
N GLU C 76 40.34 6.63 -14.11
CA GLU C 76 41.23 5.69 -14.80
C GLU C 76 42.39 5.24 -13.91
N VAL C 77 42.09 5.13 -12.63
CA VAL C 77 42.98 4.54 -11.63
C VAL C 77 43.11 3.05 -12.00
N GLY C 78 44.34 2.55 -12.07
CA GLY C 78 44.58 1.18 -12.52
C GLY C 78 45.89 0.58 -12.04
N PRO C 79 46.37 -0.47 -12.73
CA PRO C 79 47.61 -1.12 -12.31
C PRO C 79 48.77 -0.10 -12.26
N GLY C 80 49.64 -0.24 -11.26
CA GLY C 80 50.72 0.70 -11.03
C GLY C 80 50.38 1.85 -10.09
N ASP C 81 49.11 2.27 -10.07
CA ASP C 81 48.66 3.37 -9.22
C ASP C 81 48.44 2.88 -7.79
N GLU C 82 48.48 3.80 -6.85
CA GLU C 82 48.23 3.50 -5.42
C GLU C 82 47.01 4.27 -4.92
N VAL C 83 46.22 3.65 -4.05
CA VAL C 83 45.07 4.29 -3.42
C VAL C 83 45.14 4.11 -1.90
N ILE C 84 45.28 5.21 -1.17
CA ILE C 84 45.33 5.20 0.28
C ILE C 84 43.93 5.04 0.87
N VAL C 85 43.82 4.11 1.82
CA VAL C 85 42.56 3.79 2.50
C VAL C 85 42.92 3.58 3.99
N PRO C 86 41.97 3.86 4.88
CA PRO C 86 42.23 3.55 6.29
C PRO C 86 42.24 2.06 6.56
N ALA C 87 43.07 1.66 7.52
CA ALA C 87 43.05 0.27 8.02
C ALA C 87 41.75 -0.08 8.73
N MET C 88 41.05 0.93 9.27
CA MET C 88 39.79 0.75 10.00
C MET C 88 38.60 1.15 9.11
N THR C 89 38.01 0.15 8.47
CA THR C 89 36.84 0.40 7.67
C THR C 89 36.28 -0.92 7.20
N TYR C 90 35.11 -0.84 6.55
CA TYR C 90 34.49 -1.97 5.89
C TYR C 90 35.26 -2.32 4.60
N THR C 91 35.28 -3.61 4.28
CA THR C 91 35.99 -4.13 3.10
C THR C 91 35.64 -3.43 1.76
N ALA C 92 34.36 -3.04 1.59
CA ALA C 92 33.93 -2.34 0.36
C ALA C 92 34.72 -1.06 0.03
N SER C 93 35.23 -0.37 1.06
CA SER C 93 36.08 0.80 0.85
C SER C 93 37.35 0.42 0.08
N CYS C 94 37.89 -0.77 0.37
CA CYS C 94 39.15 -1.23 -0.18
C CYS C 94 39.03 -2.19 -1.36
N SER C 95 37.99 -3.01 -1.38
CA SER C 95 37.79 -4.01 -2.50
C SER C 95 37.82 -3.39 -3.88
N VAL C 96 37.10 -2.27 -4.05
CA VAL C 96 37.11 -1.53 -5.31
C VAL C 96 38.51 -1.15 -5.85
N ILE C 97 39.48 -0.98 -4.96
CA ILE C 97 40.83 -0.66 -5.36
C ILE C 97 41.47 -1.85 -6.05
N THR C 98 41.27 -3.04 -5.48
CA THR C 98 41.78 -4.26 -6.12
C THR C 98 41.04 -4.59 -7.43
N HIS C 99 39.75 -4.21 -7.54
CA HIS C 99 38.93 -4.46 -8.75
C HIS C 99 39.42 -3.76 -10.00
N VAL C 100 39.87 -2.53 -9.83
CA VAL C 100 40.43 -1.77 -10.95
C VAL C 100 41.89 -2.09 -11.22
N GLY C 101 42.51 -2.94 -10.39
CA GLY C 101 43.90 -3.36 -10.58
C GLY C 101 44.90 -2.51 -9.81
N ALA C 102 44.46 -1.42 -9.18
CA ALA C 102 45.35 -0.57 -8.36
C ALA C 102 45.82 -1.27 -7.09
N THR C 103 46.81 -0.68 -6.41
CA THR C 103 47.42 -1.24 -5.20
C THR C 103 46.89 -0.49 -3.97
N PRO C 104 46.23 -1.20 -3.03
CA PRO C 104 45.75 -0.47 -1.86
C PRO C 104 46.92 -0.18 -0.92
N VAL C 105 46.91 1.00 -0.31
CA VAL C 105 47.88 1.38 0.70
C VAL C 105 47.09 1.73 1.93
N MET C 106 47.24 0.90 2.95
CA MET C 106 46.53 1.10 4.20
C MET C 106 47.34 2.01 5.13
N VAL C 107 46.64 2.85 5.87
CA VAL C 107 47.26 3.79 6.76
C VAL C 107 46.56 3.61 8.10
N ASP C 108 47.37 3.57 9.16
CA ASP C 108 46.84 3.38 10.52
C ASP C 108 46.09 4.63 10.98
N ILE C 109 45.29 4.47 12.04
CA ILE C 109 44.38 5.51 12.48
C ILE C 109 44.92 6.19 13.74
N GLN C 110 44.23 7.22 14.23
CA GLN C 110 44.61 7.92 15.48
C GLN C 110 44.21 7.11 16.74
N ALA C 111 44.64 7.59 17.91
CA ALA C 111 44.33 6.94 19.20
C ALA C 111 42.92 7.24 19.76
N ASP C 112 42.37 8.41 19.40
CA ASP C 112 41.11 8.96 19.90
C ASP C 112 39.92 8.66 19.01
N THR C 113 40.18 8.35 17.74
CA THR C 113 39.17 8.41 16.70
C THR C 113 39.50 7.42 15.58
N PHE C 114 38.47 7.11 14.79
CA PHE C 114 38.60 6.26 13.60
C PHE C 114 39.45 6.89 12.49
N GLU C 115 39.62 8.22 12.49
CA GLU C 115 40.26 8.88 11.36
C GLU C 115 41.70 8.40 11.18
N MET C 116 42.17 8.33 9.94
CA MET C 116 43.59 8.11 9.67
C MET C 116 44.47 9.09 10.47
N ASP C 117 45.63 8.62 10.91
CA ASP C 117 46.67 9.51 11.43
C ASP C 117 47.22 10.23 10.20
N TYR C 118 47.01 11.54 10.13
CA TYR C 118 47.35 12.30 8.94
C TYR C 118 48.86 12.50 8.77
N ASP C 119 49.63 12.39 9.85
CA ASP C 119 51.08 12.31 9.70
C ASP C 119 51.45 11.05 8.93
N LEU C 120 50.88 9.90 9.31
CA LEU C 120 51.17 8.62 8.62
C LEU C 120 50.66 8.63 7.18
N LEU C 121 49.53 9.30 6.96
CA LEU C 121 49.00 9.52 5.63
C LEU C 121 50.03 10.26 4.77
N GLU C 122 50.60 11.35 5.27
CA GLU C 122 51.64 12.08 4.54
C GLU C 122 52.79 11.17 4.12
N GLN C 123 53.33 10.44 5.10
CA GLN C 123 54.48 9.54 4.86
C GLN C 123 54.17 8.43 3.85
N ALA C 124 52.91 7.99 3.82
CA ALA C 124 52.46 6.93 2.92
C ALA C 124 52.35 7.38 1.44
N ILE C 125 52.19 8.68 1.20
CA ILE C 125 52.05 9.20 -0.17
C ILE C 125 53.33 8.99 -0.96
N THR C 126 53.17 8.54 -2.21
CA THR C 126 54.27 8.34 -3.15
C THR C 126 53.92 8.95 -4.51
N GLU C 127 54.87 8.82 -5.44
CA GLU C 127 54.70 9.16 -6.85
C GLU C 127 53.52 8.42 -7.54
N LYS C 128 53.18 7.22 -7.03
CA LYS C 128 52.10 6.41 -7.55
C LYS C 128 50.72 6.73 -6.98
N THR C 129 50.65 7.56 -5.95
CA THR C 129 49.40 7.78 -5.23
C THR C 129 48.45 8.61 -6.09
N LYS C 130 47.24 8.08 -6.30
CA LYS C 130 46.24 8.75 -7.14
C LYS C 130 45.00 9.26 -6.39
N VAL C 131 44.60 8.52 -5.36
CA VAL C 131 43.36 8.78 -4.61
C VAL C 131 43.58 8.48 -3.10
N ILE C 132 43.02 9.34 -2.25
CA ILE C 132 42.78 9.00 -0.84
C ILE C 132 41.28 8.78 -0.71
N ILE C 133 40.92 7.68 -0.04
CA ILE C 133 39.53 7.37 0.29
C ILE C 133 39.35 7.43 1.80
N PRO C 134 39.00 8.60 2.35
CA PRO C 134 38.59 8.60 3.74
C PRO C 134 37.20 8.02 3.89
N VAL C 135 36.88 7.49 5.06
CA VAL C 135 35.56 6.92 5.31
C VAL C 135 34.93 7.70 6.45
N GLU C 136 33.73 8.18 6.20
CA GLU C 136 32.98 8.95 7.17
C GLU C 136 32.22 7.93 8.07
N LEU C 137 32.99 7.28 8.94
CA LEU C 137 32.50 6.22 9.79
C LEU C 137 31.43 6.68 10.77
N ALA C 138 30.34 5.95 10.79
CA ALA C 138 29.18 6.22 11.63
C ALA C 138 28.43 7.50 11.28
N GLY C 139 28.82 8.16 10.19
CA GLY C 139 28.30 9.49 9.84
C GLY C 139 29.19 10.67 10.21
N ILE C 140 30.31 10.39 10.87
CA ILE C 140 31.20 11.44 11.35
C ILE C 140 32.14 11.73 10.18
N VAL C 141 32.17 12.97 9.72
CA VAL C 141 32.96 13.35 8.56
C VAL C 141 34.37 13.68 9.01
N CYS C 142 35.31 13.32 8.15
CA CYS C 142 36.73 13.45 8.43
C CYS C 142 37.20 14.89 8.41
N ASP C 143 38.45 15.07 8.84
CA ASP C 143 39.10 16.38 8.97
C ASP C 143 39.59 16.80 7.58
N TYR C 144 38.67 17.32 6.77
CA TYR C 144 38.97 17.66 5.36
C TYR C 144 39.90 18.89 5.16
N ASP C 145 39.89 19.85 6.08
CA ASP C 145 40.88 20.92 6.03
C ASP C 145 42.27 20.32 6.05
N ARG C 146 42.47 19.39 6.97
CA ARG C 146 43.72 18.67 7.06
C ARG C 146 44.00 17.88 5.78
N LEU C 147 43.02 17.11 5.29
CA LEU C 147 43.23 16.28 4.08
C LEU C 147 43.62 17.06 2.81
N PHE C 148 42.95 18.19 2.57
CA PHE C 148 43.29 19.04 1.45
C PHE C 148 44.65 19.73 1.64
N GLN C 149 44.98 20.10 2.88
CA GLN C 149 46.33 20.57 3.22
C GLN C 149 47.38 19.52 2.79
N VAL C 150 47.16 18.25 3.16
CA VAL C 150 48.11 17.16 2.83
C VAL C 150 48.36 16.96 1.33
N VAL C 151 47.31 16.97 0.51
CA VAL C 151 47.48 16.67 -0.93
C VAL C 151 48.11 17.84 -1.68
N GLU C 152 47.74 19.06 -1.28
CA GLU C 152 48.35 20.31 -1.78
C GLU C 152 49.83 20.36 -1.45
N LYS C 153 50.14 19.99 -0.21
CA LYS C 153 51.52 19.95 0.26
C LYS C 153 52.33 18.92 -0.53
N LYS C 154 51.72 17.78 -0.85
CA LYS C 154 52.40 16.72 -1.59
C LYS C 154 52.22 16.76 -3.13
N ARG C 155 51.62 17.84 -3.62
CA ARG C 155 51.39 18.06 -5.06
C ARG C 155 52.54 17.63 -5.98
N ASP C 156 53.79 18.02 -5.69
CA ASP C 156 54.99 17.66 -6.50
C ASP C 156 55.51 16.24 -6.10
N PHE C 157 54.60 15.32 -6.18
CA PHE C 157 54.77 13.87 -6.17
C PHE C 157 53.80 13.33 -7.25
N PHE C 158 52.66 14.02 -7.44
CA PHE C 158 51.63 13.64 -8.37
C PHE C 158 51.98 13.92 -9.83
N THR C 159 51.67 12.94 -10.68
CA THR C 159 51.84 13.03 -12.11
C THR C 159 50.58 12.45 -12.73
N ALA C 160 49.85 13.29 -13.49
CA ALA C 160 48.59 12.88 -14.13
C ALA C 160 48.87 11.85 -15.24
N SER C 161 48.30 10.66 -15.09
CA SER C 161 48.40 9.63 -16.11
C SER C 161 47.02 9.33 -16.73
N SER C 162 46.14 10.34 -16.77
CA SER C 162 44.80 10.18 -17.34
C SER C 162 44.14 11.52 -17.55
N LYS C 163 43.04 11.51 -18.30
CA LYS C 163 42.34 12.73 -18.69
C LYS C 163 41.87 13.52 -17.48
N TRP C 164 41.11 12.88 -16.60
CA TRP C 164 40.55 13.54 -15.44
C TRP C 164 41.57 13.80 -14.35
N GLN C 165 42.59 12.96 -14.25
CA GLN C 165 43.71 13.25 -13.37
C GLN C 165 44.36 14.58 -13.74
N LYS C 166 44.41 14.92 -15.04
CA LYS C 166 44.98 16.18 -15.53
C LYS C 166 44.19 17.43 -15.11
N ALA C 167 42.88 17.28 -15.00
CA ALA C 167 41.97 18.35 -14.59
C ALA C 167 42.25 18.78 -13.14
N PHE C 168 42.44 17.80 -12.26
CA PHE C 168 42.97 18.03 -10.93
C PHE C 168 44.45 17.98 -11.22
N ASN C 169 45.31 18.42 -10.32
CA ASN C 169 46.71 18.18 -10.58
C ASN C 169 47.36 17.70 -9.32
N ARG C 170 46.68 16.76 -8.69
CA ARG C 170 46.94 16.41 -7.31
C ARG C 170 46.26 15.09 -7.01
N ILE C 171 46.49 14.60 -5.81
CA ILE C 171 45.78 13.42 -5.35
C ILE C 171 44.31 13.84 -5.26
N VAL C 172 43.42 12.96 -5.71
CA VAL C 172 41.97 13.19 -5.65
C VAL C 172 41.41 12.61 -4.36
N ILE C 173 40.63 13.39 -3.62
CA ILE C 173 40.02 12.85 -2.39
C ILE C 173 38.60 12.39 -2.73
N VAL C 174 38.34 11.09 -2.52
CA VAL C 174 37.04 10.45 -2.77
C VAL C 174 36.43 9.93 -1.48
N SER C 175 35.33 10.53 -1.07
CA SER C 175 34.76 10.23 0.24
C SER C 175 33.94 8.94 0.19
N ASP C 176 34.33 7.95 1.00
CA ASP C 176 33.40 6.85 1.26
C ASP C 176 32.33 7.33 2.27
N SER C 177 31.27 7.95 1.75
CA SER C 177 30.18 8.44 2.58
C SER C 177 29.01 7.44 2.66
N ALA C 178 29.32 6.15 2.70
CA ALA C 178 28.28 5.15 2.78
C ALA C 178 27.31 5.42 3.94
N HIS C 179 27.84 5.93 5.06
CA HIS C 179 27.09 6.16 6.28
C HIS C 179 26.59 7.61 6.46
N ALA C 180 27.02 8.49 5.56
CA ALA C 180 27.07 9.93 5.82
C ALA C 180 26.11 10.84 5.02
N LEU C 181 25.16 10.27 4.29
CA LEU C 181 24.11 11.09 3.71
C LEU C 181 23.43 11.94 4.81
N GLY C 182 23.40 13.27 4.62
CA GLY C 182 22.91 14.19 5.64
C GLY C 182 23.88 14.69 6.70
N SER C 183 25.06 14.09 6.80
CA SER C 183 26.15 14.62 7.62
C SER C 183 26.62 15.93 7.02
N THR C 184 27.20 16.78 7.87
CA THR C 184 27.82 18.03 7.47
C THR C 184 29.20 18.23 8.10
N TYR C 185 30.06 18.94 7.38
CA TYR C 185 31.39 19.36 7.85
C TYR C 185 31.42 20.88 7.66
N LYS C 186 31.48 21.60 8.78
CA LYS C 186 31.46 23.05 8.86
C LYS C 186 30.26 23.62 8.09
N GLY C 187 29.08 23.05 8.33
CA GLY C 187 27.86 23.47 7.65
C GLY C 187 27.65 22.98 6.23
N GLN C 188 28.71 22.47 5.58
CA GLN C 188 28.63 21.97 4.21
C GLN C 188 28.10 20.52 4.25
N PRO C 189 27.17 20.15 3.35
CA PRO C 189 26.73 18.76 3.29
C PRO C 189 27.79 17.82 2.77
N SER C 190 27.78 16.60 3.29
CA SER C 190 28.59 15.56 2.71
C SER C 190 28.14 15.36 1.29
N GLY C 191 29.12 15.10 0.42
CA GLY C 191 28.93 15.16 -1.01
C GLY C 191 29.64 16.35 -1.60
N SER C 192 29.56 17.49 -0.91
CA SER C 192 30.12 18.77 -1.39
C SER C 192 31.52 19.12 -0.86
N ILE C 193 32.14 18.21 -0.11
CA ILE C 193 33.41 18.46 0.57
C ILE C 193 34.56 17.81 -0.23
N ALA C 194 34.51 16.50 -0.36
CA ALA C 194 35.55 15.77 -1.09
C ALA C 194 35.35 15.97 -2.59
N ASP C 195 36.35 15.59 -3.37
CA ASP C 195 36.31 15.79 -4.82
C ASP C 195 35.22 14.93 -5.46
N PHE C 196 35.17 13.65 -5.06
CA PHE C 196 34.02 12.77 -5.36
C PHE C 196 33.53 12.15 -4.06
N THR C 197 32.25 11.77 -4.04
CA THR C 197 31.70 11.12 -2.85
C THR C 197 30.78 10.02 -3.28
N SER C 198 30.83 8.87 -2.58
CA SER C 198 29.89 7.75 -2.83
C SER C 198 28.97 7.54 -1.63
N PHE C 199 27.69 7.28 -1.91
CA PHE C 199 26.67 7.03 -0.86
C PHE C 199 26.07 5.62 -0.99
N SER C 200 25.63 5.05 0.12
CA SER C 200 24.94 3.73 0.17
C SER C 200 23.53 3.95 0.65
N PHE C 201 22.60 3.30 -0.03
CA PHE C 201 21.19 3.26 0.36
C PHE C 201 20.80 1.79 0.66
N HIS C 202 21.75 1.02 1.19
CA HIS C 202 21.52 -0.36 1.59
C HIS C 202 20.48 -0.45 2.71
N ALA C 203 19.77 -1.56 2.80
CA ALA C 203 18.71 -1.79 3.81
C ALA C 203 19.02 -1.27 5.21
N VAL C 204 20.21 -1.54 5.69
CA VAL C 204 20.61 -1.13 7.06
C VAL C 204 21.10 0.33 7.22
N LYS C 205 21.20 1.10 6.13
CA LYS C 205 21.58 2.55 6.22
C LYS C 205 20.41 3.46 6.62
N ASN C 206 20.74 4.70 6.97
CA ASN C 206 19.74 5.71 7.45
C ASN C 206 18.69 6.02 6.40
N PHE C 207 19.16 6.09 5.16
CA PHE C 207 18.38 6.39 3.99
C PHE C 207 18.54 5.16 3.15
N THR C 208 17.45 4.50 2.74
CA THR C 208 17.58 3.21 2.08
C THR C 208 16.67 3.00 0.89
N THR C 209 17.19 2.29 -0.11
CA THR C 209 16.43 1.72 -1.22
C THR C 209 16.61 0.22 -1.25
N ALA C 210 16.85 -0.39 -0.08
CA ALA C 210 17.09 -1.83 0.08
C ALA C 210 18.44 -2.25 -0.47
N GLU C 211 18.66 -2.01 -1.76
CA GLU C 211 20.01 -1.94 -2.34
C GLU C 211 20.05 -0.72 -3.25
N GLY C 212 21.13 0.07 -3.14
CA GLY C 212 21.30 1.22 -3.97
C GLY C 212 22.41 2.12 -3.49
N GLY C 213 22.82 3.04 -4.35
CA GLY C 213 23.80 4.02 -3.96
C GLY C 213 23.90 5.11 -4.98
N SER C 214 24.82 6.05 -4.71
CA SER C 214 25.07 7.16 -5.62
C SER C 214 26.53 7.59 -5.64
N ALA C 215 26.92 8.17 -6.77
CA ALA C 215 28.17 8.93 -6.92
C ALA C 215 27.78 10.40 -7.22
N THR C 216 28.49 11.32 -6.56
CA THR C 216 28.42 12.76 -6.83
C THR C 216 29.84 13.38 -6.76
N TRP C 217 29.90 14.67 -7.01
CA TRP C 217 31.18 15.38 -7.02
C TRP C 217 30.92 16.83 -6.74
N LYS C 218 31.79 17.49 -6.00
CA LYS C 218 31.56 18.90 -5.72
C LYS C 218 31.87 19.76 -6.95
N ALA C 219 31.26 20.95 -6.98
CA ALA C 219 31.42 21.93 -8.05
C ALA C 219 32.88 22.29 -8.17
N ASN C 220 33.41 22.13 -9.38
CA ASN C 220 34.82 22.43 -9.67
C ASN C 220 34.85 22.98 -11.08
N PRO C 221 35.50 24.16 -11.28
CA PRO C 221 35.59 24.79 -12.61
C PRO C 221 36.09 23.90 -13.74
N VAL C 222 36.99 22.97 -13.43
CA VAL C 222 37.59 22.09 -14.44
C VAL C 222 36.81 20.80 -14.73
N ILE C 223 35.59 20.68 -14.22
CA ILE C 223 34.70 19.55 -14.53
C ILE C 223 33.43 20.09 -15.17
N ASP C 224 33.23 19.73 -16.44
CA ASP C 224 31.93 19.86 -17.10
C ASP C 224 31.06 18.78 -16.47
N ASP C 225 29.95 19.20 -15.89
CA ASP C 225 29.11 18.31 -15.07
C ASP C 225 28.31 17.33 -15.93
N GLU C 226 27.83 17.83 -17.07
CA GLU C 226 27.07 17.01 -18.02
C GLU C 226 27.93 15.92 -18.64
N GLU C 227 29.16 16.30 -19.00
CA GLU C 227 30.14 15.39 -19.59
C GLU C 227 30.57 14.31 -18.61
N MET C 228 30.79 14.69 -17.35
CA MET C 228 31.07 13.75 -16.24
C MET C 228 29.92 12.78 -15.98
N TYR C 229 28.70 13.30 -15.92
CA TYR C 229 27.52 12.46 -15.77
C TYR C 229 27.38 11.46 -16.92
N LYS C 230 27.58 11.90 -18.15
CA LYS C 230 27.49 11.01 -19.32
C LYS C 230 28.46 9.81 -19.21
N GLU C 231 29.66 10.08 -18.71
CA GLU C 231 30.67 9.02 -18.53
C GLU C 231 30.23 7.95 -17.51
N PHE C 232 29.64 8.36 -16.39
CA PHE C 232 29.12 7.43 -15.39
C PHE C 232 27.97 6.59 -15.98
N GLN C 233 27.08 7.25 -16.71
CA GLN C 233 25.94 6.57 -17.32
C GLN C 233 26.37 5.47 -18.28
N ILE C 234 27.33 5.83 -19.13
CA ILE C 234 27.94 4.90 -20.07
C ILE C 234 28.55 3.71 -19.37
N LEU C 235 29.33 3.95 -18.30
CA LEU C 235 29.97 2.85 -17.56
C LEU C 235 28.97 1.98 -16.83
N SER C 236 27.82 2.54 -16.45
CA SER C 236 26.80 1.84 -15.66
C SER C 236 25.85 0.96 -16.51
N LEU C 237 25.76 1.25 -17.81
CA LEU C 237 24.81 0.60 -18.70
C LEU C 237 25.51 -0.04 -19.91
N HIS C 238 26.48 -0.90 -19.65
CA HIS C 238 27.23 -1.67 -20.66
C HIS C 238 28.04 -0.88 -21.68
N GLY C 239 28.32 0.38 -21.42
CA GLY C 239 29.07 1.19 -22.38
C GLY C 239 28.24 1.70 -23.53
N GLN C 240 26.91 1.60 -23.40
CA GLN C 240 26.02 1.93 -24.50
C GLN C 240 25.93 3.46 -24.70
N THR C 241 26.07 3.92 -25.94
CA THR C 241 25.78 5.31 -26.31
C THR C 241 24.91 5.31 -27.54
N LYS C 242 24.23 6.45 -27.75
CA LYS C 242 23.49 6.73 -28.98
C LYS C 242 23.87 8.12 -29.44
N ASP C 243 24.02 8.32 -30.74
CA ASP C 243 24.27 9.69 -31.28
C ASP C 243 22.96 10.47 -31.40
N ALA C 244 23.06 11.78 -31.61
CA ALA C 244 21.89 12.67 -31.66
C ALA C 244 20.96 12.37 -32.83
N LEU C 245 21.53 11.90 -33.93
CA LEU C 245 20.76 11.45 -35.10
C LEU C 245 19.86 10.25 -34.79
N ALA C 246 20.44 9.23 -34.17
CA ALA C 246 19.71 8.06 -33.77
C ALA C 246 18.60 8.42 -32.77
N LYS C 247 18.84 9.34 -31.83
CA LYS C 247 17.77 9.71 -30.87
C LYS C 247 16.63 10.50 -31.51
N MET C 248 16.93 11.27 -32.57
CA MET C 248 15.87 12.06 -33.24
C MET C 248 14.93 11.18 -34.05
N GLN C 249 15.51 10.22 -34.78
CA GLN C 249 14.76 9.24 -35.53
C GLN C 249 13.67 8.55 -34.73
N LEU C 250 12.60 8.23 -35.44
CA LEU C 250 11.38 7.68 -34.85
C LEU C 250 11.63 6.25 -34.32
N GLY C 251 12.32 5.45 -35.14
CA GLY C 251 12.91 4.18 -34.73
C GLY C 251 14.35 4.41 -34.28
N SER C 252 14.54 4.51 -32.97
CA SER C 252 15.83 4.88 -32.37
C SER C 252 16.64 3.67 -31.89
N TRP C 253 16.74 2.65 -32.72
CA TRP C 253 17.38 1.39 -32.33
C TRP C 253 18.92 1.47 -32.19
N GLU C 254 19.55 2.25 -33.07
CA GLU C 254 21.03 2.17 -33.30
C GLU C 254 21.85 2.70 -32.12
N TYR C 255 22.91 1.97 -31.74
CA TYR C 255 23.76 2.36 -30.60
C TYR C 255 25.14 1.80 -30.81
N ASP C 256 26.09 2.31 -30.06
CA ASP C 256 27.45 1.85 -30.08
C ASP C 256 27.78 1.45 -28.64
N ILE C 257 28.79 0.60 -28.49
CA ILE C 257 29.32 0.28 -27.17
C ILE C 257 30.76 0.80 -27.21
N VAL C 258 31.08 1.80 -26.41
CA VAL C 258 32.42 2.45 -26.47
C VAL C 258 33.47 1.70 -25.67
N THR C 259 33.03 0.96 -24.68
CA THR C 259 33.94 0.26 -23.77
C THR C 259 33.13 -0.94 -23.26
N PRO C 260 33.78 -2.06 -22.93
CA PRO C 260 32.98 -3.20 -22.52
C PRO C 260 32.73 -3.07 -21.04
N ALA C 261 31.73 -2.25 -20.68
CA ALA C 261 31.54 -1.78 -19.30
C ALA C 261 30.53 -2.63 -18.47
N TYR C 262 29.84 -1.98 -17.52
CA TYR C 262 29.30 -2.65 -16.32
C TYR C 262 27.80 -2.55 -16.28
N LYS C 263 27.17 -3.08 -15.25
CA LYS C 263 25.71 -3.14 -15.14
C LYS C 263 25.33 -2.83 -13.70
N CYS C 264 25.20 -1.53 -13.42
CA CYS C 264 24.91 -1.10 -12.07
C CYS C 264 23.97 0.08 -11.97
N ASN C 265 23.07 0.24 -12.94
CA ASN C 265 22.04 1.31 -12.93
C ASN C 265 21.02 1.08 -11.84
N MET C 266 20.36 2.15 -11.40
CA MET C 266 19.29 2.05 -10.41
C MET C 266 17.93 1.99 -11.11
N THR C 267 17.06 1.11 -10.61
CA THR C 267 15.71 0.97 -11.08
C THR C 267 14.81 2.02 -10.47
N ASP C 268 13.74 2.38 -11.19
CA ASP C 268 12.71 3.27 -10.66
C ASP C 268 11.94 2.63 -9.48
N ILE C 269 12.04 1.32 -9.31
CA ILE C 269 11.56 0.65 -8.10
C ILE C 269 12.36 1.21 -6.89
N MET C 270 13.69 1.18 -7.01
CA MET C 270 14.57 1.67 -5.93
C MET C 270 14.48 3.19 -5.73
N ALA C 271 14.48 3.92 -6.86
CA ALA C 271 14.30 5.38 -6.84
C ALA C 271 13.01 5.78 -6.15
N SER C 272 11.92 5.07 -6.42
CA SER C 272 10.63 5.29 -5.72
C SER C 272 10.82 5.31 -4.22
N LEU C 273 11.47 4.29 -3.71
CA LEU C 273 11.78 4.22 -2.28
C LEU C 273 12.58 5.42 -1.89
N GLY C 274 13.57 5.77 -2.70
CA GLY C 274 14.43 6.92 -2.46
C GLY C 274 13.71 8.26 -2.40
N LEU C 275 12.82 8.52 -3.35
CA LEU C 275 12.09 9.78 -3.35
C LEU C 275 11.30 10.03 -2.05
N VAL C 276 10.64 8.99 -1.54
CA VAL C 276 9.86 9.08 -0.30
C VAL C 276 10.77 9.15 0.94
N GLN C 277 11.85 8.36 0.96
CA GLN C 277 12.85 8.40 2.05
C GLN C 277 13.45 9.80 2.18
N LEU C 278 13.79 10.41 1.05
CA LEU C 278 14.28 11.78 1.00
C LEU C 278 13.30 12.82 1.53
N ASP C 279 11.99 12.65 1.28
CA ASP C 279 10.97 13.54 1.87
C ASP C 279 10.98 13.39 3.39
N ARG C 280 11.07 12.14 3.84
CA ARG C 280 11.00 11.82 5.26
C ARG C 280 12.32 11.99 5.99
N TYR C 281 13.41 12.31 5.28
CA TYR C 281 14.74 12.18 5.84
C TYR C 281 15.09 13.15 6.98
N PRO C 282 14.68 14.42 6.84
CA PRO C 282 15.00 15.34 7.97
C PRO C 282 14.36 14.95 9.33
N SER C 283 13.16 14.36 9.33
CA SER C 283 12.56 13.84 10.58
C SER C 283 13.20 12.56 11.10
N LEU C 284 13.72 11.72 10.20
CA LEU C 284 14.46 10.51 10.59
C LEU C 284 15.80 10.88 11.20
N LEU C 285 16.47 11.88 10.62
CA LEU C 285 17.69 12.43 11.24
C LEU C 285 17.44 13.00 12.65
N GLN C 286 16.34 13.73 12.81
CA GLN C 286 15.94 14.30 14.12
C GLN C 286 15.69 13.19 15.12
N ARG C 287 14.96 12.15 14.75
CA ARG C 287 14.75 11.04 15.66
C ARG C 287 16.10 10.41 16.05
N ARG C 288 16.99 10.23 15.07
CA ARG C 288 18.32 9.67 15.32
C ARG C 288 19.13 10.56 16.26
N LYS C 289 19.04 11.87 16.05
CA LYS C 289 19.62 12.85 16.98
C LYS C 289 19.10 12.65 18.42
N ASP C 290 17.78 12.51 18.59
CA ASP C 290 17.20 12.34 19.93
C ASP C 290 17.65 11.07 20.60
N ILE C 291 17.80 9.99 19.83
CA ILE C 291 18.26 8.70 20.37
C ILE C 291 19.70 8.79 20.83
N VAL C 292 20.55 9.40 20.03
CA VAL C 292 21.98 9.54 20.34
C VAL C 292 22.18 10.37 21.60
N ASP C 293 21.44 11.47 21.72
CA ASP C 293 21.54 12.36 22.88
C ASP C 293 21.13 11.67 24.17
N ARG C 294 20.09 10.85 24.11
CA ARG C 294 19.65 10.07 25.24
C ARG C 294 20.72 9.05 25.62
N TYR C 295 21.34 8.40 24.65
CA TYR C 295 22.46 7.50 24.92
C TYR C 295 23.63 8.25 25.59
N ASP C 296 23.95 9.45 25.07
CA ASP C 296 25.07 10.24 25.56
C ASP C 296 24.88 10.61 27.04
N SER C 297 23.70 11.08 27.40
CA SER C 297 23.36 11.29 28.82
C SER C 297 23.57 9.99 29.59
N GLY C 298 22.92 8.93 29.15
CA GLY C 298 23.00 7.65 29.87
C GLY C 298 24.40 7.15 30.20
N PHE C 299 25.33 7.31 29.26
CA PHE C 299 26.66 6.77 29.39
C PHE C 299 27.68 7.74 29.95
N ALA C 300 27.30 8.98 30.19
CA ALA C 300 28.22 9.96 30.75
C ALA C 300 28.71 9.52 32.13
N GLY C 301 30.01 9.70 32.36
CA GLY C 301 30.64 9.25 33.59
C GLY C 301 30.83 7.75 33.74
N SER C 302 30.49 6.97 32.70
CA SER C 302 30.70 5.53 32.69
C SER C 302 32.00 5.15 31.94
N ARG C 303 32.30 3.86 31.95
CA ARG C 303 33.39 3.29 31.17
C ARG C 303 33.08 3.17 29.67
N ILE C 304 31.80 3.31 29.31
CA ILE C 304 31.35 3.24 27.93
C ILE C 304 31.55 4.62 27.27
N HIS C 305 32.43 4.68 26.27
CA HIS C 305 32.86 5.93 25.63
C HIS C 305 32.40 5.96 24.16
N PRO C 306 31.32 6.72 23.86
CA PRO C 306 30.85 6.75 22.48
C PRO C 306 31.68 7.69 21.61
N LEU C 307 31.81 7.38 20.33
CA LEU C 307 32.29 8.39 19.39
C LEU C 307 31.29 9.53 19.38
N ALA C 308 31.82 10.74 19.30
CA ALA C 308 30.99 11.94 19.32
C ALA C 308 30.42 12.20 17.92
N HIS C 309 29.09 12.27 17.86
CA HIS C 309 28.36 12.66 16.63
C HIS C 309 28.12 14.14 16.46
N LYS C 310 28.36 14.93 17.51
CA LYS C 310 28.30 16.39 17.47
C LYS C 310 29.68 16.91 17.88
N THR C 311 30.36 17.60 16.96
CA THR C 311 31.65 18.27 17.22
C THR C 311 31.61 19.73 16.78
N GLU C 312 32.71 20.45 17.01
CA GLU C 312 32.88 21.84 16.56
C GLU C 312 32.77 21.93 15.03
N THR C 313 33.30 20.90 14.35
CA THR C 313 33.26 20.82 12.89
C THR C 313 32.12 19.96 12.29
N VAL C 314 31.63 18.97 13.01
CA VAL C 314 30.77 17.96 12.41
C VAL C 314 29.42 17.88 13.06
N GLU C 315 28.39 17.69 12.24
CA GLU C 315 27.07 17.26 12.66
C GLU C 315 26.83 15.96 11.92
N SER C 316 26.92 14.84 12.65
CA SER C 316 26.85 13.53 12.03
C SER C 316 25.44 13.16 11.58
N SER C 317 25.36 12.34 10.53
CA SER C 317 24.11 11.66 10.17
C SER C 317 23.61 10.72 11.28
N ARG C 318 24.52 10.29 12.15
CA ARG C 318 24.22 9.41 13.27
C ARG C 318 23.74 8.08 12.74
N HIS C 319 24.62 7.45 11.96
CA HIS C 319 24.34 6.12 11.44
C HIS C 319 24.55 4.99 12.46
N LEU C 320 25.70 4.98 13.11
CA LEU C 320 26.11 3.89 14.03
C LEU C 320 26.46 4.48 15.40
N TYR C 321 25.97 3.87 16.48
CA TYR C 321 26.42 4.25 17.82
C TYR C 321 27.61 3.38 18.21
N ILE C 322 28.76 3.73 17.63
CA ILE C 322 30.04 3.17 18.00
C ILE C 322 30.40 3.61 19.42
N THR C 323 30.77 2.63 20.26
CA THR C 323 31.29 2.89 21.61
C THR C 323 32.50 2.04 21.82
N ARG C 324 33.38 2.50 22.70
CA ARG C 324 34.49 1.65 23.17
C ARG C 324 34.44 1.59 24.68
N VAL C 325 34.64 0.39 25.24
CA VAL C 325 34.57 0.18 26.70
C VAL C 325 35.99 0.23 27.26
N GLU C 326 36.24 1.18 28.16
CA GLU C 326 37.58 1.43 28.68
C GLU C 326 38.09 0.21 29.43
N GLY C 327 39.36 -0.12 29.18
CA GLY C 327 40.03 -1.22 29.87
C GLY C 327 39.48 -2.63 29.64
N ALA C 328 38.87 -2.87 28.47
CA ALA C 328 38.29 -4.18 28.13
C ALA C 328 39.19 -4.85 27.10
N SER C 329 39.53 -6.11 27.33
CA SER C 329 40.30 -6.90 26.38
C SER C 329 39.39 -7.47 25.29
N LEU C 330 40.00 -8.11 24.29
CA LEU C 330 39.28 -8.75 23.18
C LEU C 330 38.26 -9.78 23.66
N GLU C 331 38.69 -10.62 24.60
CA GLU C 331 37.89 -11.71 25.15
C GLU C 331 36.72 -11.14 25.95
N GLU C 332 37.02 -10.15 26.77
CA GLU C 332 36.02 -9.45 27.58
C GLU C 332 34.97 -8.73 26.73
N ARG C 333 35.41 -8.15 25.61
CA ARG C 333 34.49 -7.53 24.65
C ARG C 333 33.52 -8.54 24.06
N ASN C 334 34.07 -9.67 23.63
CA ASN C 334 33.24 -10.71 22.98
C ASN C 334 32.23 -11.19 23.98
N LEU C 335 32.64 -11.36 25.24
CA LEU C 335 31.76 -11.79 26.33
C LEU C 335 30.63 -10.76 26.60
N ILE C 336 30.95 -9.47 26.54
CA ILE C 336 29.94 -8.43 26.77
C ILE C 336 28.85 -8.51 25.69
N ILE C 337 29.28 -8.59 24.45
CA ILE C 337 28.36 -8.72 23.32
C ILE C 337 27.40 -9.91 23.53
N GLN C 338 27.90 -11.05 24.00
CA GLN C 338 27.04 -12.22 24.19
C GLN C 338 26.08 -12.00 25.34
N GLU C 339 26.57 -11.36 26.40
CA GLU C 339 25.72 -10.98 27.52
C GLU C 339 24.64 -9.99 27.09
N LEU C 340 25.00 -9.05 26.22
CA LEU C 340 24.00 -8.14 25.64
C LEU C 340 22.89 -8.91 24.93
N ALA C 341 23.28 -9.96 24.20
CA ALA C 341 22.33 -10.77 23.45
C ALA C 341 21.45 -11.63 24.37
N LYS C 342 22.02 -12.15 25.46
CA LYS C 342 21.22 -12.87 26.45
C LYS C 342 20.12 -12.00 27.06
N ALA C 343 20.39 -10.68 27.17
CA ALA C 343 19.37 -9.70 27.58
C ALA C 343 18.49 -9.19 26.45
N GLY C 344 18.57 -9.79 25.26
CA GLY C 344 17.76 -9.40 24.11
C GLY C 344 18.17 -8.10 23.43
N ILE C 345 19.47 -7.79 23.45
CA ILE C 345 20.01 -6.58 22.80
C ILE C 345 21.05 -7.02 21.77
N ALA C 346 20.69 -6.84 20.50
CA ALA C 346 21.59 -7.11 19.41
C ALA C 346 22.66 -6.01 19.42
N SER C 347 23.86 -6.39 19.00
CA SER C 347 24.97 -5.46 18.89
C SER C 347 25.93 -5.98 17.85
N ASN C 348 26.91 -5.15 17.52
CA ASN C 348 27.82 -5.45 16.47
C ASN C 348 29.17 -4.85 16.72
N VAL C 349 30.09 -5.11 15.79
CA VAL C 349 31.44 -4.60 15.86
C VAL C 349 31.78 -3.98 14.53
N HIS C 350 32.11 -2.69 14.58
CA HIS C 350 32.63 -1.97 13.41
C HIS C 350 33.99 -1.43 13.80
N TYR C 351 35.09 -1.97 13.28
CA TYR C 351 35.16 -3.17 12.44
C TYR C 351 36.36 -3.98 12.87
N LYS C 352 36.43 -5.22 12.44
CA LYS C 352 37.71 -5.89 12.32
C LYS C 352 38.57 -5.00 11.43
N PRO C 353 39.81 -4.66 11.85
CA PRO C 353 40.65 -3.91 10.90
C PRO C 353 40.92 -4.75 9.69
N LEU C 354 41.08 -4.13 8.54
CA LEU C 354 41.25 -4.88 7.27
C LEU C 354 42.31 -5.98 7.35
N PRO C 355 43.46 -5.72 8.00
CA PRO C 355 44.49 -6.77 8.05
C PRO C 355 44.13 -8.04 8.83
N LEU C 356 43.11 -8.01 9.68
CA LEU C 356 42.59 -9.25 10.29
C LEU C 356 41.81 -10.14 9.34
N LEU C 357 41.38 -9.58 8.20
CA LEU C 357 40.54 -10.31 7.24
C LEU C 357 41.40 -11.15 6.31
N THR C 358 40.95 -12.37 6.07
CA THR C 358 41.71 -13.34 5.26
C THR C 358 42.09 -12.79 3.87
N ALA C 359 41.17 -12.04 3.26
CA ALA C 359 41.37 -11.42 1.94
C ALA C 359 42.63 -10.55 1.91
N TYR C 360 42.75 -9.66 2.89
CA TYR C 360 43.83 -8.67 2.93
C TYR C 360 45.12 -9.22 3.55
N LYS C 361 45.02 -10.16 4.51
CA LYS C 361 46.19 -10.99 4.93
C LYS C 361 46.84 -11.58 3.69
N ASN C 362 46.03 -12.27 2.87
CA ASN C 362 46.57 -12.98 1.70
C ASN C 362 47.27 -12.07 0.69
N LEU C 363 46.96 -10.78 0.68
CA LEU C 363 47.62 -9.80 -0.19
C LEU C 363 48.76 -9.08 0.55
N GLY C 364 49.23 -9.63 1.67
CA GLY C 364 50.40 -9.12 2.39
C GLY C 364 50.20 -8.03 3.43
N PHE C 365 48.97 -7.70 3.77
CA PHE C 365 48.71 -6.72 4.84
C PHE C 365 48.81 -7.42 6.19
N ASP C 366 49.53 -6.80 7.13
CA ASP C 366 49.81 -7.43 8.43
C ASP C 366 49.38 -6.52 9.58
N MET C 367 48.58 -7.11 10.48
CA MET C 367 47.90 -6.37 11.56
C MET C 367 48.86 -5.61 12.47
N THR C 368 50.07 -6.15 12.64
CA THR C 368 51.06 -5.50 13.50
C THR C 368 51.52 -4.12 12.98
N ASN C 369 51.39 -3.82 11.69
CA ASN C 369 51.70 -2.44 11.20
C ASN C 369 50.63 -1.37 11.52
N TYR C 370 49.48 -1.80 12.06
CA TYR C 370 48.37 -0.89 12.34
C TYR C 370 47.82 -1.16 13.75
N PRO C 371 48.63 -0.89 14.78
CA PRO C 371 48.20 -1.19 16.16
C PRO C 371 47.07 -0.29 16.71
N LYS C 372 46.99 0.95 16.24
CA LYS C 372 45.90 1.84 16.68
C LYS C 372 44.54 1.39 16.15
N ALA C 373 44.53 0.89 14.91
CA ALA C 373 43.38 0.25 14.32
C ALA C 373 42.92 -0.96 15.12
N TYR C 374 43.88 -1.78 15.57
CA TYR C 374 43.56 -2.97 16.38
C TYR C 374 43.02 -2.54 17.74
N ALA C 375 43.64 -1.53 18.35
CA ALA C 375 43.22 -1.02 19.65
C ALA C 375 41.79 -0.46 19.62
N PHE C 376 41.45 0.24 18.52
CA PHE C 376 40.06 0.66 18.27
C PHE C 376 39.09 -0.56 18.25
N PHE C 377 39.45 -1.56 17.46
CA PHE C 377 38.64 -2.77 17.29
C PHE C 377 38.46 -3.53 18.59
N GLU C 378 39.57 -3.73 19.31
CA GLU C 378 39.63 -4.57 20.51
C GLU C 378 38.47 -4.36 21.48
N ASN C 379 38.18 -3.10 21.78
CA ASN C 379 37.14 -2.78 22.77
C ASN C 379 35.90 -2.07 22.22
N GLU C 380 35.70 -2.15 20.91
CA GLU C 380 34.60 -1.49 20.28
C GLU C 380 33.32 -2.31 20.43
N ILE C 381 32.19 -1.65 20.68
CA ILE C 381 30.87 -2.28 20.61
C ILE C 381 29.88 -1.27 20.05
N THR C 382 29.13 -1.69 19.04
CA THR C 382 28.16 -0.84 18.38
C THR C 382 26.78 -1.23 18.88
N LEU C 383 26.03 -0.23 19.37
CA LEU C 383 24.68 -0.43 19.87
C LEU C 383 23.70 -0.11 18.76
N PRO C 384 22.47 -0.60 18.88
CA PRO C 384 21.44 -0.28 17.92
C PRO C 384 21.17 1.21 17.83
N LEU C 385 21.06 1.72 16.62
CA LEU C 385 20.67 3.10 16.38
C LEU C 385 19.88 3.10 15.09
N HIS C 386 18.55 3.08 15.24
CA HIS C 386 17.63 3.10 14.11
C HIS C 386 16.35 3.76 14.59
N THR C 387 15.45 4.06 13.66
CA THR C 387 14.24 4.85 13.98
C THR C 387 12.98 4.03 14.27
N LYS C 388 13.15 2.73 14.55
CA LYS C 388 12.11 1.91 15.17
C LYS C 388 12.36 1.65 16.69
N LEU C 389 13.51 2.11 17.23
CA LEU C 389 13.78 2.06 18.66
C LEU C 389 12.89 3.02 19.43
N SER C 390 12.39 2.57 20.57
CA SER C 390 11.59 3.44 21.47
C SER C 390 12.50 3.99 22.56
N ASP C 391 12.05 5.06 23.21
CA ASP C 391 12.80 5.61 24.34
C ASP C 391 13.00 4.61 25.46
N GLU C 392 12.00 3.74 25.67
CA GLU C 392 12.09 2.65 26.65
C GLU C 392 13.18 1.62 26.27
N GLU C 393 13.25 1.26 25.00
CA GLU C 393 14.32 0.35 24.52
C GLU C 393 15.70 0.97 24.69
N VAL C 394 15.83 2.25 24.34
CA VAL C 394 17.08 3.00 24.57
C VAL C 394 17.42 2.98 26.08
N ASP C 395 16.45 3.28 26.95
CA ASP C 395 16.70 3.28 28.41
C ASP C 395 17.23 1.93 28.89
N TYR C 396 16.60 0.87 28.40
CA TYR C 396 16.96 -0.53 28.75
C TYR C 396 18.37 -0.91 28.27
N ILE C 397 18.71 -0.52 27.04
CA ILE C 397 20.07 -0.75 26.49
C ILE C 397 21.12 -0.01 27.32
N ILE C 398 20.86 1.25 27.64
CA ILE C 398 21.74 2.03 28.51
C ILE C 398 21.98 1.29 29.82
N GLU C 399 20.90 0.96 30.52
CA GLU C 399 21.00 0.35 31.85
C GLU C 399 21.69 -1.02 31.78
N THR C 400 21.32 -1.84 30.80
CA THR C 400 21.86 -3.17 30.68
C THR C 400 23.33 -3.12 30.36
N PHE C 401 23.68 -2.32 29.35
CA PHE C 401 25.07 -2.22 28.89
C PHE C 401 26.01 -1.81 30.04
N LYS C 402 25.58 -0.82 30.84
CA LYS C 402 26.34 -0.42 32.06
C LYS C 402 26.52 -1.55 33.06
N THR C 403 25.43 -2.28 33.34
CA THR C 403 25.47 -3.43 34.27
C THR C 403 26.30 -4.63 33.75
N VAL C 404 26.10 -4.99 32.48
CA VAL C 404 26.82 -6.12 31.88
C VAL C 404 28.34 -5.84 31.78
N SER C 405 28.72 -4.61 31.48
CA SER C 405 30.12 -4.21 31.45
C SER C 405 30.75 -4.22 32.83
N GLU C 406 30.05 -3.66 33.83
CA GLU C 406 30.51 -3.70 35.23
C GLU C 406 30.80 -5.14 35.67
N LYS C 407 29.84 -6.05 35.46
CA LYS C 407 29.98 -7.44 35.89
C LYS C 407 31.14 -8.19 35.22
N VAL C 408 31.29 -8.01 33.91
CA VAL C 408 32.36 -8.68 33.15
C VAL C 408 33.74 -8.23 33.60
N LEU C 409 33.88 -6.94 33.89
CA LEU C 409 35.14 -6.41 34.40
C LEU C 409 35.44 -6.90 35.84
N THR C 410 34.40 -6.92 36.69
CA THR C 410 34.55 -7.55 38.02
C THR C 410 34.45 -9.06 37.85
N TYR D 10 -3.09 2.78 -33.93
CA TYR D 10 -2.02 1.83 -33.45
C TYR D 10 -0.69 2.52 -33.08
N ASN D 11 -0.28 2.39 -31.81
CA ASN D 11 1.12 2.70 -31.43
C ASN D 11 1.74 1.58 -30.60
N ILE D 12 2.41 0.67 -31.26
CA ILE D 12 2.79 -0.61 -30.66
C ILE D 12 4.18 -0.50 -30.09
N PRO D 13 4.34 -0.70 -28.78
CA PRO D 13 5.66 -0.64 -28.20
C PRO D 13 6.38 -1.98 -28.39
N PHE D 14 7.71 -1.96 -28.32
CA PHE D 14 8.55 -3.14 -28.53
C PHE D 14 8.55 -4.16 -27.40
N SER D 15 8.62 -3.69 -26.16
CA SER D 15 8.77 -4.59 -25.01
C SER D 15 8.34 -3.95 -23.67
N PRO D 16 7.02 -3.66 -23.52
CA PRO D 16 6.54 -3.17 -22.24
C PRO D 16 6.52 -4.32 -21.22
N PRO D 17 6.70 -4.00 -19.93
CA PRO D 17 6.60 -5.00 -18.88
C PRO D 17 5.15 -5.43 -18.66
N ASP D 18 4.94 -6.73 -18.46
CA ASP D 18 3.60 -7.29 -18.15
C ASP D 18 3.52 -7.47 -16.64
N ILE D 19 2.95 -6.49 -15.96
CA ILE D 19 2.91 -6.49 -14.49
C ILE D 19 1.47 -6.34 -14.02
N THR D 20 1.03 -7.24 -13.14
CA THR D 20 -0.34 -7.22 -12.62
C THR D 20 -0.34 -6.86 -11.13
N GLU D 21 -1.54 -6.84 -10.54
CA GLU D 21 -1.72 -6.56 -9.13
C GLU D 21 -1.07 -7.59 -8.21
N ALA D 22 -1.00 -8.84 -8.65
CA ALA D 22 -0.39 -9.88 -7.84
C ALA D 22 1.08 -9.53 -7.53
N GLU D 23 1.84 -9.09 -8.55
CA GLU D 23 3.24 -8.69 -8.37
C GLU D 23 3.39 -7.54 -7.38
N ILE D 24 2.49 -6.57 -7.49
CA ILE D 24 2.49 -5.39 -6.64
C ILE D 24 2.18 -5.80 -5.18
N THR D 25 1.20 -6.69 -4.99
CA THR D 25 0.85 -7.17 -3.65
C THR D 25 2.01 -7.92 -3.01
N GLU D 26 2.73 -8.72 -3.80
CA GLU D 26 3.89 -9.46 -3.27
C GLU D 26 5.04 -8.53 -2.87
N VAL D 27 5.28 -7.46 -3.64
CA VAL D 27 6.34 -6.52 -3.32
C VAL D 27 5.97 -5.75 -2.06
N VAL D 28 4.73 -5.29 -2.01
CA VAL D 28 4.20 -4.66 -0.81
C VAL D 28 4.39 -5.52 0.45
N ASP D 29 4.12 -6.82 0.36
CA ASP D 29 4.33 -7.75 1.48
C ASP D 29 5.79 -7.78 1.92
N THR D 30 6.72 -7.77 0.96
CA THR D 30 8.16 -7.68 1.27
C THR D 30 8.47 -6.34 1.98
N LEU D 31 7.86 -5.26 1.50
CA LEU D 31 8.06 -3.94 2.08
C LEU D 31 7.46 -3.73 3.48
N ARG D 32 6.60 -4.63 3.94
CA ARG D 32 6.10 -4.63 5.32
C ARG D 32 6.87 -5.62 6.22
N SER D 33 7.71 -6.46 5.62
CA SER D 33 8.52 -7.40 6.39
C SER D 33 9.80 -6.72 6.87
N GLY D 34 10.57 -7.46 7.66
CA GLY D 34 11.90 -7.03 8.06
C GLY D 34 12.99 -7.25 7.01
N TRP D 35 12.66 -7.94 5.91
CA TRP D 35 13.62 -8.32 4.90
C TRP D 35 13.33 -7.64 3.57
N ILE D 36 13.94 -6.46 3.38
CA ILE D 36 13.80 -5.73 2.13
C ILE D 36 14.92 -6.01 1.11
N THR D 37 16.11 -6.46 1.57
CA THR D 37 17.16 -6.98 0.64
C THR D 37 17.11 -8.50 0.69
N THR D 38 18.21 -9.18 0.34
CA THR D 38 18.26 -10.65 0.27
C THR D 38 17.68 -11.28 1.55
N GLY D 39 16.64 -12.10 1.39
CA GLY D 39 15.89 -12.67 2.53
C GLY D 39 15.20 -13.98 2.14
N PRO D 40 14.13 -14.36 2.87
CA PRO D 40 13.47 -15.65 2.60
C PRO D 40 12.85 -15.84 1.19
N LYS D 41 12.44 -14.76 0.52
CA LYS D 41 11.82 -14.84 -0.79
C LYS D 41 12.81 -15.07 -1.94
N THR D 42 14.00 -14.50 -1.84
CA THR D 42 15.07 -14.82 -2.77
C THR D 42 15.41 -16.31 -2.65
N LYS D 43 15.60 -16.78 -1.42
CA LYS D 43 15.83 -18.23 -1.14
C LYS D 43 14.74 -19.14 -1.75
N GLU D 44 13.48 -18.74 -1.56
CA GLU D 44 12.33 -19.46 -2.11
C GLU D 44 12.34 -19.40 -3.64
N LEU D 45 12.64 -18.23 -4.22
CA LEU D 45 12.75 -18.10 -5.67
C LEU D 45 13.84 -19.01 -6.26
N GLU D 46 14.97 -19.09 -5.59
CA GLU D 46 16.06 -19.97 -6.01
C GLU D 46 15.61 -21.42 -6.05
N ARG D 47 14.95 -21.85 -4.99
CA ARG D 47 14.38 -23.20 -4.86
C ARG D 47 13.46 -23.50 -6.03
N ARG D 48 12.44 -22.66 -6.21
CA ARG D 48 11.42 -22.84 -7.26
C ARG D 48 11.98 -22.77 -8.68
N LEU D 49 12.97 -21.90 -8.91
CA LEU D 49 13.63 -21.81 -10.21
C LEU D 49 14.43 -23.06 -10.51
N SER D 50 15.09 -23.62 -9.49
CA SER D 50 15.82 -24.90 -9.61
C SER D 50 14.88 -26.04 -10.03
N LEU D 51 13.70 -26.10 -9.44
CA LEU D 51 12.68 -27.06 -9.85
C LEU D 51 12.26 -26.85 -11.32
N TYR D 52 12.09 -25.60 -11.70
CA TYR D 52 11.67 -25.26 -13.06
C TYR D 52 12.72 -25.55 -14.14
N THR D 53 14.00 -25.26 -13.81
CA THR D 53 15.12 -25.51 -14.73
C THR D 53 15.69 -26.91 -14.59
N GLN D 54 15.16 -27.72 -13.67
CA GLN D 54 15.68 -29.06 -13.40
C GLN D 54 17.21 -29.06 -13.11
N THR D 55 17.59 -28.16 -12.19
CA THR D 55 18.95 -28.06 -11.68
C THR D 55 18.85 -28.11 -10.15
N PRO D 56 19.91 -28.53 -9.46
CA PRO D 56 19.85 -28.67 -7.99
C PRO D 56 19.81 -27.38 -7.18
N LYS D 57 20.53 -26.37 -7.64
CA LYS D 57 20.62 -25.08 -6.93
C LYS D 57 20.67 -23.93 -7.92
N THR D 58 20.16 -22.79 -7.49
CA THR D 58 20.14 -21.58 -8.28
C THR D 58 20.56 -20.41 -7.42
N VAL D 59 21.34 -19.49 -7.99
CA VAL D 59 21.80 -18.27 -7.33
C VAL D 59 21.16 -17.03 -7.97
N CYS D 60 20.25 -16.40 -7.25
CA CYS D 60 19.61 -15.19 -7.76
C CYS D 60 20.50 -13.98 -7.49
N LEU D 61 20.69 -13.16 -8.53
CA LEU D 61 21.60 -12.01 -8.51
C LEU D 61 20.90 -10.80 -9.14
N ASN D 62 21.63 -9.66 -9.22
CA ASN D 62 21.06 -8.38 -9.76
C ASN D 62 21.12 -8.21 -11.27
N SER D 63 21.83 -9.08 -11.97
CA SER D 63 21.79 -9.11 -13.46
C SER D 63 22.29 -10.43 -14.00
N ALA D 64 22.00 -10.73 -15.26
CA ALA D 64 22.64 -11.88 -15.97
C ALA D 64 24.13 -11.61 -16.20
N THR D 65 24.46 -10.33 -16.38
CA THR D 65 25.85 -9.91 -16.53
C THR D 65 26.62 -10.23 -15.25
N ALA D 66 26.03 -9.96 -14.08
CA ALA D 66 26.60 -10.40 -12.80
C ALA D 66 26.73 -11.95 -12.71
N ALA D 67 25.68 -12.66 -13.09
CA ALA D 67 25.67 -14.13 -13.09
C ALA D 67 26.73 -14.72 -13.99
N LEU D 68 26.84 -14.18 -15.19
CA LEU D 68 27.77 -14.69 -16.18
C LEU D 68 29.21 -14.41 -15.71
N GLU D 69 29.48 -13.20 -15.24
CA GLU D 69 30.78 -12.83 -14.71
C GLU D 69 31.21 -13.65 -13.49
N LEU D 70 30.28 -13.97 -12.61
CA LEU D 70 30.63 -14.75 -11.41
C LEU D 70 30.90 -16.20 -11.73
N ILE D 71 30.22 -16.72 -12.74
CA ILE D 71 30.52 -18.05 -13.25
C ILE D 71 32.01 -18.09 -13.62
N LEU D 72 32.42 -17.12 -14.43
CA LEU D 72 33.80 -17.05 -14.83
C LEU D 72 34.73 -16.92 -13.62
N ARG D 73 34.37 -16.07 -12.66
CA ARG D 73 35.22 -15.89 -11.46
C ARG D 73 35.25 -17.11 -10.56
N VAL D 74 34.16 -17.90 -10.52
CA VAL D 74 34.14 -19.16 -9.77
C VAL D 74 35.11 -20.15 -10.43
N LEU D 75 35.01 -20.27 -11.76
CA LEU D 75 35.95 -21.07 -12.54
C LEU D 75 37.39 -20.50 -12.55
N GLU D 76 37.59 -19.30 -12.01
CA GLU D 76 38.88 -18.60 -11.91
C GLU D 76 39.53 -18.39 -13.29
N VAL D 77 38.67 -18.14 -14.27
CA VAL D 77 39.07 -17.74 -15.62
C VAL D 77 39.71 -16.36 -15.48
N GLY D 78 40.89 -16.16 -16.04
CA GLY D 78 41.60 -14.90 -15.87
C GLY D 78 42.63 -14.60 -16.95
N PRO D 79 43.60 -13.73 -16.66
CA PRO D 79 44.59 -13.36 -17.68
C PRO D 79 45.30 -14.58 -18.25
N GLY D 80 45.55 -14.56 -19.56
CA GLY D 80 46.14 -15.73 -20.24
C GLY D 80 45.15 -16.78 -20.74
N ASP D 81 43.99 -16.91 -20.10
CA ASP D 81 42.95 -17.83 -20.53
C ASP D 81 42.16 -17.24 -21.71
N GLU D 82 41.52 -18.10 -22.49
CA GLU D 82 40.68 -17.69 -23.63
C GLU D 82 39.23 -18.12 -23.44
N VAL D 83 38.29 -17.28 -23.85
CA VAL D 83 36.86 -17.61 -23.79
C VAL D 83 36.21 -17.36 -25.15
N ILE D 84 35.72 -18.43 -25.76
CA ILE D 84 35.05 -18.35 -27.06
C ILE D 84 33.62 -17.83 -26.91
N VAL D 85 33.27 -16.88 -27.75
CA VAL D 85 31.95 -16.26 -27.80
C VAL D 85 31.58 -16.08 -29.25
N PRO D 86 30.28 -16.13 -29.60
CA PRO D 86 29.89 -15.81 -30.96
C PRO D 86 30.10 -14.36 -31.31
N ALA D 87 30.40 -14.11 -32.57
CA ALA D 87 30.46 -12.73 -33.10
C ALA D 87 29.10 -12.05 -33.11
N MET D 88 28.04 -12.85 -33.16
CA MET D 88 26.65 -12.39 -33.17
C MET D 88 26.02 -12.56 -31.79
N THR D 89 26.05 -11.49 -31.01
CA THR D 89 25.44 -11.53 -29.69
C THR D 89 25.46 -10.15 -29.11
N TYR D 90 24.78 -10.00 -27.97
CA TYR D 90 24.83 -8.79 -27.18
C TYR D 90 26.19 -8.65 -26.48
N THR D 91 26.62 -7.39 -26.32
CA THR D 91 27.92 -7.08 -25.69
C THR D 91 28.13 -7.72 -24.30
N ALA D 92 27.08 -7.82 -23.49
CA ALA D 92 27.16 -8.43 -22.16
C ALA D 92 27.70 -9.86 -22.16
N SER D 93 27.47 -10.62 -23.22
CA SER D 93 28.06 -11.96 -23.39
C SER D 93 29.59 -11.89 -23.36
N CYS D 94 30.16 -10.85 -23.96
CA CYS D 94 31.59 -10.70 -24.15
C CYS D 94 32.27 -9.80 -23.12
N SER D 95 31.57 -8.75 -22.65
CA SER D 95 32.15 -7.81 -21.67
C SER D 95 32.73 -8.48 -20.42
N VAL D 96 31.96 -9.41 -19.86
CA VAL D 96 32.42 -10.19 -18.70
C VAL D 96 33.78 -10.90 -18.90
N ILE D 97 34.11 -11.25 -20.12
CA ILE D 97 35.38 -11.90 -20.41
C ILE D 97 36.52 -10.92 -20.21
N THR D 98 36.34 -9.69 -20.70
CA THR D 98 37.35 -8.65 -20.50
C THR D 98 37.45 -8.22 -19.01
N HIS D 99 36.34 -8.28 -18.26
CA HIS D 99 36.31 -7.92 -16.83
C HIS D 99 37.16 -8.77 -15.94
N VAL D 100 37.18 -10.07 -16.20
CA VAL D 100 38.03 -10.98 -15.44
C VAL D 100 39.47 -11.02 -15.95
N GLY D 101 39.77 -10.31 -17.04
CA GLY D 101 41.13 -10.22 -17.59
C GLY D 101 41.41 -11.27 -18.66
N ALA D 102 40.48 -12.19 -18.90
CA ALA D 102 40.64 -13.18 -19.97
C ALA D 102 40.56 -12.56 -21.37
N THR D 103 40.93 -13.34 -22.38
CA THR D 103 40.99 -12.88 -23.78
C THR D 103 39.79 -13.43 -24.55
N PRO D 104 38.93 -12.54 -25.10
CA PRO D 104 37.79 -13.07 -25.85
C PRO D 104 38.24 -13.61 -27.20
N VAL D 105 37.66 -14.71 -27.62
CA VAL D 105 37.88 -15.28 -28.94
C VAL D 105 36.52 -15.36 -29.61
N MET D 106 36.34 -14.55 -30.64
CA MET D 106 35.09 -14.52 -31.37
C MET D 106 35.11 -15.53 -32.50
N VAL D 107 33.97 -16.14 -32.75
CA VAL D 107 33.84 -17.14 -33.79
C VAL D 107 32.65 -16.73 -34.63
N ASP D 108 32.82 -16.81 -35.95
CA ASP D 108 31.75 -16.46 -36.89
C ASP D 108 30.62 -17.49 -36.86
N ILE D 109 29.47 -17.11 -37.42
CA ILE D 109 28.25 -17.89 -37.30
C ILE D 109 27.95 -18.62 -38.61
N GLN D 110 26.89 -19.44 -38.63
CA GLN D 110 26.44 -20.15 -39.85
C GLN D 110 25.66 -19.22 -40.82
N ALA D 111 25.34 -19.74 -42.00
CA ALA D 111 24.56 -18.97 -43.01
C ALA D 111 23.04 -18.97 -42.78
N ASP D 112 22.53 -20.01 -42.14
CA ASP D 112 21.10 -20.27 -41.89
C ASP D 112 20.59 -19.75 -40.55
N THR D 113 21.52 -19.55 -39.61
CA THR D 113 21.19 -19.41 -38.20
C THR D 113 22.20 -18.53 -37.48
N PHE D 114 21.79 -18.03 -36.31
CA PHE D 114 22.65 -17.29 -35.40
C PHE D 114 23.79 -18.12 -34.80
N GLU D 115 23.65 -19.44 -34.77
CA GLU D 115 24.60 -20.26 -34.03
C GLU D 115 26.00 -20.14 -34.64
N MET D 116 27.02 -20.25 -33.80
CA MET D 116 28.40 -20.36 -34.28
C MET D 116 28.52 -21.48 -35.33
N ASP D 117 29.39 -21.27 -36.33
CA ASP D 117 29.82 -22.35 -37.21
C ASP D 117 30.73 -23.22 -36.33
N TYR D 118 30.28 -24.46 -36.10
CA TYR D 118 30.99 -25.33 -35.17
C TYR D 118 32.32 -25.87 -35.71
N ASP D 119 32.47 -25.88 -37.04
CA ASP D 119 33.80 -26.13 -37.61
C ASP D 119 34.75 -25.02 -37.18
N LEU D 120 34.34 -23.76 -37.33
CA LEU D 120 35.19 -22.61 -36.95
C LEU D 120 35.45 -22.55 -35.44
N LEU D 121 34.45 -22.99 -34.66
CA LEU D 121 34.59 -23.14 -33.22
C LEU D 121 35.71 -24.12 -32.91
N GLU D 122 35.71 -25.29 -33.57
CA GLU D 122 36.80 -26.27 -33.37
C GLU D 122 38.17 -25.63 -33.61
N GLN D 123 38.32 -24.99 -34.77
CA GLN D 123 39.59 -24.37 -35.18
C GLN D 123 40.06 -23.27 -34.22
N ALA D 124 39.10 -22.57 -33.59
CA ALA D 124 39.37 -21.50 -32.65
C ALA D 124 39.91 -21.99 -31.29
N ILE D 125 39.62 -23.24 -30.92
CA ILE D 125 40.06 -23.78 -29.64
C ILE D 125 41.58 -23.93 -29.60
N THR D 126 42.16 -23.52 -28.47
CA THR D 126 43.60 -23.65 -28.19
C THR D 126 43.83 -24.23 -26.79
N GLU D 127 45.10 -24.39 -26.46
CA GLU D 127 45.59 -24.75 -25.11
C GLU D 127 45.08 -23.78 -23.99
N LYS D 128 44.84 -22.52 -24.37
CA LYS D 128 44.35 -21.49 -23.44
C LYS D 128 42.83 -21.46 -23.24
N THR D 129 42.08 -22.21 -24.05
CA THR D 129 40.64 -22.09 -24.05
C THR D 129 40.07 -22.71 -22.77
N LYS D 130 39.27 -21.93 -22.05
CA LYS D 130 38.67 -22.39 -20.80
C LYS D 130 37.16 -22.57 -20.83
N VAL D 131 36.47 -21.70 -21.58
CA VAL D 131 35.01 -21.66 -21.63
C VAL D 131 34.52 -21.32 -23.06
N ILE D 132 33.44 -21.98 -23.48
CA ILE D 132 32.64 -21.53 -24.61
C ILE D 132 31.34 -20.98 -24.01
N ILE D 133 30.94 -19.80 -24.50
CA ILE D 133 29.67 -19.20 -24.13
C ILE D 133 28.78 -19.15 -25.36
N PRO D 134 27.94 -20.17 -25.57
CA PRO D 134 26.92 -20.04 -26.60
C PRO D 134 25.81 -19.13 -26.09
N VAL D 135 25.08 -18.50 -27.01
CA VAL D 135 23.96 -17.65 -26.64
C VAL D 135 22.71 -18.23 -27.25
N GLU D 136 21.71 -18.44 -26.41
CA GLU D 136 20.44 -18.97 -26.84
C GLU D 136 19.59 -17.77 -27.32
N LEU D 137 19.94 -17.29 -28.50
CA LEU D 137 19.35 -16.10 -29.07
C LEU D 137 17.87 -16.26 -29.37
N ALA D 138 17.09 -15.29 -28.90
CA ALA D 138 15.65 -15.27 -29.04
C ALA D 138 14.91 -16.36 -28.27
N GLY D 139 15.64 -17.14 -27.46
CA GLY D 139 15.08 -18.32 -26.82
C GLY D 139 15.38 -19.65 -27.50
N ILE D 140 16.06 -19.60 -28.64
CA ILE D 140 16.34 -20.79 -29.43
C ILE D 140 17.65 -21.33 -28.85
N VAL D 141 17.64 -22.58 -28.37
CA VAL D 141 18.78 -23.19 -27.73
C VAL D 141 19.68 -23.80 -28.79
N CYS D 142 20.97 -23.70 -28.52
CA CYS D 142 22.00 -24.12 -29.47
C CYS D 142 22.10 -25.63 -29.59
N ASP D 143 22.92 -26.05 -30.55
CA ASP D 143 23.11 -27.45 -30.89
C ASP D 143 24.10 -28.06 -29.88
N TYR D 144 23.61 -28.39 -28.69
CA TYR D 144 24.49 -28.85 -27.60
C TYR D 144 25.10 -30.26 -27.78
N ASP D 145 24.43 -31.16 -28.50
CA ASP D 145 25.07 -32.42 -28.88
C ASP D 145 26.37 -32.16 -29.63
N ARG D 146 26.28 -31.24 -30.59
CA ARG D 146 27.46 -30.81 -31.31
C ARG D 146 28.49 -30.16 -30.39
N LEU D 147 28.06 -29.23 -29.53
CA LEU D 147 29.01 -28.52 -28.62
C LEU D 147 29.77 -29.43 -27.66
N PHE D 148 29.08 -30.39 -27.04
CA PHE D 148 29.74 -31.36 -26.17
C PHE D 148 30.64 -32.31 -26.97
N GLN D 149 30.24 -32.67 -28.18
CA GLN D 149 31.12 -33.41 -29.11
C GLN D 149 32.44 -32.64 -29.30
N VAL D 150 32.35 -31.35 -29.60
CA VAL D 150 33.54 -30.49 -29.85
C VAL D 150 34.53 -30.43 -28.67
N VAL D 151 34.04 -30.25 -27.45
CA VAL D 151 34.93 -30.08 -26.29
C VAL D 151 35.58 -31.40 -25.86
N GLU D 152 34.81 -32.49 -25.94
CA GLU D 152 35.30 -33.85 -25.74
C GLU D 152 36.37 -34.22 -26.73
N LYS D 153 36.12 -33.86 -27.98
CA LYS D 153 37.07 -34.09 -29.07
C LYS D 153 38.36 -33.32 -28.84
N LYS D 154 38.25 -32.10 -28.32
CA LYS D 154 39.42 -31.24 -28.07
C LYS D 154 40.00 -31.34 -26.64
N ARG D 155 39.50 -32.30 -25.84
CA ARG D 155 39.94 -32.52 -24.47
C ARG D 155 41.45 -32.40 -24.22
N ASP D 156 42.31 -33.00 -25.03
CA ASP D 156 43.79 -32.97 -24.76
C ASP D 156 44.49 -31.59 -24.80
N PHE D 157 43.76 -30.57 -25.25
CA PHE D 157 44.23 -29.22 -25.33
C PHE D 157 44.05 -28.55 -23.95
N PHE D 158 43.05 -29.00 -23.21
CA PHE D 158 42.70 -28.45 -21.92
C PHE D 158 43.62 -28.90 -20.79
N THR D 159 43.99 -27.94 -19.96
CA THR D 159 44.77 -28.20 -18.74
C THR D 159 44.12 -27.36 -17.63
N ALA D 160 43.66 -28.02 -16.58
CA ALA D 160 42.99 -27.35 -15.45
C ALA D 160 43.97 -26.50 -14.68
N SER D 161 43.72 -25.20 -14.63
CA SER D 161 44.56 -24.27 -13.89
C SER D 161 43.76 -23.65 -12.73
N SER D 162 42.80 -24.40 -12.18
CA SER D 162 42.00 -23.95 -11.04
C SER D 162 41.22 -25.11 -10.45
N LYS D 163 40.66 -24.88 -9.26
CA LYS D 163 39.99 -25.92 -8.49
C LYS D 163 38.81 -26.50 -9.26
N TRP D 164 37.91 -25.63 -9.68
CA TRP D 164 36.69 -26.06 -10.37
C TRP D 164 36.95 -26.47 -11.82
N GLN D 165 37.96 -25.90 -12.46
CA GLN D 165 38.39 -26.41 -13.75
C GLN D 165 38.77 -27.90 -13.67
N LYS D 166 39.35 -28.31 -12.54
CA LYS D 166 39.75 -29.72 -12.26
C LYS D 166 38.55 -30.69 -12.18
N ALA D 167 37.42 -30.20 -11.71
CA ALA D 167 36.19 -30.99 -11.61
C ALA D 167 35.65 -31.41 -12.99
N PHE D 168 35.69 -30.48 -13.92
CA PHE D 168 35.51 -30.76 -15.35
C PHE D 168 36.91 -31.07 -15.75
N ASN D 169 37.15 -31.68 -16.88
CA ASN D 169 38.58 -31.74 -17.30
C ASN D 169 38.62 -31.47 -18.77
N ARG D 170 37.95 -30.38 -19.10
CA ARG D 170 37.61 -30.05 -20.46
C ARG D 170 37.17 -28.60 -20.49
N ILE D 171 36.90 -28.09 -21.69
CA ILE D 171 36.35 -26.76 -21.83
C ILE D 171 34.98 -26.82 -21.19
N VAL D 172 34.64 -25.78 -20.43
CA VAL D 172 33.35 -25.68 -19.75
C VAL D 172 32.37 -24.93 -20.66
N ILE D 173 31.19 -25.47 -20.88
CA ILE D 173 30.18 -24.77 -21.68
C ILE D 173 29.24 -24.01 -20.75
N VAL D 174 29.21 -22.69 -20.87
CA VAL D 174 28.40 -21.78 -20.04
C VAL D 174 27.36 -21.07 -20.91
N SER D 175 26.09 -21.39 -20.70
CA SER D 175 25.04 -20.90 -21.58
C SER D 175 24.67 -19.46 -21.23
N ASP D 176 24.83 -18.53 -22.18
CA ASP D 176 24.14 -17.26 -22.06
C ASP D 176 22.65 -17.45 -22.39
N SER D 177 21.87 -17.82 -21.37
CA SER D 177 20.43 -18.02 -21.52
C SER D 177 19.63 -16.79 -21.09
N ALA D 178 20.14 -15.61 -21.37
CA ALA D 178 19.46 -14.38 -20.97
C ALA D 178 18.01 -14.38 -21.49
N HIS D 179 17.79 -14.95 -22.68
CA HIS D 179 16.51 -14.95 -23.37
C HIS D 179 15.69 -16.24 -23.16
N ALA D 180 16.30 -17.25 -22.51
CA ALA D 180 15.92 -18.65 -22.66
C ALA D 180 15.29 -19.35 -21.44
N LEU D 181 14.96 -18.60 -20.39
CA LEU D 181 14.19 -19.22 -19.30
C LEU D 181 12.91 -19.86 -19.86
N GLY D 182 12.72 -21.16 -19.60
CA GLY D 182 11.60 -21.94 -20.16
C GLY D 182 11.80 -22.58 -21.53
N SER D 183 12.86 -22.23 -22.25
CA SER D 183 13.25 -22.94 -23.46
C SER D 183 13.68 -24.35 -23.10
N THR D 184 13.57 -25.26 -24.07
CA THR D 184 14.01 -26.65 -23.93
C THR D 184 14.80 -27.13 -25.15
N TYR D 185 15.73 -28.04 -24.89
CA TYR D 185 16.51 -28.72 -25.93
C TYR D 185 16.32 -30.20 -25.67
N LYS D 186 15.67 -30.87 -26.64
CA LYS D 186 15.31 -32.28 -26.57
C LYS D 186 14.54 -32.60 -25.30
N GLY D 187 13.55 -31.76 -24.96
CA GLY D 187 12.77 -31.96 -23.75
C GLY D 187 13.39 -31.48 -22.45
N GLN D 188 14.71 -31.27 -22.42
CA GLN D 188 15.42 -30.81 -21.23
C GLN D 188 15.27 -29.29 -21.09
N PRO D 189 15.00 -28.77 -19.88
CA PRO D 189 14.96 -27.31 -19.71
C PRO D 189 16.31 -26.65 -19.85
N SER D 190 16.33 -25.44 -20.38
CA SER D 190 17.53 -24.65 -20.34
C SER D 190 17.87 -24.40 -18.89
N GLY D 191 19.16 -24.39 -18.63
CA GLY D 191 19.69 -24.47 -17.27
C GLY D 191 20.31 -25.83 -17.02
N SER D 192 19.67 -26.89 -17.52
CA SER D 192 20.12 -28.28 -17.27
C SER D 192 20.96 -28.91 -18.37
N ILE D 193 21.32 -28.15 -19.40
CA ILE D 193 22.00 -28.68 -20.58
C ILE D 193 23.49 -28.30 -20.52
N ALA D 194 23.78 -27.00 -20.49
CA ALA D 194 25.14 -26.55 -20.39
C ALA D 194 25.67 -26.75 -18.97
N ASP D 195 26.98 -26.63 -18.82
CA ASP D 195 27.62 -26.88 -17.52
C ASP D 195 27.22 -25.82 -16.50
N PHE D 196 27.25 -24.56 -16.91
CA PHE D 196 26.61 -23.46 -16.16
C PHE D 196 25.68 -22.71 -17.10
N THR D 197 24.68 -22.06 -16.53
CA THR D 197 23.78 -21.23 -17.33
C THR D 197 23.47 -19.96 -16.59
N SER D 198 23.44 -18.84 -17.30
CA SER D 198 23.02 -17.54 -16.71
C SER D 198 21.70 -17.07 -17.32
N PHE D 199 20.81 -16.55 -16.48
CA PHE D 199 19.49 -16.02 -16.90
C PHE D 199 19.37 -14.50 -16.60
N SER D 200 18.58 -13.79 -17.38
CA SER D 200 18.27 -12.36 -17.18
C SER D 200 16.78 -12.23 -16.88
N PHE D 201 16.48 -11.42 -15.87
CA PHE D 201 15.12 -11.04 -15.52
C PHE D 201 14.96 -9.51 -15.70
N HIS D 202 15.67 -8.95 -16.68
CA HIS D 202 15.59 -7.53 -17.00
C HIS D 202 14.17 -7.17 -17.48
N ALA D 203 13.79 -5.91 -17.29
CA ALA D 203 12.45 -5.41 -17.66
C ALA D 203 11.92 -5.91 -19.00
N VAL D 204 12.76 -5.93 -20.04
CA VAL D 204 12.33 -6.35 -21.38
C VAL D 204 12.30 -7.87 -21.65
N LYS D 205 12.74 -8.71 -20.69
CA LYS D 205 12.71 -10.18 -20.86
C LYS D 205 11.32 -10.79 -20.58
N ASN D 206 11.16 -12.07 -20.94
CA ASN D 206 9.87 -12.80 -20.80
C ASN D 206 9.42 -12.89 -19.34
N PHE D 207 10.40 -13.12 -18.49
CA PHE D 207 10.25 -13.27 -17.07
C PHE D 207 11.09 -12.15 -16.52
N THR D 208 10.52 -11.30 -15.68
CA THR D 208 11.24 -10.09 -15.25
C THR D 208 11.10 -9.74 -13.77
N THR D 209 12.20 -9.20 -13.22
CA THR D 209 12.22 -8.54 -11.93
C THR D 209 12.73 -7.12 -12.09
N ALA D 210 12.49 -6.52 -13.27
CA ALA D 210 12.93 -5.18 -13.62
C ALA D 210 14.44 -5.09 -13.84
N GLU D 211 15.22 -5.44 -12.81
CA GLU D 211 16.60 -5.84 -12.99
C GLU D 211 16.83 -7.10 -12.13
N GLY D 212 17.50 -8.09 -12.71
CA GLY D 212 17.80 -9.30 -11.98
C GLY D 212 18.30 -10.40 -12.88
N GLY D 213 18.86 -11.42 -12.26
CA GLY D 213 19.27 -12.58 -13.02
C GLY D 213 19.60 -13.72 -12.11
N SER D 214 20.03 -14.83 -12.72
CA SER D 214 20.44 -16.00 -11.97
C SER D 214 21.59 -16.75 -12.64
N ALA D 215 22.35 -17.47 -11.80
CA ALA D 215 23.28 -18.50 -12.22
C ALA D 215 22.78 -19.85 -11.68
N THR D 216 22.83 -20.90 -12.54
CA THR D 216 22.60 -22.29 -12.15
C THR D 216 23.64 -23.19 -12.87
N TRP D 217 23.57 -24.49 -12.59
CA TRP D 217 24.50 -25.46 -13.15
C TRP D 217 23.84 -26.80 -13.14
N LYS D 218 24.07 -27.60 -14.16
CA LYS D 218 23.43 -28.92 -14.17
C LYS D 218 24.11 -29.88 -13.18
N ALA D 219 23.35 -30.89 -12.78
CA ALA D 219 23.77 -31.92 -11.85
C ALA D 219 25.00 -32.61 -12.39
N ASN D 220 26.06 -32.62 -11.60
CA ASN D 220 27.31 -33.28 -11.96
C ASN D 220 27.83 -33.91 -10.67
N PRO D 221 28.16 -35.23 -10.71
CA PRO D 221 28.63 -35.95 -9.52
C PRO D 221 29.82 -35.32 -8.79
N VAL D 222 30.72 -34.68 -9.54
CA VAL D 222 31.93 -34.08 -8.97
C VAL D 222 31.78 -32.63 -8.51
N ILE D 223 30.55 -32.12 -8.41
CA ILE D 223 30.27 -30.79 -7.85
C ILE D 223 29.36 -30.98 -6.65
N ASP D 224 29.87 -30.62 -5.47
CA ASP D 224 29.07 -30.46 -4.28
C ASP D 224 28.26 -29.18 -4.52
N ASP D 225 26.94 -29.31 -4.46
CA ASP D 225 26.06 -28.22 -4.86
C ASP D 225 25.99 -27.12 -3.82
N GLU D 226 26.02 -27.52 -2.54
CA GLU D 226 26.02 -26.57 -1.43
C GLU D 226 27.28 -25.75 -1.39
N GLU D 227 28.41 -26.40 -1.63
CA GLU D 227 29.73 -25.76 -1.66
C GLU D 227 29.84 -24.78 -2.82
N MET D 228 29.34 -25.16 -3.99
CA MET D 228 29.25 -24.27 -5.18
C MET D 228 28.35 -23.06 -4.94
N TYR D 229 27.19 -23.28 -4.35
CA TYR D 229 26.28 -22.20 -3.98
C TYR D 229 26.94 -21.23 -2.99
N LYS D 230 27.62 -21.75 -1.98
CA LYS D 230 28.30 -20.91 -0.99
C LYS D 230 29.33 -19.97 -1.66
N GLU D 231 30.06 -20.49 -2.65
CA GLU D 231 31.04 -19.68 -3.37
C GLU D 231 30.43 -18.51 -4.14
N PHE D 232 29.30 -18.73 -4.80
CA PHE D 232 28.57 -17.65 -5.48
C PHE D 232 28.09 -16.58 -4.48
N GLN D 233 27.55 -17.05 -3.37
CA GLN D 233 27.05 -16.16 -2.32
C GLN D 233 28.14 -15.24 -1.78
N ILE D 234 29.28 -15.85 -1.49
CA ILE D 234 30.48 -15.16 -1.03
C ILE D 234 30.93 -14.11 -2.04
N LEU D 235 30.99 -14.45 -3.32
CA LEU D 235 31.42 -13.50 -4.36
C LEU D 235 30.40 -12.38 -4.56
N SER D 236 29.13 -12.64 -4.27
CA SER D 236 28.05 -11.66 -4.47
C SER D 236 27.88 -10.66 -3.31
N LEU D 237 28.38 -11.01 -2.13
CA LEU D 237 28.15 -10.21 -0.91
C LEU D 237 29.49 -9.87 -0.23
N HIS D 238 30.38 -9.22 -1.00
CA HIS D 238 31.67 -8.71 -0.53
C HIS D 238 32.69 -9.73 0.02
N GLY D 239 32.51 -11.00 -0.30
CA GLY D 239 33.41 -12.02 0.21
C GLY D 239 33.14 -12.44 1.63
N GLN D 240 32.00 -12.04 2.17
CA GLN D 240 31.71 -12.28 3.59
C GLN D 240 31.38 -13.76 3.86
N THR D 241 32.01 -14.34 4.88
CA THR D 241 31.62 -15.65 5.39
C THR D 241 31.47 -15.58 6.90
N LYS D 242 30.71 -16.53 7.42
CA LYS D 242 30.64 -16.84 8.86
C LYS D 242 30.72 -18.38 8.93
N ASP D 243 31.42 -18.91 9.92
CA ASP D 243 31.87 -20.31 9.88
C ASP D 243 31.50 -21.00 11.20
N SER D 252 26.64 -13.41 17.89
CA SER D 252 27.32 -13.98 16.72
C SER D 252 27.68 -12.92 15.66
N TRP D 253 28.41 -11.93 16.12
CA TRP D 253 28.85 -10.80 15.26
C TRP D 253 29.90 -11.16 14.18
N GLU D 254 30.81 -12.07 14.50
CA GLU D 254 32.05 -12.30 13.77
C GLU D 254 31.90 -12.83 12.34
N TYR D 255 32.67 -12.27 11.41
CA TYR D 255 32.74 -12.75 10.02
C TYR D 255 34.15 -12.52 9.49
N ASP D 256 34.44 -13.17 8.37
CA ASP D 256 35.70 -13.01 7.69
C ASP D 256 35.35 -12.57 6.27
N ILE D 257 36.30 -11.95 5.58
CA ILE D 257 36.18 -11.63 4.19
C ILE D 257 37.29 -12.42 3.51
N VAL D 258 36.93 -13.41 2.70
CA VAL D 258 37.91 -14.34 2.14
C VAL D 258 38.60 -13.79 0.89
N THR D 259 37.93 -12.89 0.21
CA THR D 259 38.39 -12.35 -1.07
C THR D 259 37.74 -10.96 -1.16
N PRO D 260 38.40 -9.99 -1.81
CA PRO D 260 37.79 -8.68 -1.85
C PRO D 260 36.82 -8.66 -3.00
N ALA D 261 35.61 -9.17 -2.75
CA ALA D 261 34.64 -9.48 -3.82
C ALA D 261 33.61 -8.37 -4.09
N TYR D 262 32.40 -8.76 -4.56
CA TYR D 262 31.53 -7.90 -5.38
C TYR D 262 30.22 -7.69 -4.66
N LYS D 263 29.29 -6.98 -5.32
CA LYS D 263 28.03 -6.60 -4.71
C LYS D 263 26.91 -6.75 -5.71
N CYS D 264 26.38 -7.97 -5.85
CA CYS D 264 25.38 -8.25 -6.84
C CYS D 264 24.27 -9.20 -6.40
N ASN D 265 23.94 -9.21 -5.11
CA ASN D 265 22.83 -10.00 -4.55
C ASN D 265 21.48 -9.50 -5.00
N MET D 266 20.46 -10.37 -4.99
CA MET D 266 19.12 -9.96 -5.31
C MET D 266 18.31 -9.67 -4.04
N THR D 267 17.54 -8.58 -4.10
CA THR D 267 16.67 -8.18 -3.02
C THR D 267 15.36 -8.96 -3.05
N ASP D 268 14.74 -9.09 -1.88
CA ASP D 268 13.41 -9.69 -1.78
C ASP D 268 12.31 -8.84 -2.47
N ILE D 269 12.62 -7.56 -2.75
CA ILE D 269 11.77 -6.74 -3.62
C ILE D 269 11.73 -7.40 -5.02
N MET D 270 12.90 -7.70 -5.58
CA MET D 270 13.00 -8.31 -6.92
C MET D 270 12.48 -9.75 -6.93
N ALA D 271 12.86 -10.52 -5.92
CA ALA D 271 12.38 -11.89 -5.74
C ALA D 271 10.86 -11.96 -5.68
N SER D 272 10.23 -11.01 -4.96
CA SER D 272 8.77 -10.90 -4.93
C SER D 272 8.18 -10.88 -6.32
N LEU D 273 8.72 -10.01 -7.17
CA LEU D 273 8.26 -9.94 -8.56
C LEU D 273 8.48 -11.27 -9.21
N GLY D 274 9.65 -11.88 -8.96
CA GLY D 274 9.98 -13.19 -9.51
C GLY D 274 9.05 -14.32 -9.13
N LEU D 275 8.72 -14.42 -7.85
CA LEU D 275 7.82 -15.48 -7.40
C LEU D 275 6.47 -15.48 -8.14
N VAL D 276 5.88 -14.29 -8.33
CA VAL D 276 4.60 -14.14 -9.00
C VAL D 276 4.73 -14.36 -10.52
N GLN D 277 5.81 -13.83 -11.13
CA GLN D 277 6.09 -14.06 -12.56
C GLN D 277 6.23 -15.55 -12.88
N LEU D 278 6.94 -16.27 -12.01
CA LEU D 278 7.09 -17.71 -12.13
C LEU D 278 5.76 -18.48 -12.02
N ASP D 279 4.83 -18.04 -11.16
CA ASP D 279 3.47 -18.63 -11.12
C ASP D 279 2.75 -18.41 -12.44
N ARG D 280 2.89 -17.20 -12.97
CA ARG D 280 2.20 -16.81 -14.20
C ARG D 280 2.91 -17.25 -15.48
N TYR D 281 4.11 -17.84 -15.36
CA TYR D 281 4.99 -17.99 -16.51
C TYR D 281 4.51 -18.97 -17.58
N PRO D 282 3.95 -20.12 -17.17
CA PRO D 282 3.46 -21.04 -18.20
C PRO D 282 2.36 -20.47 -19.14
N SER D 283 1.47 -19.61 -18.61
CA SER D 283 0.46 -18.94 -19.45
C SER D 283 1.04 -17.82 -20.33
N LEU D 284 2.10 -17.15 -19.86
CA LEU D 284 2.80 -16.14 -20.64
C LEU D 284 3.54 -16.79 -21.80
N LEU D 285 4.19 -17.93 -21.54
CA LEU D 285 4.81 -18.73 -22.62
C LEU D 285 3.79 -19.17 -23.69
N GLN D 286 2.62 -19.64 -23.23
CA GLN D 286 1.55 -20.05 -24.13
C GLN D 286 1.07 -18.88 -24.99
N ARG D 287 0.85 -17.73 -24.39
CA ARG D 287 0.47 -16.57 -25.17
C ARG D 287 1.55 -16.23 -26.21
N ARG D 288 2.82 -16.30 -25.80
CA ARG D 288 3.95 -16.02 -26.70
C ARG D 288 3.98 -17.03 -27.84
N LYS D 289 3.74 -18.31 -27.52
CA LYS D 289 3.55 -19.35 -28.53
C LYS D 289 2.47 -18.98 -29.56
N ASP D 290 1.30 -18.54 -29.09
CA ASP D 290 0.18 -18.19 -29.97
C ASP D 290 0.53 -17.01 -30.88
N ILE D 291 1.26 -16.03 -30.36
CA ILE D 291 1.67 -14.86 -31.14
C ILE D 291 2.65 -15.25 -32.25
N VAL D 292 3.63 -16.08 -31.91
CA VAL D 292 4.65 -16.52 -32.86
C VAL D 292 4.03 -17.32 -34.00
N ASP D 293 3.11 -18.22 -33.66
CA ASP D 293 2.44 -19.05 -34.66
C ASP D 293 1.64 -18.23 -35.66
N ARG D 294 0.96 -17.20 -35.16
CA ARG D 294 0.21 -16.30 -35.99
C ARG D 294 1.15 -15.51 -36.91
N TYR D 295 2.31 -15.08 -36.40
CA TYR D 295 3.32 -14.44 -37.25
C TYR D 295 3.81 -15.40 -38.35
N ASP D 296 4.08 -16.65 -37.96
CA ASP D 296 4.61 -17.65 -38.87
C ASP D 296 3.66 -17.91 -40.04
N SER D 297 2.37 -18.09 -39.76
CA SER D 297 1.37 -18.15 -40.84
C SER D 297 1.47 -16.90 -41.69
N GLY D 298 1.36 -15.72 -41.07
CA GLY D 298 1.34 -14.47 -41.82
C GLY D 298 2.47 -14.28 -42.83
N PHE D 299 3.67 -14.68 -42.43
CA PHE D 299 4.87 -14.44 -43.23
C PHE D 299 5.25 -15.57 -44.15
N ALA D 300 4.56 -16.70 -44.07
CA ALA D 300 4.88 -17.83 -44.95
C ALA D 300 4.72 -17.45 -46.41
N GLY D 301 5.67 -17.88 -47.24
CA GLY D 301 5.68 -17.51 -48.65
C GLY D 301 6.07 -16.07 -48.98
N SER D 302 6.44 -15.30 -47.96
CA SER D 302 6.94 -13.93 -48.14
C SER D 302 8.48 -13.88 -48.12
N ARG D 303 9.01 -12.70 -48.39
CA ARG D 303 10.45 -12.47 -48.28
C ARG D 303 10.91 -12.26 -46.82
N ILE D 304 9.98 -12.13 -45.89
CA ILE D 304 10.29 -12.05 -44.46
C ILE D 304 10.49 -13.46 -43.90
N HIS D 305 11.70 -13.76 -43.45
CA HIS D 305 12.13 -15.10 -43.01
C HIS D 305 12.43 -15.11 -41.50
N PRO D 306 11.51 -15.63 -40.67
CA PRO D 306 11.77 -15.63 -39.24
C PRO D 306 12.67 -16.78 -38.82
N LEU D 307 13.47 -16.57 -37.79
CA LEU D 307 14.13 -17.70 -37.14
C LEU D 307 13.01 -18.55 -36.52
N ALA D 308 13.21 -19.87 -36.61
CA ALA D 308 12.20 -20.81 -36.18
C ALA D 308 12.30 -21.04 -34.67
N HIS D 309 11.19 -20.80 -33.97
CA HIS D 309 11.08 -21.06 -32.54
C HIS D 309 10.62 -22.47 -32.17
N LYS D 310 10.13 -23.23 -33.16
CA LYS D 310 9.83 -24.65 -32.98
C LYS D 310 10.66 -25.44 -33.98
N THR D 311 11.56 -26.29 -33.49
CA THR D 311 12.38 -27.21 -34.31
C THR D 311 12.26 -28.66 -33.81
N GLU D 312 12.94 -29.57 -34.50
CA GLU D 312 13.03 -30.98 -34.13
C GLU D 312 13.63 -31.13 -32.71
N THR D 313 14.63 -30.28 -32.43
CA THR D 313 15.33 -30.28 -31.15
C THR D 313 14.84 -29.24 -30.12
N VAL D 314 14.27 -28.11 -30.57
CA VAL D 314 14.08 -26.99 -29.68
C VAL D 314 12.62 -26.58 -29.60
N GLU D 315 12.20 -26.22 -28.38
CA GLU D 315 10.97 -25.49 -28.15
C GLU D 315 11.41 -24.19 -27.47
N SER D 316 11.37 -23.09 -28.21
CA SER D 316 11.89 -21.83 -27.73
C SER D 316 11.01 -21.19 -26.65
N SER D 317 11.64 -20.41 -25.77
CA SER D 317 10.91 -19.50 -24.88
C SER D 317 10.15 -18.41 -25.65
N ARG D 318 10.58 -18.15 -26.89
CA ARG D 318 9.96 -17.17 -27.77
C ARG D 318 10.12 -15.81 -27.17
N HIS D 319 11.37 -15.42 -26.98
CA HIS D 319 11.68 -14.08 -26.47
C HIS D 319 11.60 -12.98 -27.56
N LEU D 320 12.27 -13.20 -28.68
CA LEU D 320 12.38 -12.20 -29.77
C LEU D 320 11.91 -12.79 -31.09
N TYR D 321 11.10 -12.06 -31.85
CA TYR D 321 10.76 -12.46 -33.20
C TYR D 321 11.78 -11.87 -34.19
N ILE D 322 12.94 -12.51 -34.21
CA ILE D 322 13.98 -12.20 -35.17
C ILE D 322 13.55 -12.64 -36.57
N THR D 323 13.64 -11.71 -37.53
CA THR D 323 13.37 -11.99 -38.95
C THR D 323 14.50 -11.42 -39.77
N ARG D 324 14.73 -12.01 -40.93
CA ARG D 324 15.60 -11.40 -41.94
C ARG D 324 14.82 -11.24 -43.24
N VAL D 325 14.97 -10.09 -43.88
CA VAL D 325 14.22 -9.80 -45.12
C VAL D 325 15.14 -10.09 -46.31
N GLU D 326 14.72 -11.02 -47.15
CA GLU D 326 15.54 -11.48 -48.27
C GLU D 326 15.76 -10.35 -49.26
N GLY D 327 16.98 -10.22 -49.74
CA GLY D 327 17.36 -9.21 -50.73
C GLY D 327 17.25 -7.76 -50.30
N ALA D 328 17.43 -7.49 -49.00
CA ALA D 328 17.45 -6.12 -48.45
C ALA D 328 18.88 -5.78 -48.08
N SER D 329 19.34 -4.62 -48.51
CA SER D 329 20.65 -4.09 -48.10
C SER D 329 20.56 -3.40 -46.73
N LEU D 330 21.71 -2.99 -46.20
CA LEU D 330 21.83 -2.25 -44.92
C LEU D 330 20.95 -1.02 -44.87
N GLU D 331 21.02 -0.24 -45.94
CA GLU D 331 20.36 1.05 -46.07
C GLU D 331 18.86 0.81 -46.18
N GLU D 332 18.47 -0.17 -46.99
CA GLU D 332 17.08 -0.57 -47.16
C GLU D 332 16.47 -1.09 -45.86
N ARG D 333 17.24 -1.84 -45.07
CA ARG D 333 16.80 -2.32 -43.75
C ARG D 333 16.51 -1.14 -42.81
N ASN D 334 17.42 -0.19 -42.77
CA ASN D 334 17.29 0.96 -41.86
C ASN D 334 16.05 1.72 -42.24
N LEU D 335 15.83 1.87 -43.55
CA LEU D 335 14.63 2.56 -44.08
C LEU D 335 13.33 1.82 -43.70
N ILE D 336 13.34 0.49 -43.74
CA ILE D 336 12.14 -0.30 -43.41
C ILE D 336 11.77 -0.05 -41.96
N ILE D 337 12.76 -0.15 -41.07
CA ILE D 337 12.53 0.12 -39.65
C ILE D 337 11.87 1.49 -39.42
N GLN D 338 12.30 2.52 -40.14
CA GLN D 338 11.73 3.87 -39.95
C GLN D 338 10.32 3.92 -40.50
N GLU D 339 10.10 3.25 -41.63
CA GLU D 339 8.77 3.11 -42.21
C GLU D 339 7.84 2.33 -41.27
N LEU D 340 8.36 1.29 -40.61
CA LEU D 340 7.59 0.57 -39.60
C LEU D 340 7.14 1.52 -38.48
N ALA D 341 8.02 2.43 -38.07
CA ALA D 341 7.73 3.39 -37.02
C ALA D 341 6.73 4.44 -37.45
N LYS D 342 6.81 4.89 -38.71
CA LYS D 342 5.78 5.81 -39.25
C LYS D 342 4.39 5.21 -39.23
N ALA D 343 4.29 3.88 -39.36
CA ALA D 343 3.04 3.14 -39.19
C ALA D 343 2.72 2.78 -37.75
N GLY D 344 3.46 3.28 -36.78
CA GLY D 344 3.22 3.00 -35.36
C GLY D 344 3.65 1.62 -34.88
N ILE D 345 4.69 1.04 -35.51
CA ILE D 345 5.24 -0.26 -35.11
C ILE D 345 6.71 -0.11 -34.74
N ALA D 346 6.99 -0.25 -33.46
CA ALA D 346 8.36 -0.25 -32.95
C ALA D 346 9.01 -1.55 -33.40
N SER D 347 10.31 -1.48 -33.63
CA SER D 347 11.12 -2.63 -34.04
C SER D 347 12.55 -2.41 -33.60
N ASN D 348 13.35 -3.45 -33.74
CA ASN D 348 14.72 -3.43 -33.27
C ASN D 348 15.61 -4.28 -34.12
N VAL D 349 16.90 -4.29 -33.75
CA VAL D 349 17.89 -5.06 -34.45
C VAL D 349 18.71 -5.81 -33.43
N HIS D 350 18.69 -7.13 -33.56
CA HIS D 350 19.57 -8.01 -32.77
C HIS D 350 20.41 -8.80 -33.76
N TYR D 351 21.71 -8.53 -33.89
CA TYR D 351 22.44 -7.43 -33.27
C TYR D 351 23.45 -6.91 -34.27
N LYS D 352 23.99 -5.73 -33.99
CA LYS D 352 25.26 -5.37 -34.57
C LYS D 352 26.24 -6.49 -34.18
N PRO D 353 27.02 -7.02 -35.14
CA PRO D 353 28.03 -7.97 -34.71
C PRO D 353 29.04 -7.28 -33.83
N LEU D 354 29.62 -8.00 -32.88
CA LEU D 354 30.53 -7.37 -31.90
C LEU D 354 31.66 -6.53 -32.56
N PRO D 355 32.24 -7.02 -33.67
CA PRO D 355 33.30 -6.25 -34.29
C PRO D 355 32.91 -4.89 -34.89
N LEU D 356 31.61 -4.63 -35.13
CA LEU D 356 31.17 -3.27 -35.49
C LEU D 356 31.22 -2.27 -34.34
N LEU D 357 31.28 -2.77 -33.10
CA LEU D 357 31.22 -1.93 -31.91
C LEU D 357 32.58 -1.35 -31.57
N THR D 358 32.60 -0.07 -31.23
CA THR D 358 33.84 0.65 -30.94
C THR D 358 34.70 -0.04 -29.86
N ALA D 359 34.03 -0.60 -28.85
CA ALA D 359 34.70 -1.30 -27.76
C ALA D 359 35.61 -2.44 -28.27
N TYR D 360 35.03 -3.28 -29.13
CA TYR D 360 35.70 -4.48 -29.63
C TYR D 360 36.61 -4.20 -30.82
N LYS D 361 36.28 -3.21 -31.66
CA LYS D 361 37.25 -2.64 -32.63
C LYS D 361 38.53 -2.27 -31.91
N ASN D 362 38.40 -1.48 -30.85
CA ASN D 362 39.58 -1.00 -30.11
C ASN D 362 40.46 -2.09 -29.52
N LEU D 363 39.89 -3.29 -29.30
CA LEU D 363 40.66 -4.44 -28.83
C LEU D 363 41.10 -5.36 -29.98
N GLY D 364 41.07 -4.85 -31.21
CA GLY D 364 41.61 -5.56 -32.37
C GLY D 364 40.67 -6.49 -33.15
N PHE D 365 39.39 -6.53 -32.82
CA PHE D 365 38.44 -7.35 -33.57
C PHE D 365 38.01 -6.60 -34.83
N ASP D 366 37.99 -7.30 -35.96
CA ASP D 366 37.68 -6.68 -37.24
C ASP D 366 36.60 -7.38 -38.02
N MET D 367 35.58 -6.63 -38.44
CA MET D 367 34.34 -7.16 -39.02
C MET D 367 34.54 -8.06 -40.22
N THR D 368 35.57 -7.83 -40.99
CA THR D 368 35.85 -8.65 -42.16
C THR D 368 36.20 -10.11 -41.84
N ASN D 369 36.65 -10.42 -40.62
CA ASN D 369 36.84 -11.84 -40.22
C ASN D 369 35.55 -12.64 -39.92
N TYR D 370 34.41 -11.94 -39.88
CA TYR D 370 33.13 -12.56 -39.52
C TYR D 370 32.04 -12.10 -40.49
N PRO D 371 32.16 -12.50 -41.77
CA PRO D 371 31.20 -12.04 -42.78
C PRO D 371 29.77 -12.61 -42.65
N LYS D 372 29.65 -13.83 -42.13
CA LYS D 372 28.31 -14.44 -41.91
C LYS D 372 27.52 -13.71 -40.83
N ALA D 373 28.24 -13.30 -39.78
CA ALA D 373 27.69 -12.45 -38.74
C ALA D 373 27.20 -11.11 -39.29
N TYR D 374 27.98 -10.52 -40.18
CA TYR D 374 27.60 -9.24 -40.79
C TYR D 374 26.38 -9.40 -41.71
N ALA D 375 26.39 -10.48 -42.49
CA ALA D 375 25.27 -10.80 -43.37
C ALA D 375 23.96 -11.03 -42.60
N PHE D 376 24.04 -11.70 -41.46
CA PHE D 376 22.90 -11.83 -40.52
C PHE D 376 22.37 -10.45 -40.10
N PHE D 377 23.28 -9.60 -39.64
CA PHE D 377 22.94 -8.25 -39.18
C PHE D 377 22.29 -7.40 -40.25
N GLU D 378 22.93 -7.39 -41.41
CA GLU D 378 22.55 -6.51 -42.55
C GLU D 378 21.04 -6.43 -42.81
N ASN D 379 20.38 -7.58 -42.85
CA ASN D 379 18.95 -7.62 -43.19
C ASN D 379 18.02 -8.08 -42.04
N GLU D 380 18.51 -8.02 -40.80
CA GLU D 380 17.75 -8.49 -39.68
C GLU D 380 16.76 -7.41 -39.22
N ILE D 381 15.54 -7.80 -38.86
CA ILE D 381 14.59 -6.93 -38.19
C ILE D 381 13.82 -7.73 -37.16
N THR D 382 13.77 -7.21 -35.95
CA THR D 382 13.08 -7.87 -34.84
C THR D 382 11.75 -7.16 -34.64
N LEU D 383 10.67 -7.95 -34.65
CA LEU D 383 9.32 -7.44 -34.42
C LEU D 383 8.95 -7.61 -32.97
N PRO D 384 7.96 -6.85 -32.52
CA PRO D 384 7.48 -6.97 -31.16
C PRO D 384 6.96 -8.36 -30.85
N LEU D 385 7.35 -8.88 -29.70
CA LEU D 385 6.85 -10.14 -29.21
C LEU D 385 6.80 -10.02 -27.70
N HIS D 386 5.62 -9.69 -27.19
CA HIS D 386 5.37 -9.56 -25.76
C HIS D 386 3.92 -9.87 -25.50
N THR D 387 3.54 -10.00 -24.24
CA THR D 387 2.19 -10.47 -23.85
C THR D 387 1.18 -9.36 -23.54
N LYS D 388 1.46 -8.13 -23.99
CA LYS D 388 0.48 -7.06 -24.10
C LYS D 388 0.00 -6.81 -25.56
N LEU D 389 0.59 -7.50 -26.53
CA LEU D 389 0.15 -7.44 -27.94
C LEU D 389 -1.19 -8.15 -28.10
N SER D 390 -2.09 -7.56 -28.89
CA SER D 390 -3.36 -8.20 -29.26
C SER D 390 -3.24 -8.91 -30.59
N ASP D 391 -4.15 -9.83 -30.86
CA ASP D 391 -4.15 -10.53 -32.16
C ASP D 391 -4.33 -9.54 -33.31
N GLU D 392 -5.11 -8.47 -33.09
CA GLU D 392 -5.27 -7.40 -34.07
C GLU D 392 -3.96 -6.64 -34.34
N GLU D 393 -3.22 -6.33 -33.29
CA GLU D 393 -1.90 -5.70 -33.45
C GLU D 393 -0.92 -6.59 -34.21
N VAL D 394 -0.90 -7.87 -33.86
CA VAL D 394 -0.08 -8.85 -34.61
C VAL D 394 -0.52 -8.87 -36.10
N ASP D 395 -1.83 -8.93 -36.37
CA ASP D 395 -2.33 -8.95 -37.78
C ASP D 395 -1.84 -7.72 -38.55
N TYR D 396 -1.93 -6.56 -37.90
CA TYR D 396 -1.51 -5.27 -38.47
C TYR D 396 0.00 -5.21 -38.74
N ILE D 397 0.81 -5.71 -37.81
CA ILE D 397 2.28 -5.79 -38.02
C ILE D 397 2.62 -6.71 -39.19
N ILE D 398 1.99 -7.88 -39.25
CA ILE D 398 2.17 -8.78 -40.39
C ILE D 398 1.90 -8.05 -41.70
N GLU D 399 0.70 -7.48 -41.81
CA GLU D 399 0.28 -6.85 -43.05
C GLU D 399 1.16 -5.64 -43.42
N THR D 400 1.46 -4.82 -42.44
CA THR D 400 2.24 -3.60 -42.65
C THR D 400 3.65 -3.96 -43.05
N PHE D 401 4.28 -4.86 -42.31
CA PHE D 401 5.68 -5.26 -42.59
C PHE D 401 5.83 -5.79 -44.02
N LYS D 402 4.89 -6.61 -44.48
CA LYS D 402 4.87 -7.06 -45.89
C LYS D 402 4.74 -5.90 -46.90
N THR D 403 3.82 -4.98 -46.63
CA THR D 403 3.61 -3.77 -47.47
C THR D 403 4.80 -2.76 -47.45
N VAL D 404 5.33 -2.49 -46.28
CA VAL D 404 6.48 -1.56 -46.12
C VAL D 404 7.75 -2.10 -46.77
N SER D 405 7.96 -3.42 -46.68
CA SER D 405 9.08 -4.06 -47.37
C SER D 405 8.92 -4.02 -48.91
N GLU D 406 7.71 -4.33 -49.40
CA GLU D 406 7.38 -4.21 -50.84
C GLU D 406 7.69 -2.80 -51.37
N LYS D 407 7.19 -1.78 -50.68
CA LYS D 407 7.36 -0.37 -51.10
C LYS D 407 8.83 0.10 -51.12
N VAL D 408 9.60 -0.27 -50.08
CA VAL D 408 11.01 0.11 -50.00
C VAL D 408 11.82 -0.52 -51.13
N LEU D 409 11.52 -1.77 -51.47
CA LEU D 409 12.19 -2.44 -52.57
C LEU D 409 11.78 -1.82 -53.94
N THR D 410 10.51 -1.48 -54.12
CA THR D 410 10.03 -0.76 -55.31
C THR D 410 10.65 0.62 -55.51
N LEU D 411 10.80 1.39 -54.43
CA LEU D 411 11.47 2.69 -54.51
C LEU D 411 12.94 2.55 -54.89
N SER D 412 13.59 1.54 -54.34
CA SER D 412 15.01 1.29 -54.61
C SER D 412 15.27 0.84 -56.03
N LYS D 413 14.40 0.00 -56.59
CA LYS D 413 14.58 -0.47 -57.98
C LYS D 413 14.57 0.70 -59.01
N LYS D 414 14.01 1.86 -58.63
CA LYS D 414 14.23 3.14 -59.35
C LYS D 414 15.57 3.80 -58.99
N1 PMP E . -23.34 15.18 21.64
C2 PMP E . -22.48 16.24 21.59
C2A PMP E . -22.41 17.21 22.74
C3 PMP E . -21.62 16.47 20.40
O3 PMP E . -20.76 17.52 20.29
C4 PMP E . -21.74 15.46 19.32
C4A PMP E . -20.89 15.64 18.09
N4A PMP E . -21.57 15.41 16.81
C5 PMP E . -22.71 14.32 19.47
C6 PMP E . -23.46 14.25 20.65
C5A PMP E . -22.88 13.27 18.37
O4P PMP E . -21.62 12.97 17.74
P PMP E . -21.54 12.01 16.45
O1P PMP E . -22.86 11.32 16.32
O2P PMP E . -20.38 11.02 16.61
O3P PMP E . -21.33 12.89 15.24
N1 PMP F . -31.11 -4.14 -0.21
C2 PMP F . -30.59 -5.38 -0.51
C2A PMP F . -31.27 -6.28 -1.52
C3 PMP F . -29.37 -5.88 0.14
O3 PMP F . -28.82 -7.09 -0.14
C4 PMP F . -28.73 -4.98 1.14
C4A PMP F . -27.47 -5.46 1.83
N4A PMP F . -26.27 -4.90 1.18
C5 PMP F . -29.39 -3.64 1.41
C6 PMP F . -30.57 -3.28 0.70
C5A PMP F . -28.77 -2.68 2.40
O4P PMP F . -27.43 -2.34 2.00
P PMP F . -26.44 -1.64 3.09
O1P PMP F . -27.24 -0.69 3.94
O2P PMP F . -25.28 -0.91 2.38
O3P PMP F . -25.92 -2.65 4.03
N1 PMP G . 31.81 1.49 2.52
C2 PMP G . 31.50 1.35 3.85
C2A PMP G . 32.32 1.99 4.93
C3 PMP G . 30.33 0.52 4.20
O3 PMP G . 29.97 0.32 5.50
C4 PMP G . 29.56 -0.09 3.09
C4A PMP G . 28.35 -0.96 3.35
N4A PMP G . 28.24 -1.32 4.78
C5 PMP G . 30.03 0.15 1.69
C6 PMP G . 31.15 0.95 1.48
C5A PMP G . 29.29 -0.44 0.50
O4P PMP G . 27.88 -0.23 0.65
P PMP G . 26.90 -1.05 -0.27
O1P PMP G . 26.54 -2.38 0.36
O2P PMP G . 27.68 -1.30 -1.52
O3P PMP G . 25.61 -0.24 -0.50
N1 PMP H . 23.26 -11.47 -22.82
C2 PMP H . 22.32 -11.17 -23.79
C2A PMP H . 22.24 -11.92 -25.10
C3 PMP H . 21.35 -10.08 -23.58
O3 PMP H . 20.44 -9.82 -24.56
C4 PMP H . 21.43 -9.35 -22.28
C4A PMP H . 20.48 -8.19 -21.98
N4A PMP H . 19.43 -8.51 -20.98
C5 PMP H . 22.50 -9.79 -21.30
C6 PMP H . 23.37 -10.84 -21.64
C5A PMP H . 22.63 -9.11 -19.96
O4P PMP H . 21.46 -9.32 -19.14
P PMP H . 21.25 -8.36 -17.82
O1P PMP H . 20.14 -8.84 -16.86
O2P PMP H . 22.62 -8.41 -17.19
O3P PMP H . 20.99 -7.01 -18.38
#